data_4AAH
#
_entry.id   4AAH
#
_cell.length_a   124.900
_cell.length_b   62.700
_cell.length_c   85.000
_cell.angle_alpha   90.00
_cell.angle_beta   93.40
_cell.angle_gamma   90.00
#
_symmetry.space_group_name_H-M   'P 1 21 1'
#
loop_
_entity.id
_entity.type
_entity.pdbx_description
1 polymer 'METHANOL DEHYDROGENASE'
2 polymer 'METHANOL DEHYDROGENASE'
3 non-polymer 'CALCIUM ION'
4 non-polymer 'PYRROLOQUINOLINE QUINONE'
5 water water
#
loop_
_entity_poly.entity_id
_entity_poly.type
_entity_poly.pdbx_seq_one_letter_code
_entity_poly.pdbx_strand_id
1 'polypeptide(L)'
;DADLDKQVNTAGAWPIATGGYYSQHNSPLAQINKSNVKNVKAAWSFSTGVLNGHEGAPLVIGDMMYVHSAFPNNTYALNL
NDPGKIVWQHKPKQDASTKAVMCCDVVDRGLAYGAGQIVKKQANGHLLALDAKTGKINWEVEVCDPKVGSTLTQAPFVAK
DTVLMGCSGAELGVRGAVNAFDLKTGELKWRAFATGSDDSVRLAKDFNSANPHYGQFGLGTKTWEGDAWKIGGGTNWGWY
AYDPKLNLFYYGSGNPAPWNETMRPGDNKWTMTIWGRDLDTGMAKWGYQKTPHDEWDFAGVNQMVLTDQPVNGKMTPLLS
HIDRNGILYTLNRENGNLIVAEKVDPAVNVFKKVDLKTGTPVRDPEFATRMDHKGTNICPSAMGFHNQGVDSYDPESRTL
YAGLNHICMDWEPFMLPYRAGQFFVGATLAMYPGPNGPTKKEMGQIRAFDLTTGKAKWTKWEKFAAWGGTLYTKGGLVWY
ATLDGYLKALDNKDGKELWNFKMPSGGIGSPMTYSFKGKQYIGSMYGVGGWPGVGLVFDLTDPSAGLGAVGAFRELQNHT
QMGGGLMVFSL
;
A,C
2 'polypeptide(L)' YDGQNCKEPGNCWENKPGYPEKIAGSKYDPKHDPVELNKQEESIKAMDARNAKRIANAKSSGNFVFDVK B,D
#
loop_
_chem_comp.id
_chem_comp.type
_chem_comp.name
_chem_comp.formula
CA non-polymer 'CALCIUM ION' 'Ca 2'
PQQ non-polymer 'PYRROLOQUINOLINE QUINONE' 'C14 H6 N2 O8'
#
# COMPACT_ATOMS: atom_id res chain seq x y z
N ASP A 1 -12.88 2.41 32.32
CA ASP A 1 -13.15 3.51 33.29
C ASP A 1 -14.51 4.14 33.05
N ALA A 2 -14.76 5.18 33.85
CA ALA A 2 -16.02 5.95 33.77
C ALA A 2 -16.11 6.61 32.39
N ASP A 3 -14.93 7.06 31.95
CA ASP A 3 -14.87 7.62 30.58
C ASP A 3 -15.22 6.51 29.59
N LEU A 4 -14.64 5.33 29.70
CA LEU A 4 -14.97 4.25 28.73
C LEU A 4 -16.43 3.85 28.94
N ASP A 5 -16.85 3.87 30.19
CA ASP A 5 -18.27 3.47 30.49
C ASP A 5 -19.18 4.42 29.73
N LYS A 6 -18.79 5.67 29.72
CA LYS A 6 -19.58 6.69 29.01
C LYS A 6 -19.66 6.33 27.54
N GLN A 7 -18.53 6.10 26.90
CA GLN A 7 -18.44 5.75 25.47
C GLN A 7 -19.23 4.50 25.17
N VAL A 8 -19.10 3.50 26.01
CA VAL A 8 -19.79 2.21 25.86
C VAL A 8 -21.30 2.44 25.91
N ASN A 9 -21.70 3.44 26.68
CA ASN A 9 -23.14 3.74 26.82
C ASN A 9 -23.71 4.66 25.77
N THR A 10 -22.87 5.16 24.89
CA THR A 10 -23.30 6.11 23.83
C THR A 10 -23.64 5.34 22.57
N ALA A 11 -24.76 5.65 21.96
CA ALA A 11 -25.20 4.97 20.75
C ALA A 11 -24.32 5.35 19.56
N GLY A 12 -23.88 4.36 18.81
CA GLY A 12 -23.06 4.64 17.62
C GLY A 12 -21.59 4.81 17.85
N ALA A 13 -21.10 4.83 19.08
CA ALA A 13 -19.67 4.89 19.37
C ALA A 13 -19.20 3.41 19.28
N TRP A 14 -17.90 3.25 19.27
CA TRP A 14 -17.26 1.94 19.16
C TRP A 14 -15.90 2.06 19.81
N PRO A 15 -15.91 2.13 21.14
CA PRO A 15 -14.67 2.30 21.93
C PRO A 15 -13.97 1.03 22.32
N ILE A 16 -14.53 -0.12 21.97
CA ILE A 16 -13.93 -1.40 22.36
C ILE A 16 -13.82 -2.32 21.14
N ALA A 17 -12.58 -2.79 20.98
CA ALA A 17 -12.23 -3.67 19.87
C ALA A 17 -13.26 -4.72 19.65
N THR A 18 -13.58 -5.41 20.73
CA THR A 18 -14.56 -6.51 20.66
C THR A 18 -16.00 -6.11 20.73
N GLY A 19 -16.33 -4.84 20.80
CA GLY A 19 -17.79 -4.54 20.76
C GLY A 19 -18.34 -4.16 22.11
N GLY A 20 -17.66 -4.52 23.15
CA GLY A 20 -18.03 -4.32 24.54
C GLY A 20 -17.28 -5.27 25.44
N TYR A 21 -17.53 -5.02 26.72
CA TYR A 21 -16.94 -5.75 27.83
C TYR A 21 -17.12 -7.25 27.63
N TYR A 22 -18.25 -7.71 27.20
CA TYR A 22 -18.60 -9.07 26.97
C TYR A 22 -18.06 -9.66 25.70
N SER A 23 -17.60 -8.83 24.78
CA SER A 23 -17.01 -9.27 23.52
C SER A 23 -17.93 -10.11 22.67
N GLN A 24 -19.17 -9.65 22.54
CA GLN A 24 -20.17 -10.28 21.67
C GLN A 24 -20.05 -9.71 20.24
N HIS A 25 -19.28 -8.65 20.10
CA HIS A 25 -19.03 -8.03 18.81
C HIS A 25 -20.26 -7.89 17.92
N ASN A 26 -21.23 -7.16 18.45
CA ASN A 26 -22.52 -6.91 17.76
C ASN A 26 -22.95 -5.43 17.95
N SER A 27 -24.05 -5.11 17.28
CA SER A 27 -24.60 -3.76 17.34
C SER A 27 -26.10 -3.66 17.20
N PRO A 28 -26.67 -2.80 18.03
CA PRO A 28 -28.12 -2.55 17.99
C PRO A 28 -28.45 -1.72 16.80
N LEU A 29 -27.52 -1.20 16.03
CA LEU A 29 -27.88 -0.37 14.86
C LEU A 29 -28.60 -1.14 13.80
N ALA A 30 -29.79 -0.71 13.45
CA ALA A 30 -30.65 -1.36 12.47
C ALA A 30 -31.08 -0.53 11.29
N GLN A 31 -30.42 0.61 11.11
CA GLN A 31 -30.80 1.47 9.93
C GLN A 31 -30.51 0.65 8.67
N ILE A 32 -29.41 -0.08 8.63
CA ILE A 32 -29.14 -0.96 7.45
C ILE A 32 -29.77 -2.31 7.83
N ASN A 33 -30.56 -2.89 6.95
CA ASN A 33 -31.23 -4.18 7.24
C ASN A 33 -31.33 -5.01 5.98
N LYS A 34 -31.88 -6.20 6.12
CA LYS A 34 -32.02 -7.16 5.04
C LYS A 34 -32.77 -6.58 3.85
N SER A 35 -33.52 -5.52 4.05
CA SER A 35 -34.36 -5.02 2.94
C SER A 35 -33.70 -3.89 2.19
N ASN A 36 -32.75 -3.30 2.80
CA ASN A 36 -31.88 -2.21 2.52
C ASN A 36 -30.52 -2.50 1.88
N VAL A 37 -29.92 -3.51 2.51
CA VAL A 37 -28.56 -3.94 2.29
C VAL A 37 -28.11 -3.82 0.85
N LYS A 38 -28.91 -4.22 -0.08
CA LYS A 38 -28.51 -4.15 -1.49
C LYS A 38 -28.07 -2.77 -1.91
N ASN A 39 -28.49 -1.74 -1.21
CA ASN A 39 -28.11 -0.37 -1.61
C ASN A 39 -26.91 0.17 -0.83
N VAL A 40 -26.28 -0.59 0.02
CA VAL A 40 -25.12 -0.02 0.77
C VAL A 40 -24.07 0.31 -0.29
N LYS A 41 -23.34 1.39 -0.10
CA LYS A 41 -22.28 1.71 -1.11
C LYS A 41 -21.09 2.30 -0.40
N ALA A 42 -19.92 2.28 -1.00
CA ALA A 42 -18.71 2.88 -0.39
C ALA A 42 -19.00 4.36 -0.12
N ALA A 43 -18.55 4.87 1.01
CA ALA A 43 -18.75 6.22 1.44
C ALA A 43 -17.45 7.03 1.38
N TRP A 44 -16.34 6.35 1.67
CA TRP A 44 -15.02 7.01 1.70
C TRP A 44 -13.96 6.01 2.09
N SER A 45 -12.70 6.30 1.87
CA SER A 45 -11.61 5.35 2.17
C SER A 45 -10.39 6.11 2.65
N PHE A 46 -9.48 5.34 3.17
CA PHE A 46 -8.24 5.83 3.75
C PHE A 46 -7.10 4.82 3.63
N SER A 47 -5.96 5.22 3.13
CA SER A 47 -4.79 4.34 3.04
C SER A 47 -3.87 4.68 4.20
N THR A 48 -3.29 3.64 4.82
CA THR A 48 -2.40 3.84 5.96
C THR A 48 -1.00 4.13 5.46
N GLY A 49 -0.74 3.77 4.21
CA GLY A 49 0.57 3.93 3.59
C GLY A 49 1.58 2.88 4.05
N VAL A 50 1.10 1.76 4.56
CA VAL A 50 1.99 0.65 5.08
C VAL A 50 1.47 -0.60 4.40
N LEU A 51 2.18 -1.59 4.08
CA LEU A 51 1.55 -2.80 3.44
C LEU A 51 1.39 -3.83 4.59
N ASN A 52 1.42 -5.10 4.21
CA ASN A 52 1.34 -6.19 5.21
C ASN A 52 -0.06 -6.23 5.83
N GLY A 53 -0.24 -7.20 6.69
CA GLY A 53 -1.50 -7.52 7.33
C GLY A 53 -2.04 -6.39 8.18
N HIS A 54 -3.27 -6.04 7.85
CA HIS A 54 -4.01 -4.98 8.54
C HIS A 54 -5.14 -5.70 9.33
N GLU A 55 -4.75 -5.95 10.58
CA GLU A 55 -5.69 -6.62 11.52
C GLU A 55 -6.41 -5.62 12.39
N GLY A 56 -7.45 -6.05 13.11
CA GLY A 56 -8.16 -5.11 14.00
C GLY A 56 -9.18 -4.32 13.17
N ALA A 57 -9.66 -3.24 13.78
CA ALA A 57 -10.65 -2.32 13.17
C ALA A 57 -10.47 -1.01 13.90
N PRO A 58 -10.91 0.09 13.33
CA PRO A 58 -10.71 1.40 13.99
C PRO A 58 -11.68 1.58 15.16
N LEU A 59 -11.42 2.57 16.01
CA LEU A 59 -12.24 2.93 17.16
C LEU A 59 -13.01 4.19 16.81
N VAL A 60 -14.27 4.28 17.23
CA VAL A 60 -15.03 5.53 17.03
C VAL A 60 -15.47 6.01 18.44
N ILE A 61 -14.99 7.19 18.75
CA ILE A 61 -15.26 7.90 19.98
C ILE A 61 -15.69 9.35 19.68
N GLY A 62 -16.98 9.58 19.71
CA GLY A 62 -17.58 10.89 19.47
C GLY A 62 -17.58 11.10 17.95
N ASP A 63 -16.95 12.16 17.51
CA ASP A 63 -16.87 12.42 16.04
C ASP A 63 -15.47 12.10 15.55
N MET A 64 -14.73 11.35 16.37
CA MET A 64 -13.38 10.98 16.00
C MET A 64 -13.29 9.48 15.69
N MET A 65 -12.51 9.18 14.70
CA MET A 65 -12.11 7.89 14.24
C MET A 65 -10.57 7.76 14.42
N TYR A 66 -10.16 6.62 14.91
CA TYR A 66 -8.79 6.21 15.18
C TYR A 66 -8.48 4.92 14.39
N VAL A 67 -7.50 5.09 13.49
CA VAL A 67 -7.07 4.02 12.58
C VAL A 67 -5.67 3.58 12.95
N HIS A 68 -5.39 2.28 12.74
CA HIS A 68 -4.03 1.78 13.08
C HIS A 68 -3.56 0.90 11.92
N SER A 69 -2.23 0.78 11.79
CA SER A 69 -1.61 -0.01 10.73
C SER A 69 -0.76 -1.15 11.26
N ALA A 70 -0.20 -1.89 10.35
CA ALA A 70 0.75 -2.96 10.65
C ALA A 70 2.01 -2.23 11.15
N PHE A 71 3.06 -2.99 11.40
CA PHE A 71 4.36 -2.39 11.81
C PHE A 71 4.64 -1.31 10.73
N PRO A 72 5.14 -0.15 10.98
CA PRO A 72 5.60 0.36 12.24
C PRO A 72 4.57 0.88 13.19
N ASN A 73 3.35 0.44 13.04
CA ASN A 73 2.27 0.78 14.02
C ASN A 73 1.98 2.27 14.18
N ASN A 74 1.57 2.90 13.11
CA ASN A 74 1.22 4.33 13.09
C ASN A 74 -0.24 4.47 13.53
N THR A 75 -0.53 5.67 14.04
CA THR A 75 -1.87 6.00 14.48
C THR A 75 -2.42 7.26 13.76
N TYR A 76 -3.61 7.17 13.22
CA TYR A 76 -4.22 8.32 12.58
C TYR A 76 -5.54 8.74 13.21
N ALA A 77 -5.69 9.96 13.62
CA ALA A 77 -6.95 10.45 14.19
C ALA A 77 -7.65 11.29 13.13
N LEU A 78 -8.88 11.00 12.78
CA LEU A 78 -9.70 11.70 11.79
C LEU A 78 -11.01 12.24 12.44
N ASN A 79 -11.43 13.44 12.09
CA ASN A 79 -12.73 13.94 12.57
C ASN A 79 -13.73 13.51 11.45
N LEU A 80 -14.75 12.83 11.92
CA LEU A 80 -15.80 12.30 11.02
C LEU A 80 -16.47 13.43 10.25
N ASN A 81 -16.21 14.66 10.69
CA ASN A 81 -16.83 15.80 9.96
C ASN A 81 -16.08 16.04 8.65
N ASP A 82 -14.90 15.47 8.50
CA ASP A 82 -14.14 15.65 7.26
C ASP A 82 -12.99 14.66 7.25
N PRO A 83 -13.37 13.45 6.82
CA PRO A 83 -12.44 12.34 6.72
C PRO A 83 -11.17 12.70 5.95
N GLY A 84 -11.18 13.75 5.16
CA GLY A 84 -10.03 14.15 4.39
C GLY A 84 -8.89 14.73 5.19
N LYS A 85 -9.18 15.18 6.42
CA LYS A 85 -8.15 15.72 7.27
C LYS A 85 -7.76 14.80 8.42
N ILE A 86 -6.45 14.67 8.55
CA ILE A 86 -5.80 13.88 9.57
C ILE A 86 -5.43 14.82 10.73
N VAL A 87 -6.28 14.82 11.75
CA VAL A 87 -6.07 15.70 12.92
C VAL A 87 -4.75 15.56 13.63
N TRP A 88 -4.31 14.37 13.88
CA TRP A 88 -3.05 14.04 14.52
C TRP A 88 -2.73 12.60 14.08
N GLN A 89 -1.45 12.36 14.07
CA GLN A 89 -0.98 11.01 13.70
C GLN A 89 0.18 10.67 14.62
N HIS A 90 0.36 9.40 14.88
CA HIS A 90 1.53 8.99 15.77
C HIS A 90 2.21 7.94 14.91
N LYS A 91 3.46 8.17 14.65
CA LYS A 91 4.36 7.40 13.83
C LYS A 91 5.69 7.12 14.52
N PRO A 92 5.76 5.94 15.09
CA PRO A 92 6.92 5.50 15.85
C PRO A 92 8.18 5.30 15.02
N LYS A 93 9.27 5.43 15.75
CA LYS A 93 10.61 5.19 15.21
C LYS A 93 10.93 3.82 15.88
N GLN A 94 10.91 2.78 15.08
CA GLN A 94 11.20 1.45 15.63
C GLN A 94 12.29 0.78 14.78
N ASP A 95 13.12 0.06 15.50
CA ASP A 95 14.18 -0.72 14.84
C ASP A 95 13.51 -1.77 13.94
N ALA A 96 14.07 -2.02 12.79
CA ALA A 96 13.60 -2.95 11.78
C ALA A 96 13.86 -4.43 12.08
N SER A 97 14.66 -4.68 13.10
CA SER A 97 15.03 -6.02 13.57
C SER A 97 13.84 -6.68 14.26
N THR A 98 13.04 -5.82 14.86
CA THR A 98 11.80 -6.25 15.52
C THR A 98 11.07 -7.22 14.62
N LYS A 99 11.07 -6.88 13.34
CA LYS A 99 10.36 -7.70 12.34
C LYS A 99 10.80 -9.13 12.27
N ALA A 100 12.07 -9.34 12.47
CA ALA A 100 12.66 -10.69 12.39
C ALA A 100 12.34 -11.60 13.57
N VAL A 101 11.74 -11.10 14.64
CA VAL A 101 11.40 -11.94 15.80
C VAL A 101 9.88 -12.04 15.92
N MET A 102 9.20 -11.91 14.80
CA MET A 102 7.72 -11.94 14.71
C MET A 102 7.40 -13.14 13.82
N CYS A 103 6.69 -14.10 14.34
CA CYS A 103 6.35 -15.34 13.64
C CYS A 103 5.35 -15.29 12.51
N CYS A 104 4.36 -14.44 12.69
CA CYS A 104 3.23 -14.53 11.73
C CYS A 104 2.78 -13.24 11.13
N ASP A 105 3.70 -12.48 10.56
CA ASP A 105 3.43 -11.17 9.95
C ASP A 105 3.52 -10.10 11.05
N VAL A 106 3.82 -8.88 10.57
CA VAL A 106 4.06 -7.71 11.46
C VAL A 106 2.75 -6.97 11.70
N VAL A 107 1.78 -7.77 12.14
CA VAL A 107 0.41 -7.36 12.43
C VAL A 107 0.23 -6.63 13.74
N ASP A 108 -0.94 -6.05 13.86
CA ASP A 108 -1.36 -5.24 15.04
C ASP A 108 -2.87 -5.34 15.10
N ARG A 109 -3.40 -5.90 16.17
CA ARG A 109 -4.86 -6.10 16.32
C ARG A 109 -5.59 -4.90 16.83
N GLY A 110 -4.96 -3.76 17.05
CA GLY A 110 -5.71 -2.58 17.43
C GLY A 110 -5.44 -1.77 18.62
N LEU A 111 -6.25 -0.71 18.72
CA LEU A 111 -6.24 0.28 19.77
C LEU A 111 -7.30 -0.04 20.84
N ALA A 112 -7.05 0.64 21.97
CA ALA A 112 -7.94 0.62 23.13
C ALA A 112 -8.10 2.09 23.54
N TYR A 113 -9.15 2.38 24.26
CA TYR A 113 -9.43 3.76 24.69
C TYR A 113 -9.74 3.81 26.17
N GLY A 114 -9.20 4.77 26.91
CA GLY A 114 -9.58 4.82 28.35
C GLY A 114 -9.25 6.20 28.90
N ALA A 115 -10.07 6.70 29.79
CA ALA A 115 -9.81 7.97 30.46
C ALA A 115 -9.33 9.07 29.52
N GLY A 116 -10.02 9.20 28.40
CA GLY A 116 -9.81 10.19 27.35
C GLY A 116 -8.42 10.14 26.73
N GLN A 117 -7.88 8.94 26.67
CA GLN A 117 -6.56 8.65 26.12
C GLN A 117 -6.76 7.43 25.20
N ILE A 118 -5.87 7.36 24.24
CA ILE A 118 -5.81 6.27 23.27
C ILE A 118 -4.68 5.39 23.81
N VAL A 119 -5.02 4.14 24.06
CA VAL A 119 -3.95 3.23 24.62
C VAL A 119 -3.48 2.46 23.38
N LYS A 120 -2.18 2.61 23.18
CA LYS A 120 -1.61 1.97 21.97
C LYS A 120 -0.28 1.33 22.28
N LYS A 121 0.07 0.29 21.58
CA LYS A 121 1.34 -0.40 21.71
C LYS A 121 2.11 -0.25 20.37
N GLN A 122 3.30 -0.78 20.42
CA GLN A 122 4.26 -0.82 19.33
C GLN A 122 4.82 -2.25 19.30
N ALA A 123 5.05 -2.80 18.14
CA ALA A 123 5.60 -4.16 18.06
C ALA A 123 6.85 -4.37 18.91
N ASN A 124 7.67 -3.37 19.07
CA ASN A 124 8.93 -3.48 19.78
C ASN A 124 8.79 -3.49 21.29
N GLY A 125 7.58 -3.63 21.78
CA GLY A 125 7.31 -3.71 23.21
C GLY A 125 6.92 -2.48 23.96
N HIS A 126 6.77 -1.32 23.32
CA HIS A 126 6.39 -0.12 24.10
C HIS A 126 4.86 -0.06 24.14
N LEU A 127 4.33 0.53 25.15
CA LEU A 127 2.91 0.68 25.41
C LEU A 127 2.67 2.15 25.77
N LEU A 128 1.66 2.79 25.15
CA LEU A 128 1.49 4.22 25.49
C LEU A 128 0.03 4.61 25.48
N ALA A 129 -0.12 5.73 26.16
CA ALA A 129 -1.37 6.46 26.38
C ALA A 129 -1.14 7.85 25.78
N LEU A 130 -2.03 8.23 24.90
CA LEU A 130 -1.93 9.50 24.17
C LEU A 130 -3.23 10.26 24.35
N ASP A 131 -3.12 11.56 24.47
CA ASP A 131 -4.43 12.30 24.59
C ASP A 131 -5.21 11.99 23.34
N ALA A 132 -6.50 11.82 23.39
CA ALA A 132 -7.30 11.49 22.21
C ALA A 132 -7.64 12.68 21.29
N LYS A 133 -7.45 13.90 21.76
CA LYS A 133 -7.76 15.09 21.00
C LYS A 133 -6.51 15.71 20.40
N THR A 134 -5.37 15.57 21.02
CA THR A 134 -4.13 16.15 20.50
C THR A 134 -3.11 15.08 20.17
N GLY A 135 -3.21 13.93 20.79
CA GLY A 135 -2.22 12.88 20.46
C GLY A 135 -0.93 13.01 21.22
N LYS A 136 -0.92 13.91 22.17
CA LYS A 136 0.26 14.13 23.03
C LYS A 136 0.39 12.84 23.89
N ILE A 137 1.63 12.43 24.01
CA ILE A 137 2.06 11.27 24.75
C ILE A 137 2.02 11.54 26.26
N ASN A 138 1.09 10.85 26.90
CA ASN A 138 0.96 10.99 28.37
C ASN A 138 2.05 10.18 29.08
N TRP A 139 2.26 8.93 28.71
CA TRP A 139 3.24 8.02 29.28
C TRP A 139 3.65 6.93 28.27
N GLU A 140 4.88 6.50 28.43
CA GLU A 140 5.46 5.45 27.60
C GLU A 140 6.33 4.46 28.35
N VAL A 141 5.88 3.19 28.39
CA VAL A 141 6.65 2.16 29.11
C VAL A 141 7.00 0.99 28.21
N GLU A 142 7.95 0.19 28.72
CA GLU A 142 8.38 -1.02 28.03
C GLU A 142 7.67 -2.21 28.63
N VAL A 143 7.03 -3.01 27.80
CA VAL A 143 6.32 -4.23 28.28
C VAL A 143 7.05 -5.52 27.92
N CYS A 144 7.63 -5.58 26.76
CA CYS A 144 8.34 -6.72 26.20
C CYS A 144 9.70 -6.31 25.66
N ASP A 145 10.49 -7.34 25.43
CA ASP A 145 11.85 -7.19 24.91
C ASP A 145 12.12 -8.12 23.73
N PRO A 146 12.21 -7.56 22.54
CA PRO A 146 12.48 -8.29 21.31
C PRO A 146 13.77 -9.06 21.28
N LYS A 147 14.75 -8.73 22.11
CA LYS A 147 16.04 -9.38 22.13
C LYS A 147 15.98 -10.80 22.71
N VAL A 148 14.86 -11.14 23.30
CA VAL A 148 14.54 -12.43 23.85
C VAL A 148 13.30 -12.97 23.10
N GLY A 149 13.10 -12.51 21.91
CA GLY A 149 12.02 -12.79 20.96
C GLY A 149 10.62 -12.43 21.40
N SER A 150 10.42 -11.43 22.21
CA SER A 150 9.11 -10.99 22.75
C SER A 150 8.57 -9.73 22.12
N THR A 151 7.39 -9.75 21.52
CA THR A 151 6.84 -8.56 20.85
C THR A 151 5.37 -8.30 21.10
N LEU A 152 4.85 -7.11 20.74
CA LEU A 152 3.40 -6.83 20.96
C LEU A 152 2.65 -6.84 19.63
N THR A 153 1.47 -7.39 19.65
CA THR A 153 0.56 -7.50 18.53
C THR A 153 -0.89 -7.43 18.93
N GLN A 154 -1.24 -7.86 20.14
CA GLN A 154 -2.70 -7.85 20.50
C GLN A 154 -3.15 -6.46 20.85
N ALA A 155 -4.46 -6.25 20.92
CA ALA A 155 -5.00 -4.92 21.32
C ALA A 155 -4.92 -4.88 22.85
N PRO A 156 -4.71 -3.71 23.37
CA PRO A 156 -4.65 -3.51 24.85
C PRO A 156 -6.08 -3.72 25.31
N PHE A 157 -6.39 -3.91 26.56
CA PHE A 157 -7.82 -4.11 26.99
C PHE A 157 -7.98 -3.12 28.12
N VAL A 158 -9.09 -2.43 28.23
CA VAL A 158 -9.20 -1.49 29.38
C VAL A 158 -10.48 -1.77 30.15
N ALA A 159 -10.30 -1.80 31.46
CA ALA A 159 -11.43 -2.01 32.42
C ALA A 159 -11.07 -1.29 33.71
N LYS A 160 -11.96 -0.43 34.16
CA LYS A 160 -11.70 0.41 35.37
C LYS A 160 -10.41 1.16 35.08
N ASP A 161 -9.44 1.24 35.95
CA ASP A 161 -8.19 1.96 35.71
C ASP A 161 -7.05 1.02 35.33
N THR A 162 -7.39 -0.05 34.67
CA THR A 162 -6.39 -1.03 34.27
C THR A 162 -6.40 -1.35 32.78
N VAL A 163 -5.14 -1.48 32.32
CA VAL A 163 -4.86 -1.88 30.93
C VAL A 163 -4.07 -3.18 31.07
N LEU A 164 -4.57 -4.15 30.35
CA LEU A 164 -4.01 -5.50 30.28
C LEU A 164 -3.27 -5.63 28.94
N MET A 165 -2.07 -6.16 29.01
CA MET A 165 -1.23 -6.39 27.86
C MET A 165 -0.43 -7.69 28.00
N GLY A 166 -0.38 -8.42 26.91
CA GLY A 166 0.41 -9.66 26.94
C GLY A 166 1.26 -9.68 25.65
N CYS A 167 2.49 -10.09 25.85
CA CYS A 167 3.50 -10.21 24.82
C CYS A 167 3.29 -11.46 24.00
N SER A 168 3.86 -11.42 22.80
CA SER A 168 3.79 -12.57 21.86
C SER A 168 5.20 -13.14 21.80
N GLY A 169 5.33 -14.39 21.36
CA GLY A 169 6.63 -14.99 21.24
C GLY A 169 6.80 -16.46 21.60
N ALA A 170 5.75 -17.22 21.80
CA ALA A 170 5.92 -18.65 22.17
C ALA A 170 6.74 -19.43 21.15
N GLU A 171 6.71 -19.04 19.91
CA GLU A 171 7.51 -19.72 18.87
C GLU A 171 8.97 -19.35 19.09
N LEU A 172 9.27 -18.42 19.97
CA LEU A 172 10.67 -18.06 20.25
C LEU A 172 10.96 -18.50 21.71
N GLY A 173 10.05 -19.27 22.25
CA GLY A 173 10.10 -19.80 23.60
C GLY A 173 9.91 -18.77 24.70
N VAL A 174 9.05 -17.79 24.54
CA VAL A 174 8.78 -16.73 25.51
C VAL A 174 7.70 -17.21 26.46
N ARG A 175 7.94 -16.93 27.73
CA ARG A 175 7.05 -17.32 28.82
C ARG A 175 5.99 -16.24 29.05
N GLY A 176 4.79 -16.60 28.67
CA GLY A 176 3.61 -15.81 28.72
C GLY A 176 3.22 -15.32 30.10
N ALA A 177 2.68 -14.10 30.11
CA ALA A 177 2.17 -13.40 31.26
C ALA A 177 1.20 -12.32 30.77
N VAL A 178 0.20 -12.06 31.61
CA VAL A 178 -0.73 -10.97 31.35
C VAL A 178 -0.20 -9.84 32.28
N ASN A 179 0.13 -8.71 31.72
CA ASN A 179 0.67 -7.55 32.43
C ASN A 179 -0.47 -6.55 32.64
N ALA A 180 -0.54 -5.98 33.82
CA ALA A 180 -1.55 -4.98 34.22
C ALA A 180 -0.91 -3.63 34.56
N PHE A 181 -1.39 -2.59 33.87
CA PHE A 181 -0.84 -1.27 34.11
C PHE A 181 -1.96 -0.30 34.53
N ASP A 182 -1.53 0.75 35.19
CA ASP A 182 -2.41 1.83 35.62
C ASP A 182 -2.70 2.70 34.37
N LEU A 183 -3.94 2.85 34.03
CA LEU A 183 -4.42 3.62 32.88
C LEU A 183 -3.81 5.04 32.90
N LYS A 184 -3.89 5.64 34.08
CA LYS A 184 -3.43 6.96 34.36
C LYS A 184 -1.95 7.23 34.34
N THR A 185 -1.10 6.31 34.76
CA THR A 185 0.33 6.60 34.78
C THR A 185 1.23 5.59 34.14
N GLY A 186 0.65 4.45 33.79
CA GLY A 186 1.43 3.37 33.16
C GLY A 186 2.37 2.61 34.04
N GLU A 187 2.25 2.70 35.36
CA GLU A 187 3.10 1.90 36.29
C GLU A 187 2.50 0.50 36.44
N LEU A 188 3.38 -0.50 36.49
CA LEU A 188 2.96 -1.91 36.59
C LEU A 188 2.27 -2.19 37.94
N LYS A 189 1.17 -2.90 37.79
CA LYS A 189 0.32 -3.27 38.92
C LYS A 189 0.64 -4.68 39.41
N TRP A 190 0.66 -5.62 38.51
CA TRP A 190 0.94 -7.04 38.71
C TRP A 190 1.15 -7.69 37.34
N ARG A 191 1.69 -8.87 37.38
CA ARG A 191 2.04 -9.69 36.18
C ARG A 191 1.61 -11.12 36.51
N ALA A 192 0.92 -11.79 35.62
CA ALA A 192 0.48 -13.17 35.94
C ALA A 192 0.98 -14.13 34.86
N PHE A 193 1.99 -14.91 35.22
CA PHE A 193 2.57 -15.85 34.25
C PHE A 193 1.64 -17.06 34.06
N ALA A 194 1.90 -17.76 32.97
CA ALA A 194 1.20 -18.95 32.53
C ALA A 194 1.86 -20.25 33.01
N THR A 195 3.10 -20.17 33.41
CA THR A 195 3.90 -21.28 33.91
C THR A 195 4.64 -20.81 35.14
N GLY A 196 5.26 -21.74 35.82
CA GLY A 196 6.01 -21.38 37.07
C GLY A 196 5.21 -21.76 38.30
N SER A 197 5.65 -21.19 39.39
CA SER A 197 5.15 -21.33 40.75
C SER A 197 3.79 -20.69 40.88
N ASP A 198 3.02 -21.11 41.87
CA ASP A 198 1.69 -20.58 42.15
C ASP A 198 1.71 -19.07 42.34
N ASP A 199 2.83 -18.61 42.88
CA ASP A 199 3.03 -17.18 43.16
C ASP A 199 3.19 -16.45 41.81
N SER A 200 3.96 -16.96 40.87
CA SER A 200 4.16 -16.28 39.59
C SER A 200 2.88 -16.32 38.74
N VAL A 201 2.21 -17.43 38.83
CA VAL A 201 0.98 -17.71 38.10
C VAL A 201 -0.22 -17.00 38.76
N ARG A 202 -0.12 -16.72 40.04
CA ARG A 202 -1.20 -16.02 40.75
C ARG A 202 -2.51 -16.75 40.86
N LEU A 203 -2.51 -17.83 41.61
CA LEU A 203 -3.76 -18.60 41.84
C LEU A 203 -4.22 -18.13 43.22
N ALA A 204 -5.49 -17.88 43.33
CA ALA A 204 -6.12 -17.48 44.62
C ALA A 204 -6.23 -18.80 45.43
N LYS A 205 -6.45 -18.65 46.73
CA LYS A 205 -6.55 -19.89 47.57
C LYS A 205 -7.75 -20.71 47.21
N ASP A 206 -8.73 -20.11 46.55
CA ASP A 206 -9.93 -20.83 46.15
C ASP A 206 -9.85 -21.29 44.69
N PHE A 207 -8.68 -21.19 44.12
CA PHE A 207 -8.44 -21.61 42.75
C PHE A 207 -9.07 -22.96 42.41
N ASN A 208 -9.99 -22.95 41.48
CA ASN A 208 -10.65 -24.17 40.97
C ASN A 208 -11.36 -25.02 42.00
N SER A 209 -11.61 -24.40 43.14
CA SER A 209 -12.27 -25.07 44.26
C SER A 209 -13.53 -25.77 43.83
N ALA A 210 -14.22 -25.29 42.82
CA ALA A 210 -15.47 -25.89 42.33
C ALA A 210 -15.22 -27.04 41.36
N ASN A 211 -13.99 -27.10 40.88
CA ASN A 211 -13.63 -28.16 39.91
C ASN A 211 -12.23 -28.65 40.22
N PRO A 212 -12.04 -29.19 41.39
CA PRO A 212 -10.71 -29.64 41.80
C PRO A 212 -10.05 -30.59 40.83
N HIS A 213 -10.78 -31.31 40.01
CA HIS A 213 -10.17 -32.27 39.07
C HIS A 213 -9.46 -31.64 37.88
N TYR A 214 -9.65 -30.35 37.74
CA TYR A 214 -9.06 -29.55 36.66
C TYR A 214 -7.57 -29.37 37.01
N GLY A 215 -7.35 -29.39 38.34
CA GLY A 215 -6.01 -29.20 38.89
C GLY A 215 -5.98 -27.96 39.75
N GLN A 216 -4.95 -27.91 40.60
CA GLN A 216 -4.85 -26.75 41.48
C GLN A 216 -3.44 -26.18 41.61
N PHE A 217 -2.89 -26.42 42.80
CA PHE A 217 -1.60 -25.89 43.19
C PHE A 217 -0.43 -26.75 42.82
N GLY A 218 0.63 -26.10 42.39
CA GLY A 218 1.89 -26.67 41.95
C GLY A 218 1.98 -27.29 40.59
N LEU A 219 0.96 -27.31 39.79
CA LEU A 219 0.99 -27.92 38.45
C LEU A 219 1.90 -27.16 37.48
N GLY A 220 2.12 -25.91 37.80
CA GLY A 220 2.93 -24.95 37.06
C GLY A 220 4.33 -25.48 36.81
N THR A 221 4.82 -26.29 37.73
CA THR A 221 6.17 -26.88 37.64
C THR A 221 6.13 -28.41 37.58
N LYS A 222 5.24 -29.04 38.34
CA LYS A 222 5.19 -30.50 38.32
C LYS A 222 4.75 -31.01 36.95
N THR A 223 3.99 -30.21 36.22
CA THR A 223 3.54 -30.68 34.88
C THR A 223 4.62 -30.41 33.84
N TRP A 224 5.81 -30.11 34.32
CA TRP A 224 7.02 -29.85 33.58
C TRP A 224 8.23 -30.52 34.29
N GLU A 225 9.13 -31.00 33.45
CA GLU A 225 10.37 -31.64 33.86
C GLU A 225 11.49 -30.60 33.92
N GLY A 226 11.96 -30.34 35.13
CA GLY A 226 13.05 -29.35 35.29
C GLY A 226 12.51 -27.94 35.10
N ASP A 227 13.40 -27.09 34.56
CA ASP A 227 13.13 -25.69 34.27
C ASP A 227 12.57 -25.48 32.87
N ALA A 228 12.02 -26.51 32.30
CA ALA A 228 11.53 -26.42 30.90
C ALA A 228 10.44 -25.36 30.84
N TRP A 229 9.75 -25.13 31.93
CA TRP A 229 8.68 -24.14 31.93
C TRP A 229 9.26 -22.73 31.82
N LYS A 230 10.56 -22.61 32.01
CA LYS A 230 11.12 -21.24 32.00
C LYS A 230 11.02 -20.58 30.62
N ILE A 231 10.90 -21.45 29.64
CA ILE A 231 10.79 -21.09 28.20
C ILE A 231 9.65 -21.95 27.62
N GLY A 232 8.64 -22.04 28.43
CA GLY A 232 7.44 -22.76 28.30
C GLY A 232 6.29 -22.27 27.49
N GLY A 233 6.37 -21.07 26.95
CA GLY A 233 5.27 -20.53 26.12
C GLY A 233 4.13 -20.04 26.97
N GLY A 234 2.92 -20.19 26.47
CA GLY A 234 1.69 -19.76 27.11
C GLY A 234 1.38 -18.28 26.96
N THR A 235 1.95 -17.64 25.95
CA THR A 235 1.68 -16.17 25.79
C THR A 235 0.25 -15.94 25.37
N ASN A 236 -0.33 -14.84 25.82
CA ASN A 236 -1.71 -14.47 25.48
C ASN A 236 -1.69 -13.27 24.49
N TRP A 237 -1.90 -13.61 23.24
CA TRP A 237 -1.90 -12.63 22.15
C TRP A 237 -3.26 -12.54 21.50
N GLY A 238 -4.28 -13.08 22.13
CA GLY A 238 -5.67 -13.07 21.63
C GLY A 238 -6.57 -11.96 22.16
N TRP A 239 -7.78 -12.36 22.55
CA TRP A 239 -8.76 -11.35 23.07
C TRP A 239 -9.20 -11.62 24.49
N TYR A 240 -9.70 -10.61 25.16
CA TYR A 240 -10.24 -10.60 26.49
C TYR A 240 -11.75 -10.36 26.51
N ALA A 241 -12.32 -10.56 27.68
CA ALA A 241 -13.74 -10.32 27.99
C ALA A 241 -13.79 -9.92 29.46
N TYR A 242 -14.85 -9.21 29.85
CA TYR A 242 -14.93 -8.77 31.24
C TYR A 242 -16.38 -8.73 31.68
N ASP A 243 -16.50 -9.10 32.95
CA ASP A 243 -17.76 -9.14 33.70
C ASP A 243 -17.64 -8.15 34.88
N PRO A 244 -18.22 -6.99 34.68
CA PRO A 244 -18.21 -5.91 35.68
C PRO A 244 -18.85 -6.33 36.98
N LYS A 245 -19.92 -7.11 36.88
CA LYS A 245 -20.60 -7.64 38.09
C LYS A 245 -19.57 -8.46 38.90
N LEU A 246 -19.12 -9.56 38.36
CA LEU A 246 -18.14 -10.45 38.96
C LEU A 246 -16.77 -9.82 39.13
N ASN A 247 -16.47 -8.83 38.33
CA ASN A 247 -15.16 -8.16 38.37
C ASN A 247 -14.05 -9.11 37.94
N LEU A 248 -14.40 -10.05 37.12
CA LEU A 248 -13.52 -11.06 36.54
C LEU A 248 -13.33 -10.74 35.04
N PHE A 249 -12.10 -11.02 34.60
CA PHE A 249 -11.77 -10.83 33.16
C PHE A 249 -11.31 -12.22 32.75
N TYR A 250 -11.58 -12.60 31.54
CA TYR A 250 -11.24 -13.93 30.99
C TYR A 250 -10.36 -13.85 29.76
N TYR A 251 -9.56 -14.91 29.58
CA TYR A 251 -8.67 -14.95 28.40
C TYR A 251 -8.02 -16.32 28.31
N GLY A 252 -7.51 -16.66 27.14
CA GLY A 252 -6.81 -17.95 26.93
C GLY A 252 -5.29 -17.72 26.90
N SER A 253 -4.57 -18.71 27.37
CA SER A 253 -3.07 -18.61 27.36
C SER A 253 -2.72 -19.49 26.17
N GLY A 254 -1.63 -19.28 25.50
CA GLY A 254 -1.18 -19.92 24.30
C GLY A 254 -0.54 -21.27 24.39
N ASN A 255 0.23 -21.62 23.38
CA ASN A 255 0.90 -22.90 23.26
C ASN A 255 2.20 -23.02 24.04
N PRO A 256 2.51 -24.24 24.49
CA PRO A 256 3.78 -24.48 25.20
C PRO A 256 4.87 -24.49 24.14
N ALA A 257 6.12 -24.26 24.46
CA ALA A 257 7.28 -24.28 23.56
C ALA A 257 8.25 -25.41 23.90
N PRO A 258 8.95 -26.02 22.96
CA PRO A 258 8.91 -25.74 21.51
C PRO A 258 7.72 -26.43 20.86
N TRP A 259 7.54 -26.39 19.56
CA TRP A 259 6.39 -27.11 18.96
C TRP A 259 6.67 -28.61 19.12
N ASN A 260 7.94 -28.98 19.23
CA ASN A 260 8.40 -30.36 19.39
C ASN A 260 8.01 -30.94 20.75
N GLU A 261 6.90 -31.62 20.80
CA GLU A 261 6.29 -32.26 21.97
C GLU A 261 7.18 -33.15 22.79
N THR A 262 8.05 -33.94 22.19
CA THR A 262 8.96 -34.86 22.84
C THR A 262 10.03 -34.17 23.67
N MET A 263 10.18 -32.85 23.52
CA MET A 263 11.18 -32.08 24.26
C MET A 263 10.59 -31.53 25.56
N ARG A 264 9.30 -31.72 25.81
CA ARG A 264 8.69 -31.17 27.04
C ARG A 264 7.59 -32.00 27.62
N PRO A 265 7.94 -33.17 28.13
CA PRO A 265 7.00 -34.10 28.79
C PRO A 265 6.23 -33.29 29.83
N GLY A 266 5.05 -33.81 30.15
CA GLY A 266 4.22 -33.12 31.16
C GLY A 266 2.95 -32.57 30.53
N ASP A 267 2.10 -32.07 31.41
CA ASP A 267 0.81 -31.49 31.01
C ASP A 267 1.05 -30.08 30.51
N ASN A 268 2.24 -29.57 30.81
CA ASN A 268 2.69 -28.24 30.39
C ASN A 268 1.73 -27.14 30.87
N LYS A 269 1.29 -27.23 32.09
CA LYS A 269 0.36 -26.29 32.71
C LYS A 269 1.11 -25.00 33.02
N TRP A 270 0.48 -23.86 32.99
CA TRP A 270 -0.91 -23.59 32.72
C TRP A 270 -1.15 -22.97 31.33
N THR A 271 -0.49 -23.51 30.34
CA THR A 271 -0.62 -23.09 28.95
C THR A 271 -1.94 -23.66 28.47
N MET A 272 -2.42 -23.23 27.34
CA MET A 272 -3.67 -23.71 26.75
C MET A 272 -4.85 -23.70 27.71
N THR A 273 -4.98 -22.69 28.56
CA THR A 273 -6.09 -22.68 29.51
C THR A 273 -6.88 -21.39 29.52
N ILE A 274 -8.15 -21.60 29.78
CA ILE A 274 -9.12 -20.51 29.91
C ILE A 274 -9.11 -20.11 31.40
N TRP A 275 -8.93 -18.82 31.61
CA TRP A 275 -8.85 -18.19 32.91
C TRP A 275 -10.02 -17.31 33.32
N GLY A 276 -10.20 -17.22 34.63
CA GLY A 276 -11.22 -16.38 35.32
C GLY A 276 -10.44 -15.65 36.42
N ARG A 277 -9.95 -14.46 36.14
CA ARG A 277 -9.13 -13.70 37.10
C ARG A 277 -9.72 -12.37 37.57
N ASP A 278 -9.50 -12.12 38.87
CA ASP A 278 -9.95 -10.88 39.48
C ASP A 278 -9.15 -9.76 38.82
N LEU A 279 -9.88 -8.80 38.29
CA LEU A 279 -9.31 -7.65 37.62
C LEU A 279 -8.35 -6.85 38.47
N ASP A 280 -8.65 -6.61 39.73
CA ASP A 280 -7.85 -5.83 40.66
C ASP A 280 -6.53 -6.47 41.09
N THR A 281 -6.55 -7.75 41.42
CA THR A 281 -5.36 -8.46 41.89
C THR A 281 -4.71 -9.38 40.87
N GLY A 282 -5.45 -9.75 39.86
CA GLY A 282 -5.04 -10.68 38.82
C GLY A 282 -5.01 -12.12 39.33
N MET A 283 -5.48 -12.39 40.53
CA MET A 283 -5.46 -13.75 41.11
C MET A 283 -6.54 -14.62 40.40
N ALA A 284 -6.13 -15.79 39.98
CA ALA A 284 -7.01 -16.73 39.28
C ALA A 284 -8.09 -17.29 40.18
N LYS A 285 -9.32 -17.25 39.76
CA LYS A 285 -10.52 -17.74 40.43
C LYS A 285 -10.83 -19.16 39.98
N TRP A 286 -10.61 -19.35 38.68
CA TRP A 286 -10.79 -20.67 38.03
C TRP A 286 -9.85 -20.60 36.81
N GLY A 287 -9.51 -21.74 36.32
CA GLY A 287 -8.64 -21.93 35.17
C GLY A 287 -8.89 -23.37 34.68
N TYR A 288 -9.19 -23.53 33.42
CA TYR A 288 -9.41 -24.88 32.83
C TYR A 288 -8.47 -25.05 31.64
N GLN A 289 -7.58 -26.00 31.66
CA GLN A 289 -6.64 -26.31 30.56
C GLN A 289 -7.33 -27.12 29.47
N LYS A 290 -7.48 -26.61 28.25
CA LYS A 290 -8.19 -27.28 27.18
C LYS A 290 -7.42 -28.35 26.48
N THR A 291 -6.12 -28.15 26.36
CA THR A 291 -5.22 -29.07 25.64
C THR A 291 -3.96 -29.28 26.48
N PRO A 292 -4.05 -30.30 27.34
CA PRO A 292 -2.93 -30.67 28.23
C PRO A 292 -1.88 -31.23 27.28
N HIS A 293 -0.60 -30.96 27.45
CA HIS A 293 0.47 -31.45 26.60
C HIS A 293 0.20 -31.27 25.11
N ASP A 294 0.15 -30.01 24.65
CA ASP A 294 -0.12 -29.70 23.24
C ASP A 294 0.93 -30.40 22.36
N GLU A 295 0.48 -30.86 21.24
CA GLU A 295 1.25 -31.56 20.22
C GLU A 295 1.00 -31.02 18.84
N TRP A 296 0.16 -29.96 18.76
CA TRP A 296 -0.18 -29.41 17.44
C TRP A 296 -0.12 -27.91 17.24
N ASP A 297 0.30 -27.16 18.20
CA ASP A 297 0.34 -25.69 18.16
C ASP A 297 -1.09 -25.16 18.12
N PHE A 298 -1.94 -25.60 19.02
CA PHE A 298 -3.34 -25.04 19.05
C PHE A 298 -3.36 -23.89 20.05
N ALA A 299 -2.46 -22.93 19.95
CA ALA A 299 -2.42 -21.80 20.95
C ALA A 299 -3.81 -21.41 21.35
N GLY A 300 -4.10 -21.59 22.66
CA GLY A 300 -5.49 -21.31 23.13
C GLY A 300 -5.88 -19.93 23.47
N VAL A 301 -5.64 -18.98 22.53
CA VAL A 301 -5.92 -17.57 22.69
C VAL A 301 -7.21 -17.03 22.16
N ASN A 302 -7.94 -17.76 21.36
CA ASN A 302 -9.21 -17.28 20.80
C ASN A 302 -10.12 -16.51 21.76
N GLN A 303 -10.97 -15.68 21.13
CA GLN A 303 -11.96 -14.80 21.75
C GLN A 303 -12.81 -15.54 22.80
N MET A 304 -13.13 -14.80 23.83
CA MET A 304 -14.02 -15.29 24.93
C MET A 304 -15.33 -14.49 24.73
N VAL A 305 -16.44 -15.16 24.61
CA VAL A 305 -17.76 -14.51 24.42
C VAL A 305 -18.64 -14.83 25.63
N LEU A 306 -19.04 -13.79 26.33
CA LEU A 306 -19.87 -13.89 27.51
C LEU A 306 -21.34 -13.62 27.16
N THR A 307 -22.21 -14.57 27.51
CA THR A 307 -23.64 -14.47 27.30
C THR A 307 -24.41 -14.87 28.56
N ASP A 308 -25.67 -14.50 28.59
CA ASP A 308 -26.63 -14.83 29.65
C ASP A 308 -27.74 -15.61 28.91
N GLN A 309 -27.71 -16.91 29.11
CA GLN A 309 -28.64 -17.80 28.44
C GLN A 309 -29.15 -18.94 29.35
N PRO A 310 -30.35 -19.38 28.98
CA PRO A 310 -31.03 -20.48 29.62
C PRO A 310 -30.35 -21.83 29.32
N VAL A 311 -30.05 -22.51 30.40
CA VAL A 311 -29.41 -23.84 30.35
C VAL A 311 -30.27 -24.77 31.21
N ASN A 312 -30.93 -25.65 30.50
CA ASN A 312 -31.86 -26.62 31.15
C ASN A 312 -33.03 -25.75 31.64
N GLY A 313 -33.31 -24.74 30.85
CA GLY A 313 -34.38 -23.80 31.14
C GLY A 313 -34.12 -22.89 32.29
N LYS A 314 -32.89 -22.85 32.78
CA LYS A 314 -32.53 -21.88 33.87
C LYS A 314 -31.51 -20.90 33.29
N MET A 315 -31.53 -19.67 33.74
CA MET A 315 -30.65 -18.60 33.27
C MET A 315 -29.25 -18.74 33.87
N THR A 316 -28.28 -18.90 32.97
CA THR A 316 -26.89 -19.03 33.46
C THR A 316 -25.90 -18.13 32.78
N PRO A 317 -24.93 -17.66 33.57
CA PRO A 317 -23.85 -16.80 33.10
C PRO A 317 -22.81 -17.66 32.39
N LEU A 318 -22.80 -17.70 31.08
CA LEU A 318 -21.85 -18.44 30.26
C LEU A 318 -20.69 -17.63 29.71
N LEU A 319 -19.68 -18.40 29.38
CA LEU A 319 -18.44 -18.00 28.71
C LEU A 319 -18.39 -19.06 27.56
N SER A 320 -18.15 -18.63 26.38
CA SER A 320 -18.05 -19.42 25.15
C SER A 320 -16.76 -19.11 24.37
N HIS A 321 -16.32 -20.10 23.59
CA HIS A 321 -15.03 -19.92 22.88
C HIS A 321 -14.78 -21.08 21.94
N ILE A 322 -14.35 -20.74 20.73
CA ILE A 322 -14.02 -21.81 19.76
C ILE A 322 -12.51 -21.83 19.71
N ASP A 323 -11.96 -22.95 20.16
CA ASP A 323 -10.49 -23.08 20.24
C ASP A 323 -9.94 -23.53 18.89
N ARG A 324 -8.64 -23.32 18.77
CA ARG A 324 -7.87 -23.73 17.62
C ARG A 324 -7.98 -25.24 17.46
N ASN A 325 -8.16 -25.94 18.58
CA ASN A 325 -8.27 -27.42 18.61
C ASN A 325 -9.52 -27.89 17.89
N GLY A 326 -10.50 -27.01 17.74
CA GLY A 326 -11.72 -27.42 16.97
C GLY A 326 -12.88 -27.76 17.85
N ILE A 327 -12.75 -27.40 19.13
CA ILE A 327 -13.85 -27.63 20.07
C ILE A 327 -14.49 -26.31 20.47
N LEU A 328 -15.80 -26.27 20.44
CA LEU A 328 -16.57 -25.11 20.93
C LEU A 328 -16.76 -25.39 22.43
N TYR A 329 -16.36 -24.51 23.33
CA TYR A 329 -16.50 -24.67 24.75
C TYR A 329 -17.50 -23.70 25.38
N THR A 330 -18.37 -24.25 26.25
CA THR A 330 -19.29 -23.41 27.03
C THR A 330 -19.09 -23.82 28.50
N LEU A 331 -18.74 -22.84 29.31
CA LEU A 331 -18.48 -22.93 30.73
C LEU A 331 -19.40 -21.92 31.47
N ASN A 332 -19.43 -22.06 32.76
CA ASN A 332 -20.22 -21.09 33.61
C ASN A 332 -19.08 -20.11 33.91
N ARG A 333 -19.32 -18.82 33.66
CA ARG A 333 -18.24 -17.84 33.86
C ARG A 333 -17.98 -17.56 35.31
N GLU A 334 -18.86 -18.05 36.14
CA GLU A 334 -18.75 -17.83 37.62
C GLU A 334 -17.73 -18.72 38.27
N ASN A 335 -17.89 -20.02 38.16
CA ASN A 335 -16.96 -20.99 38.77
C ASN A 335 -16.17 -21.84 37.82
N GLY A 336 -16.39 -21.75 36.52
CA GLY A 336 -15.66 -22.52 35.50
C GLY A 336 -16.22 -23.87 35.18
N ASN A 337 -17.50 -24.11 35.42
CA ASN A 337 -18.07 -25.44 35.12
C ASN A 337 -18.22 -25.63 33.61
N LEU A 338 -17.86 -26.83 33.23
CA LEU A 338 -17.92 -27.33 31.86
C LEU A 338 -19.37 -27.62 31.49
N ILE A 339 -19.87 -26.89 30.51
CA ILE A 339 -21.25 -27.19 30.10
C ILE A 339 -21.26 -27.81 28.72
N VAL A 340 -20.46 -27.25 27.78
CA VAL A 340 -20.46 -27.77 26.40
C VAL A 340 -19.02 -27.87 25.92
N ALA A 341 -18.78 -28.90 25.14
CA ALA A 341 -17.47 -29.18 24.58
C ALA A 341 -17.64 -30.00 23.33
N GLU A 342 -18.05 -29.35 22.26
CA GLU A 342 -18.29 -30.03 21.00
C GLU A 342 -17.38 -29.66 19.85
N LYS A 343 -17.20 -30.60 18.96
CA LYS A 343 -16.39 -30.42 17.75
C LYS A 343 -17.10 -29.42 16.84
N VAL A 344 -16.35 -28.44 16.35
CA VAL A 344 -16.93 -27.43 15.45
C VAL A 344 -17.14 -28.04 14.08
N ASP A 345 -16.43 -29.09 13.74
CA ASP A 345 -16.55 -29.80 12.45
C ASP A 345 -16.18 -31.26 12.66
N PRO A 346 -16.96 -32.14 12.03
CA PRO A 346 -16.76 -33.57 12.19
C PRO A 346 -15.37 -33.99 11.74
N ALA A 347 -14.69 -33.12 11.01
CA ALA A 347 -13.34 -33.39 10.52
C ALA A 347 -12.31 -33.50 11.64
N VAL A 348 -12.57 -32.93 12.81
CA VAL A 348 -11.66 -32.95 13.95
C VAL A 348 -11.35 -34.39 14.38
N ASN A 349 -10.05 -34.70 14.40
CA ASN A 349 -9.66 -36.06 14.78
C ASN A 349 -8.54 -36.10 15.80
N VAL A 350 -8.04 -35.03 16.40
CA VAL A 350 -6.95 -35.23 17.39
C VAL A 350 -7.46 -35.95 18.64
N PHE A 351 -8.68 -35.70 18.98
CA PHE A 351 -9.44 -36.19 20.11
C PHE A 351 -10.68 -36.95 19.64
N LYS A 352 -10.97 -38.01 20.36
CA LYS A 352 -12.21 -38.79 20.07
C LYS A 352 -13.36 -37.89 20.48
N LYS A 353 -13.17 -37.19 21.58
CA LYS A 353 -14.17 -36.24 22.11
C LYS A 353 -13.61 -35.68 23.42
N VAL A 354 -14.37 -34.81 24.02
CA VAL A 354 -13.91 -34.25 25.32
C VAL A 354 -14.93 -34.74 26.36
N ASP A 355 -14.36 -35.50 27.31
CA ASP A 355 -15.18 -36.08 28.38
C ASP A 355 -15.53 -35.00 29.38
N LEU A 356 -16.81 -34.69 29.47
CA LEU A 356 -17.31 -33.65 30.38
C LEU A 356 -17.12 -34.04 31.82
N LYS A 357 -17.00 -35.33 32.11
CA LYS A 357 -16.79 -35.76 33.50
C LYS A 357 -15.31 -35.53 33.88
N THR A 358 -14.42 -36.08 33.07
CA THR A 358 -12.98 -35.92 33.43
C THR A 358 -12.44 -34.54 33.07
N GLY A 359 -13.14 -33.84 32.20
CA GLY A 359 -12.94 -32.51 31.65
C GLY A 359 -11.73 -32.45 30.75
N THR A 360 -11.46 -33.62 30.22
CA THR A 360 -10.31 -33.90 29.40
C THR A 360 -10.58 -34.46 28.02
N PRO A 361 -9.77 -33.99 27.09
CA PRO A 361 -9.83 -34.46 25.71
C PRO A 361 -9.38 -35.91 25.69
N VAL A 362 -10.18 -36.73 25.04
CA VAL A 362 -9.87 -38.18 24.91
C VAL A 362 -9.05 -38.27 23.62
N ARG A 363 -7.76 -38.19 23.84
CA ARG A 363 -6.74 -38.23 22.77
C ARG A 363 -6.78 -39.49 21.93
N ASP A 364 -6.46 -39.29 20.67
CA ASP A 364 -6.41 -40.38 19.64
C ASP A 364 -4.97 -40.44 19.17
N PRO A 365 -4.31 -41.54 19.46
CA PRO A 365 -2.88 -41.75 19.18
C PRO A 365 -2.49 -41.67 17.74
N GLU A 366 -3.45 -42.03 16.92
CA GLU A 366 -3.18 -42.08 15.48
C GLU A 366 -2.90 -40.69 14.92
N PHE A 367 -3.47 -39.69 15.62
CA PHE A 367 -3.36 -38.29 15.27
C PHE A 367 -2.54 -37.44 16.23
N ALA A 368 -1.60 -38.07 16.87
CA ALA A 368 -0.70 -37.34 17.81
C ALA A 368 0.59 -37.04 17.07
N THR A 369 1.45 -36.32 17.75
CA THR A 369 2.76 -36.00 17.16
C THR A 369 3.84 -36.41 18.17
N ARG A 370 4.92 -36.95 17.64
CA ARG A 370 6.09 -37.41 18.39
C ARG A 370 7.33 -37.50 17.52
N MET A 371 8.47 -37.54 18.13
CA MET A 371 9.76 -37.65 17.42
C MET A 371 9.77 -38.92 16.57
N ASP A 372 10.65 -38.96 15.61
CA ASP A 372 10.84 -40.06 14.67
C ASP A 372 9.55 -40.55 14.02
N HIS A 373 8.52 -39.72 14.01
CA HIS A 373 7.27 -40.15 13.40
C HIS A 373 6.58 -38.98 12.72
N LYS A 374 6.20 -39.22 11.46
CA LYS A 374 5.48 -38.16 10.75
C LYS A 374 3.98 -38.45 10.84
N GLY A 375 3.32 -37.56 11.55
CA GLY A 375 1.84 -37.62 11.70
C GLY A 375 1.23 -37.09 10.37
N THR A 376 0.15 -37.71 9.95
CA THR A 376 -0.54 -37.35 8.73
C THR A 376 -2.06 -37.26 8.86
N ASN A 377 -2.66 -36.37 8.08
CA ASN A 377 -4.12 -36.17 8.11
C ASN A 377 -4.62 -35.76 9.51
N ILE A 378 -3.82 -34.95 10.17
CA ILE A 378 -4.20 -34.45 11.51
C ILE A 378 -5.11 -33.23 11.32
N CYS A 379 -6.27 -33.25 11.96
CA CYS A 379 -7.25 -32.17 11.89
C CYS A 379 -7.63 -31.75 13.33
N PRO A 380 -7.60 -30.49 13.64
CA PRO A 380 -7.25 -29.37 12.77
C PRO A 380 -5.76 -29.23 12.54
N SER A 381 -5.44 -28.40 11.55
CA SER A 381 -4.03 -28.09 11.27
C SER A 381 -3.58 -27.12 12.37
N ALA A 382 -2.30 -26.75 12.37
CA ALA A 382 -1.79 -25.79 13.34
C ALA A 382 -2.45 -24.42 13.23
N MET A 383 -2.99 -24.09 12.12
CA MET A 383 -3.67 -22.83 11.83
C MET A 383 -5.02 -22.84 12.55
N GLY A 384 -5.41 -24.07 12.91
CA GLY A 384 -6.62 -24.42 13.61
C GLY A 384 -7.91 -24.28 12.83
N PHE A 385 -9.00 -24.67 13.52
CA PHE A 385 -10.34 -24.60 12.90
C PHE A 385 -10.92 -23.23 13.26
N HIS A 386 -10.14 -22.48 13.98
CA HIS A 386 -10.55 -21.13 14.36
C HIS A 386 -9.25 -20.45 14.83
N ASN A 387 -9.06 -19.21 14.41
CA ASN A 387 -7.81 -18.52 14.83
C ASN A 387 -8.25 -17.24 15.53
N GLN A 388 -7.47 -16.24 15.23
CA GLN A 388 -7.52 -14.86 15.75
C GLN A 388 -8.77 -14.09 15.46
N GLY A 389 -9.67 -14.52 14.62
CA GLY A 389 -10.85 -13.71 14.36
C GLY A 389 -11.86 -13.50 15.47
N VAL A 390 -12.56 -12.36 15.41
CA VAL A 390 -13.60 -12.03 16.36
C VAL A 390 -14.98 -12.20 15.68
N ASP A 391 -15.70 -13.20 16.28
CA ASP A 391 -17.04 -13.66 15.91
C ASP A 391 -18.09 -12.79 16.56
N SER A 392 -19.33 -12.88 16.08
CA SER A 392 -20.41 -12.08 16.67
C SER A 392 -21.48 -12.94 17.30
N TYR A 393 -22.34 -12.21 18.02
CA TYR A 393 -23.46 -12.86 18.71
C TYR A 393 -24.77 -12.15 18.51
N ASP A 394 -25.76 -12.88 18.03
CA ASP A 394 -27.13 -12.31 17.87
C ASP A 394 -27.87 -12.68 19.16
N PRO A 395 -28.13 -11.66 19.95
CA PRO A 395 -28.76 -11.87 21.27
C PRO A 395 -30.21 -12.25 21.18
N GLU A 396 -30.85 -12.03 20.07
CA GLU A 396 -32.25 -12.35 19.90
C GLU A 396 -32.42 -13.85 19.57
N SER A 397 -31.74 -14.35 18.59
CA SER A 397 -31.92 -15.77 18.21
C SER A 397 -30.90 -16.61 18.99
N ARG A 398 -30.07 -15.94 19.76
CA ARG A 398 -29.03 -16.63 20.54
C ARG A 398 -28.15 -17.43 19.59
N THR A 399 -27.55 -16.72 18.61
CA THR A 399 -26.67 -17.40 17.62
C THR A 399 -25.29 -16.74 17.56
N LEU A 400 -24.26 -17.55 17.41
CA LEU A 400 -22.88 -17.07 17.29
C LEU A 400 -22.49 -17.35 15.83
N TYR A 401 -21.99 -16.35 15.17
CA TYR A 401 -21.62 -16.55 13.73
C TYR A 401 -20.10 -16.63 13.68
N ALA A 402 -19.59 -17.82 13.42
CA ALA A 402 -18.16 -18.09 13.46
C ALA A 402 -17.49 -18.18 12.11
N GLY A 403 -16.29 -17.65 12.08
CA GLY A 403 -15.36 -17.65 10.98
C GLY A 403 -14.34 -18.78 11.31
N LEU A 404 -14.50 -19.82 10.52
CA LEU A 404 -13.71 -21.04 10.72
C LEU A 404 -12.84 -21.32 9.49
N ASN A 405 -11.77 -22.03 9.75
CA ASN A 405 -10.83 -22.50 8.77
C ASN A 405 -11.13 -24.02 8.65
N HIS A 406 -10.94 -24.55 7.48
CA HIS A 406 -11.15 -26.01 7.25
C HIS A 406 -9.81 -26.46 6.66
N ILE A 407 -8.83 -26.63 7.48
CA ILE A 407 -7.47 -26.97 7.12
C ILE A 407 -6.85 -28.01 8.01
N CYS A 408 -6.21 -28.97 7.41
CA CYS A 408 -5.51 -30.07 8.08
C CYS A 408 -4.04 -30.07 7.73
N MET A 409 -3.25 -30.90 8.40
CA MET A 409 -1.81 -31.01 8.23
C MET A 409 -1.18 -32.40 8.38
N ASP A 410 0.11 -32.41 8.13
CA ASP A 410 1.16 -33.40 8.18
C ASP A 410 2.20 -32.78 9.15
N TRP A 411 2.68 -33.58 10.05
CA TRP A 411 3.59 -33.06 11.07
C TRP A 411 4.64 -34.03 11.54
N GLU A 412 5.87 -33.51 11.54
CA GLU A 412 7.01 -34.29 12.02
C GLU A 412 7.95 -33.33 12.73
N PRO A 413 8.22 -33.63 13.98
CA PRO A 413 9.09 -32.75 14.79
C PRO A 413 10.56 -33.10 14.65
N PHE A 414 11.38 -32.21 15.21
CA PHE A 414 12.85 -32.36 15.21
C PHE A 414 13.43 -31.59 16.38
N MET A 415 14.60 -32.07 16.78
CA MET A 415 15.30 -31.50 17.95
C MET A 415 16.10 -30.27 17.56
N LEU A 416 16.23 -29.39 18.53
CA LEU A 416 16.94 -28.13 18.39
C LEU A 416 17.11 -27.47 19.76
N PRO A 417 18.18 -26.67 19.78
CA PRO A 417 18.49 -25.93 21.01
C PRO A 417 17.58 -24.71 21.09
N TYR A 418 17.81 -24.04 22.20
CA TYR A 418 17.20 -22.82 22.59
C TYR A 418 18.24 -21.73 22.82
N ARG A 419 18.05 -20.66 22.07
CA ARG A 419 18.90 -19.44 22.18
C ARG A 419 17.97 -18.23 22.35
N ALA A 420 18.02 -17.65 23.50
CA ALA A 420 17.18 -16.47 23.82
C ALA A 420 17.23 -15.46 22.68
N GLY A 421 16.16 -15.42 21.87
CA GLY A 421 16.12 -14.46 20.78
C GLY A 421 16.06 -15.11 19.41
N GLN A 422 15.98 -16.42 19.39
CA GLN A 422 15.93 -17.19 18.13
C GLN A 422 14.62 -17.99 18.16
N PHE A 423 14.27 -18.46 16.97
CA PHE A 423 13.04 -19.28 16.84
C PHE A 423 13.30 -20.64 17.50
N PHE A 424 12.22 -21.13 18.10
CA PHE A 424 12.21 -22.43 18.82
C PHE A 424 11.01 -23.27 18.39
N VAL A 425 10.81 -23.56 17.14
CA VAL A 425 9.61 -24.34 16.72
C VAL A 425 9.87 -25.84 16.82
N GLY A 426 10.73 -26.33 15.95
CA GLY A 426 11.12 -27.72 15.92
C GLY A 426 10.12 -28.66 15.32
N ALA A 427 9.50 -28.25 14.24
CA ALA A 427 8.53 -29.11 13.53
C ALA A 427 8.50 -28.65 12.07
N THR A 428 8.19 -29.50 11.17
CA THR A 428 8.07 -29.35 9.73
C THR A 428 6.67 -29.81 9.34
N LEU A 429 5.89 -28.94 8.71
CA LEU A 429 4.52 -29.25 8.32
C LEU A 429 4.23 -28.99 6.85
N ALA A 430 3.11 -29.57 6.50
CA ALA A 430 2.48 -29.44 5.19
C ALA A 430 0.99 -29.25 5.57
N MET A 431 0.32 -28.25 5.05
CA MET A 431 -1.07 -27.94 5.30
C MET A 431 -1.86 -28.04 4.01
N TYR A 432 -3.13 -28.33 4.14
CA TYR A 432 -4.02 -28.53 2.96
C TYR A 432 -5.44 -28.46 3.45
N PRO A 433 -6.40 -28.33 2.56
CA PRO A 433 -7.80 -28.19 2.95
C PRO A 433 -8.30 -29.48 3.58
N GLY A 434 -9.21 -29.30 4.50
CA GLY A 434 -9.84 -30.44 5.22
C GLY A 434 -10.70 -31.17 4.19
N PRO A 435 -11.32 -32.23 4.66
CA PRO A 435 -12.12 -33.09 3.80
C PRO A 435 -13.56 -32.78 3.59
N ASN A 436 -14.18 -31.92 4.39
CA ASN A 436 -15.65 -31.75 4.17
C ASN A 436 -16.08 -30.70 3.19
N GLY A 437 -15.19 -29.95 2.60
CA GLY A 437 -15.59 -28.89 1.62
C GLY A 437 -16.35 -29.56 0.47
N PRO A 438 -17.31 -28.86 -0.11
CA PRO A 438 -18.12 -29.35 -1.21
C PRO A 438 -17.34 -29.78 -2.42
N THR A 439 -16.10 -29.35 -2.53
CA THR A 439 -15.26 -29.78 -3.68
C THR A 439 -13.93 -30.24 -3.13
N LYS A 440 -13.93 -30.50 -1.82
CA LYS A 440 -12.74 -30.98 -1.11
C LYS A 440 -11.64 -29.91 -1.17
N LYS A 441 -11.94 -28.74 -1.66
CA LYS A 441 -11.05 -27.60 -1.82
C LYS A 441 -11.25 -26.45 -0.84
N GLU A 442 -12.46 -26.16 -0.43
CA GLU A 442 -12.71 -25.01 0.44
C GLU A 442 -11.94 -25.07 1.73
N MET A 443 -11.47 -23.94 2.20
CA MET A 443 -10.71 -23.81 3.45
C MET A 443 -11.43 -22.89 4.43
N GLY A 444 -12.67 -22.46 4.17
CA GLY A 444 -13.32 -21.56 5.15
C GLY A 444 -14.80 -21.78 5.23
N GLN A 445 -15.36 -21.40 6.37
CA GLN A 445 -16.80 -21.53 6.59
C GLN A 445 -17.21 -20.45 7.58
N ILE A 446 -18.44 -20.05 7.38
CA ILE A 446 -19.08 -19.12 8.32
C ILE A 446 -20.12 -20.13 8.91
N ARG A 447 -19.99 -20.50 10.18
CA ARG A 447 -21.01 -21.49 10.69
C ARG A 447 -21.74 -20.88 11.83
N ALA A 448 -23.06 -21.02 11.90
CA ALA A 448 -23.83 -20.47 13.02
C ALA A 448 -24.08 -21.57 14.07
N PHE A 449 -23.82 -21.23 15.34
CA PHE A 449 -23.97 -22.06 16.50
C PHE A 449 -24.89 -21.58 17.61
N ASP A 450 -25.43 -22.54 18.36
CA ASP A 450 -26.23 -22.45 19.57
C ASP A 450 -25.15 -22.65 20.66
N LEU A 451 -24.85 -21.77 21.55
CA LEU A 451 -23.74 -21.98 22.47
C LEU A 451 -23.97 -22.98 23.59
N THR A 452 -25.25 -23.21 23.88
CA THR A 452 -25.69 -24.10 24.95
C THR A 452 -25.81 -25.53 24.44
N THR A 453 -25.97 -25.76 23.15
CA THR A 453 -26.01 -27.11 22.63
C THR A 453 -24.76 -27.45 21.81
N GLY A 454 -24.07 -26.42 21.40
CA GLY A 454 -22.87 -26.55 20.59
C GLY A 454 -23.22 -27.06 19.20
N LYS A 455 -24.47 -26.97 18.82
CA LYS A 455 -24.97 -27.44 17.51
C LYS A 455 -25.09 -26.30 16.51
N ALA A 456 -24.84 -26.65 15.27
CA ALA A 456 -24.81 -25.72 14.14
C ALA A 456 -26.11 -25.52 13.43
N LYS A 457 -26.52 -24.27 13.22
CA LYS A 457 -27.79 -24.04 12.50
C LYS A 457 -27.63 -24.05 11.01
N TRP A 458 -26.56 -23.50 10.47
CA TRP A 458 -26.27 -23.38 9.07
C TRP A 458 -24.78 -23.16 8.77
N THR A 459 -24.41 -23.44 7.51
CA THR A 459 -23.04 -23.27 7.07
C THR A 459 -22.92 -22.62 5.70
N LYS A 460 -22.01 -21.67 5.59
CA LYS A 460 -21.70 -20.98 4.32
C LYS A 460 -20.21 -21.31 4.08
N TRP A 461 -19.88 -21.95 2.96
CA TRP A 461 -18.50 -22.30 2.65
C TRP A 461 -17.79 -21.15 1.93
N GLU A 462 -16.48 -21.05 2.14
CA GLU A 462 -15.65 -20.02 1.49
C GLU A 462 -14.41 -20.64 0.89
N LYS A 463 -13.90 -20.08 -0.19
CA LYS A 463 -12.73 -20.65 -0.84
C LYS A 463 -11.52 -20.69 0.07
N PHE A 464 -11.28 -19.59 0.81
CA PHE A 464 -10.14 -19.47 1.74
C PHE A 464 -10.61 -19.33 3.20
N ALA A 465 -9.73 -19.48 4.13
CA ALA A 465 -10.05 -19.38 5.56
C ALA A 465 -10.81 -18.09 5.88
N ALA A 466 -11.74 -18.17 6.81
CA ALA A 466 -12.54 -17.03 7.27
C ALA A 466 -11.74 -16.51 8.48
N TRP A 467 -10.62 -15.86 8.26
CA TRP A 467 -9.74 -15.37 9.26
C TRP A 467 -10.07 -14.25 10.19
N GLY A 468 -10.74 -13.21 9.75
CA GLY A 468 -11.04 -11.99 10.46
C GLY A 468 -12.13 -11.97 11.47
N GLY A 469 -13.21 -12.66 11.19
CA GLY A 469 -14.36 -12.75 12.11
C GLY A 469 -15.63 -12.30 11.39
N THR A 470 -16.61 -12.03 12.27
CA THR A 470 -17.90 -11.56 11.84
C THR A 470 -18.39 -10.55 12.87
N LEU A 471 -19.28 -9.72 12.38
CA LEU A 471 -19.99 -8.70 13.10
C LEU A 471 -21.49 -8.97 12.80
N TYR A 472 -22.24 -8.65 13.81
CA TYR A 472 -23.68 -8.82 13.81
C TYR A 472 -24.33 -7.46 14.15
N THR A 473 -25.22 -7.10 13.21
CA THR A 473 -25.98 -5.82 13.42
C THR A 473 -27.45 -6.24 13.44
N LYS A 474 -28.18 -5.62 14.32
CA LYS A 474 -29.59 -5.84 14.60
C LYS A 474 -30.51 -5.83 13.41
N GLY A 475 -30.02 -5.35 12.27
CA GLY A 475 -30.76 -5.28 11.00
C GLY A 475 -30.91 -6.68 10.39
N GLY A 476 -30.35 -7.66 11.04
CA GLY A 476 -30.39 -9.07 10.65
C GLY A 476 -29.25 -9.47 9.76
N LEU A 477 -28.09 -8.84 9.85
CA LEU A 477 -27.00 -9.19 8.93
C LEU A 477 -25.72 -9.63 9.63
N VAL A 478 -24.99 -10.51 8.99
CA VAL A 478 -23.68 -10.99 9.42
C VAL A 478 -22.67 -10.55 8.34
N TRP A 479 -21.88 -9.58 8.74
CA TRP A 479 -20.84 -8.90 8.00
C TRP A 479 -19.45 -9.51 8.19
N TYR A 480 -18.74 -9.81 7.12
CA TYR A 480 -17.37 -10.33 7.22
C TYR A 480 -16.55 -9.96 5.96
N ALA A 481 -15.25 -9.94 6.20
CA ALA A 481 -14.25 -9.67 5.14
C ALA A 481 -13.53 -11.00 4.80
N THR A 482 -13.14 -11.17 3.56
CA THR A 482 -12.46 -12.43 3.14
C THR A 482 -11.05 -12.17 2.68
N LEU A 483 -10.28 -13.25 2.72
CA LEU A 483 -8.86 -13.20 2.38
C LEU A 483 -8.69 -12.81 0.91
N ASP A 484 -9.68 -13.14 0.11
CA ASP A 484 -9.62 -12.86 -1.35
C ASP A 484 -10.11 -11.47 -1.73
N GLY A 485 -10.44 -10.60 -0.80
CA GLY A 485 -10.87 -9.28 -0.90
C GLY A 485 -12.23 -8.68 -0.88
N TYR A 486 -13.26 -9.34 -0.40
CA TYR A 486 -14.64 -8.82 -0.37
C TYR A 486 -15.13 -8.68 1.07
N LEU A 487 -16.09 -7.83 1.21
CA LEU A 487 -16.80 -7.54 2.48
C LEU A 487 -18.17 -8.10 2.05
N LYS A 488 -18.76 -8.94 2.86
CA LYS A 488 -20.06 -9.57 2.48
C LYS A 488 -21.04 -9.37 3.63
N ALA A 489 -22.30 -9.40 3.28
CA ALA A 489 -23.42 -9.28 4.21
C ALA A 489 -24.35 -10.48 3.88
N LEU A 490 -24.48 -11.29 4.93
CA LEU A 490 -25.33 -12.48 4.83
C LEU A 490 -26.62 -12.29 5.68
N ASP A 491 -27.61 -13.02 5.23
CA ASP A 491 -28.91 -13.06 5.95
C ASP A 491 -28.64 -13.96 7.18
N ASN A 492 -28.76 -13.47 8.38
CA ASN A 492 -28.45 -14.27 9.60
C ASN A 492 -29.26 -15.57 9.69
N LYS A 493 -30.50 -15.55 9.23
CA LYS A 493 -31.37 -16.70 9.20
C LYS A 493 -30.83 -17.93 8.50
N ASP A 494 -30.35 -17.76 7.29
CA ASP A 494 -29.88 -18.93 6.50
C ASP A 494 -28.47 -18.83 5.97
N GLY A 495 -27.84 -17.70 6.17
CA GLY A 495 -26.47 -17.50 5.67
C GLY A 495 -26.45 -17.20 4.18
N LYS A 496 -27.55 -16.77 3.58
CA LYS A 496 -27.54 -16.45 2.14
C LYS A 496 -26.95 -15.03 1.98
N GLU A 497 -26.17 -14.84 0.95
CA GLU A 497 -25.47 -13.62 0.60
C GLU A 497 -26.38 -12.53 0.03
N LEU A 498 -26.41 -11.42 0.72
CA LEU A 498 -27.23 -10.27 0.35
C LEU A 498 -26.47 -9.17 -0.35
N TRP A 499 -25.17 -9.13 -0.15
CA TRP A 499 -24.35 -8.05 -0.71
C TRP A 499 -22.88 -8.36 -0.49
N ASN A 500 -22.05 -7.70 -1.30
CA ASN A 500 -20.59 -7.79 -1.24
C ASN A 500 -20.04 -6.60 -2.02
N PHE A 501 -18.77 -6.40 -1.79
CA PHE A 501 -18.00 -5.32 -2.41
C PHE A 501 -16.54 -5.76 -2.44
N LYS A 502 -15.92 -5.52 -3.56
CA LYS A 502 -14.51 -5.85 -3.82
C LYS A 502 -13.62 -4.70 -3.35
N MET A 503 -12.93 -5.00 -2.26
CA MET A 503 -11.97 -4.09 -1.58
C MET A 503 -10.63 -4.26 -2.30
N PRO A 504 -9.73 -3.31 -2.05
CA PRO A 504 -8.42 -3.36 -2.72
C PRO A 504 -7.70 -4.65 -2.45
N SER A 505 -7.74 -5.05 -1.18
CA SER A 505 -7.06 -6.29 -0.72
C SER A 505 -7.97 -7.07 0.23
N GLY A 506 -7.60 -8.34 0.40
CA GLY A 506 -8.33 -9.22 1.30
C GLY A 506 -8.29 -8.59 2.71
N GLY A 507 -9.24 -9.02 3.54
CA GLY A 507 -9.35 -8.46 4.90
C GLY A 507 -9.01 -9.50 5.95
N ILE A 508 -8.27 -9.10 6.96
CA ILE A 508 -7.89 -9.97 8.06
C ILE A 508 -8.39 -9.47 9.40
N GLY A 509 -9.23 -8.49 9.40
CA GLY A 509 -9.81 -7.95 10.65
C GLY A 509 -11.31 -8.27 10.58
N SER A 510 -12.03 -7.76 11.57
CA SER A 510 -13.49 -7.92 11.65
C SER A 510 -14.09 -6.54 11.48
N PRO A 511 -15.24 -6.47 10.85
CA PRO A 511 -15.92 -5.20 10.58
C PRO A 511 -16.35 -4.58 11.89
N MET A 512 -16.62 -3.29 11.86
CA MET A 512 -17.09 -2.54 13.03
C MET A 512 -18.23 -1.65 12.53
N THR A 513 -19.02 -1.05 13.36
CA THR A 513 -20.12 -0.21 12.87
C THR A 513 -20.23 0.95 13.84
N TYR A 514 -20.72 2.06 13.31
CA TYR A 514 -20.81 3.28 14.11
C TYR A 514 -21.87 4.17 13.46
N SER A 515 -22.17 5.18 14.23
CA SER A 515 -23.17 6.16 13.82
C SER A 515 -22.52 7.55 13.86
N PHE A 516 -22.93 8.29 12.84
CA PHE A 516 -22.42 9.67 12.74
C PHE A 516 -23.57 10.45 12.11
N LYS A 517 -23.98 11.50 12.83
CA LYS A 517 -25.08 12.37 12.44
C LYS A 517 -26.27 11.54 11.91
N GLY A 518 -26.69 10.61 12.74
CA GLY A 518 -27.82 9.74 12.45
C GLY A 518 -27.62 8.80 11.29
N LYS A 519 -26.37 8.55 10.89
CA LYS A 519 -26.24 7.56 9.76
C LYS A 519 -25.34 6.45 10.24
N GLN A 520 -25.71 5.24 9.93
CA GLN A 520 -24.97 4.03 10.28
C GLN A 520 -23.93 3.72 9.17
N TYR A 521 -22.71 3.46 9.62
CA TYR A 521 -21.62 3.10 8.70
C TYR A 521 -20.99 1.79 9.18
N ILE A 522 -20.55 1.02 8.20
CA ILE A 522 -19.82 -0.23 8.40
C ILE A 522 -18.35 0.05 7.98
N GLY A 523 -17.45 -0.20 8.88
CA GLY A 523 -16.04 -0.01 8.68
C GLY A 523 -15.26 -1.30 8.55
N SER A 524 -14.32 -1.36 7.61
CA SER A 524 -13.46 -2.53 7.47
C SER A 524 -12.03 -2.20 7.03
N MET A 525 -11.07 -2.90 7.62
CA MET A 525 -9.65 -2.77 7.24
C MET A 525 -9.46 -3.64 5.99
N TYR A 526 -8.40 -3.41 5.26
CA TYR A 526 -8.08 -4.18 4.05
C TYR A 526 -6.57 -4.21 4.02
N GLY A 527 -6.03 -5.27 3.47
CA GLY A 527 -4.54 -5.46 3.49
C GLY A 527 -4.34 -6.82 4.17
N VAL A 528 -4.27 -7.79 3.27
CA VAL A 528 -4.11 -9.18 3.56
C VAL A 528 -2.69 -9.43 4.10
N GLY A 529 -2.68 -10.45 4.96
CA GLY A 529 -1.42 -10.82 5.62
C GLY A 529 -1.77 -11.80 6.76
N GLY A 530 -0.99 -11.70 7.81
CA GLY A 530 -1.20 -12.62 8.98
C GLY A 530 -0.57 -13.94 8.55
N TRP A 531 -0.80 -15.02 9.28
CA TRP A 531 -0.20 -16.31 8.88
C TRP A 531 -0.57 -16.74 7.48
N PRO A 532 -1.81 -16.59 7.08
CA PRO A 532 -2.31 -16.98 5.76
C PRO A 532 -1.60 -16.35 4.55
N GLY A 533 -1.24 -15.09 4.69
CA GLY A 533 -0.59 -14.33 3.63
C GLY A 533 0.92 -14.27 3.72
N VAL A 534 1.57 -15.17 4.45
CA VAL A 534 3.04 -15.06 4.55
C VAL A 534 3.73 -15.35 3.23
N GLY A 535 3.22 -16.25 2.42
CA GLY A 535 3.86 -16.59 1.13
C GLY A 535 3.82 -15.34 0.23
N LEU A 536 2.59 -14.84 0.12
CA LEU A 536 2.33 -13.63 -0.66
C LEU A 536 3.06 -12.42 -0.11
N VAL A 537 3.14 -12.29 1.21
CA VAL A 537 3.79 -11.14 1.83
C VAL A 537 5.31 -11.19 1.83
N PHE A 538 5.91 -12.36 1.91
CA PHE A 538 7.38 -12.37 1.96
C PHE A 538 7.96 -12.94 0.68
N ASP A 539 7.05 -13.34 -0.20
CA ASP A 539 7.55 -13.93 -1.45
C ASP A 539 8.14 -15.32 -1.10
N LEU A 540 7.28 -16.18 -0.62
CA LEU A 540 7.74 -17.56 -0.28
C LEU A 540 7.13 -18.40 -1.39
N THR A 541 7.89 -19.38 -1.80
CA THR A 541 7.46 -20.32 -2.87
C THR A 541 7.48 -21.73 -2.31
N ASP A 542 8.29 -21.94 -1.28
CA ASP A 542 8.40 -23.22 -0.61
C ASP A 542 7.12 -23.54 0.21
N PRO A 543 6.55 -24.65 -0.16
CA PRO A 543 5.32 -25.16 0.46
C PRO A 543 5.47 -25.35 1.95
N SER A 544 6.66 -25.78 2.34
CA SER A 544 7.01 -26.05 3.74
C SER A 544 7.30 -24.76 4.50
N ALA A 545 7.69 -23.72 3.78
CA ALA A 545 8.03 -22.41 4.33
C ALA A 545 6.77 -21.80 4.96
N GLY A 546 7.06 -20.82 5.82
CA GLY A 546 5.96 -20.13 6.50
C GLY A 546 5.19 -21.12 7.39
N LEU A 547 5.95 -21.98 8.03
CA LEU A 547 5.46 -23.00 8.95
C LEU A 547 4.44 -23.94 8.35
N GLY A 548 4.51 -24.07 7.03
CA GLY A 548 3.61 -24.99 6.33
C GLY A 548 2.47 -24.27 5.63
N ALA A 549 2.28 -23.03 5.98
CA ALA A 549 1.25 -22.15 5.45
C ALA A 549 1.37 -21.83 3.96
N VAL A 550 2.59 -21.71 3.46
CA VAL A 550 2.85 -21.34 2.05
C VAL A 550 2.17 -22.25 1.07
N GLY A 551 2.34 -23.55 1.27
CA GLY A 551 1.70 -24.54 0.36
C GLY A 551 0.20 -24.33 0.32
N ALA A 552 -0.45 -24.26 1.45
CA ALA A 552 -1.89 -24.10 1.63
C ALA A 552 -2.49 -22.93 0.86
N PHE A 553 -1.87 -21.77 1.05
CA PHE A 553 -2.37 -20.54 0.41
C PHE A 553 -1.71 -20.17 -0.90
N ARG A 554 -1.22 -21.11 -1.69
CA ARG A 554 -0.56 -20.85 -2.96
C ARG A 554 -1.41 -20.00 -3.89
N GLU A 555 -2.68 -20.34 -4.01
CA GLU A 555 -3.61 -19.63 -4.86
C GLU A 555 -4.05 -18.23 -4.43
N LEU A 556 -3.78 -17.75 -3.23
CA LEU A 556 -4.25 -16.44 -2.78
C LEU A 556 -3.78 -15.29 -3.69
N GLN A 557 -2.60 -15.42 -4.17
CA GLN A 557 -1.76 -14.70 -5.07
C GLN A 557 -2.50 -14.31 -6.36
N ASN A 558 -3.44 -15.10 -6.80
CA ASN A 558 -4.20 -14.89 -8.04
C ASN A 558 -5.55 -14.24 -7.73
N HIS A 559 -5.66 -13.82 -6.49
CA HIS A 559 -6.96 -13.24 -6.12
C HIS A 559 -6.77 -11.84 -5.53
N THR A 560 -5.63 -11.61 -4.91
CA THR A 560 -5.35 -10.33 -4.23
C THR A 560 -3.86 -10.09 -4.08
N GLN A 561 -3.47 -8.89 -3.73
CA GLN A 561 -2.07 -8.47 -3.47
C GLN A 561 -2.14 -7.68 -2.13
N MET A 562 -0.99 -7.32 -1.65
CA MET A 562 -0.90 -6.54 -0.39
C MET A 562 -1.70 -5.23 -0.53
N GLY A 563 -1.89 -4.60 0.62
CA GLY A 563 -2.68 -3.33 0.64
C GLY A 563 -2.57 -2.89 2.10
N GLY A 564 -3.23 -1.76 2.38
CA GLY A 564 -3.18 -1.21 3.72
C GLY A 564 -4.07 -0.03 3.89
N GLY A 565 -5.26 -0.25 4.46
CA GLY A 565 -6.17 0.84 4.70
C GLY A 565 -7.54 0.48 5.21
N LEU A 566 -8.44 1.44 5.09
CA LEU A 566 -9.81 1.42 5.52
C LEU A 566 -10.84 1.80 4.45
N MET A 567 -11.96 1.13 4.44
CA MET A 567 -13.10 1.46 3.62
C MET A 567 -14.31 1.56 4.57
N VAL A 568 -15.12 2.56 4.32
CA VAL A 568 -16.35 2.79 5.10
C VAL A 568 -17.51 2.69 4.11
N PHE A 569 -18.61 2.11 4.53
CA PHE A 569 -19.79 1.90 3.70
C PHE A 569 -21.02 2.46 4.45
N SER A 570 -22.07 2.66 3.70
CA SER A 570 -23.33 3.19 4.27
C SER A 570 -24.29 3.21 3.08
N LEU A 571 -25.46 3.65 3.41
CA LEU A 571 -26.61 3.77 2.48
C LEU A 571 -26.44 5.11 1.79
N TYR B 1 -1.52 -43.34 25.49
CA TYR B 1 -1.69 -42.01 26.09
C TYR B 1 -2.99 -41.44 25.54
N ASP B 2 -4.04 -41.56 26.34
CA ASP B 2 -5.39 -41.14 25.94
C ASP B 2 -5.91 -39.96 26.72
N GLY B 3 -5.12 -39.53 27.68
CA GLY B 3 -5.39 -38.42 28.55
C GLY B 3 -6.23 -38.77 29.74
N GLN B 4 -6.70 -40.02 29.85
CA GLN B 4 -7.54 -40.40 30.99
C GLN B 4 -6.83 -40.97 32.19
N ASN B 5 -5.55 -41.20 32.20
CA ASN B 5 -4.84 -41.81 33.34
C ASN B 5 -4.04 -40.76 34.07
N CYS B 6 -4.64 -40.29 35.16
CA CYS B 6 -4.09 -39.21 35.97
C CYS B 6 -3.45 -39.58 37.31
N LYS B 7 -2.14 -39.46 37.38
CA LYS B 7 -1.30 -39.67 38.53
C LYS B 7 -1.93 -38.93 39.74
N GLU B 8 -2.24 -37.69 39.41
CA GLU B 8 -2.85 -36.74 40.33
C GLU B 8 -3.83 -35.93 39.47
N PRO B 9 -4.75 -35.28 40.14
CA PRO B 9 -5.77 -34.45 39.46
C PRO B 9 -5.04 -33.34 38.73
N GLY B 10 -5.34 -33.18 37.48
CA GLY B 10 -4.74 -32.15 36.63
C GLY B 10 -3.35 -32.53 36.16
N ASN B 11 -3.01 -33.79 36.32
CA ASN B 11 -1.68 -34.31 35.89
C ASN B 11 -1.98 -35.69 35.31
N CYS B 12 -2.38 -35.72 34.04
CA CYS B 12 -2.76 -36.95 33.37
C CYS B 12 -1.80 -37.37 32.26
N TRP B 13 -0.70 -36.67 32.21
CA TRP B 13 0.31 -36.92 31.17
C TRP B 13 0.92 -38.32 31.35
N GLU B 14 1.32 -38.89 30.23
CA GLU B 14 1.95 -40.20 30.15
C GLU B 14 2.87 -40.25 28.93
N ASN B 15 3.95 -41.00 29.06
CA ASN B 15 4.87 -41.20 27.93
C ASN B 15 4.15 -42.08 26.90
N LYS B 16 4.45 -41.82 25.64
CA LYS B 16 3.90 -42.58 24.50
C LYS B 16 4.70 -43.89 24.42
N PRO B 17 4.03 -44.92 23.94
CA PRO B 17 4.67 -46.25 23.84
C PRO B 17 5.97 -46.14 23.06
N GLY B 18 7.07 -46.44 23.74
CA GLY B 18 8.41 -46.41 23.19
C GLY B 18 9.18 -45.19 23.66
N TYR B 19 8.58 -44.30 24.41
CA TYR B 19 9.27 -43.07 24.86
C TYR B 19 9.51 -43.02 26.35
N PRO B 20 10.66 -42.47 26.65
CA PRO B 20 11.13 -42.32 28.03
C PRO B 20 10.03 -41.62 28.79
N GLU B 21 10.07 -41.76 30.08
CA GLU B 21 9.13 -41.20 31.04
C GLU B 21 9.70 -39.88 31.52
N LYS B 22 11.00 -39.85 31.46
CA LYS B 22 11.89 -38.74 31.79
C LYS B 22 12.84 -38.59 30.58
N ILE B 23 12.90 -37.38 30.10
CA ILE B 23 13.71 -36.98 28.94
C ILE B 23 15.20 -36.93 29.15
N ALA B 24 15.64 -36.47 30.31
CA ALA B 24 17.05 -36.37 30.64
C ALA B 24 17.75 -37.72 30.56
N GLY B 25 18.97 -37.62 30.02
CA GLY B 25 19.83 -38.80 29.86
C GLY B 25 19.51 -39.60 28.63
N SER B 26 18.40 -39.29 28.00
CA SER B 26 17.98 -39.99 26.77
C SER B 26 18.44 -39.22 25.52
N LYS B 27 18.14 -39.87 24.38
CA LYS B 27 18.47 -39.26 23.08
C LYS B 27 17.57 -38.06 22.79
N TYR B 28 16.61 -37.82 23.66
CA TYR B 28 15.69 -36.69 23.42
C TYR B 28 15.93 -35.60 24.43
N ASP B 29 17.03 -35.72 25.11
CA ASP B 29 17.40 -34.71 26.14
C ASP B 29 17.69 -33.39 25.44
N PRO B 30 16.96 -32.35 25.83
CA PRO B 30 17.11 -30.99 25.28
C PRO B 30 18.47 -30.40 25.62
N LYS B 31 19.06 -30.84 26.71
CA LYS B 31 20.36 -30.38 27.20
C LYS B 31 20.44 -28.88 27.35
N HIS B 32 19.32 -28.25 27.65
CA HIS B 32 19.19 -26.82 27.86
C HIS B 32 20.32 -26.18 28.63
N ASP B 33 20.62 -24.96 28.28
CA ASP B 33 21.68 -24.13 28.89
C ASP B 33 20.99 -23.20 29.89
N PRO B 34 21.34 -23.40 31.15
CA PRO B 34 20.80 -22.63 32.27
C PRO B 34 20.80 -21.13 32.12
N VAL B 35 21.96 -20.60 31.73
CA VAL B 35 22.11 -19.15 31.58
C VAL B 35 21.18 -18.66 30.49
N GLU B 36 20.97 -19.50 29.51
CA GLU B 36 20.07 -19.14 28.40
C GLU B 36 18.63 -19.07 28.91
N LEU B 37 18.30 -19.97 29.80
CA LEU B 37 17.00 -20.13 30.42
C LEU B 37 16.58 -18.93 31.27
N ASN B 38 17.59 -18.33 31.88
CA ASN B 38 17.39 -17.20 32.80
C ASN B 38 17.35 -15.84 32.12
N LYS B 39 17.76 -15.80 30.89
CA LYS B 39 17.79 -14.62 30.02
C LYS B 39 16.49 -13.82 30.07
N GLN B 40 15.34 -14.45 29.98
CA GLN B 40 14.05 -13.76 30.06
C GLN B 40 13.84 -13.04 31.38
N GLU B 41 14.24 -13.68 32.46
CA GLU B 41 14.08 -13.10 33.82
C GLU B 41 14.88 -11.85 34.05
N GLU B 42 16.12 -11.94 33.61
CA GLU B 42 17.09 -10.85 33.71
C GLU B 42 16.56 -9.66 32.95
N SER B 43 16.00 -9.97 31.80
CA SER B 43 15.42 -8.97 30.89
C SER B 43 14.30 -8.20 31.57
N ILE B 44 13.39 -8.93 32.22
CA ILE B 44 12.27 -8.30 32.91
C ILE B 44 12.74 -7.47 34.10
N LYS B 45 13.76 -8.00 34.76
CA LYS B 45 14.27 -7.27 35.96
C LYS B 45 14.69 -5.89 35.50
N ALA B 46 15.56 -5.88 34.52
CA ALA B 46 16.11 -4.65 33.93
C ALA B 46 15.04 -3.65 33.55
N MET B 47 14.23 -4.03 32.60
CA MET B 47 13.14 -3.20 32.04
C MET B 47 12.21 -2.68 33.12
N ASP B 48 11.97 -3.52 34.12
CA ASP B 48 11.09 -3.13 35.24
C ASP B 48 11.65 -1.93 35.97
N ALA B 49 12.95 -1.95 36.23
CA ALA B 49 13.67 -0.87 36.93
C ALA B 49 13.70 0.42 36.10
N ARG B 50 13.68 0.22 34.79
CA ARG B 50 13.68 1.33 33.82
C ARG B 50 12.36 2.08 33.90
N ASN B 51 11.28 1.33 33.93
CA ASN B 51 9.94 1.94 34.06
C ASN B 51 9.77 2.59 35.45
N ALA B 52 10.39 2.06 36.51
CA ALA B 52 10.16 2.72 37.84
C ALA B 52 10.91 4.05 37.79
N LYS B 53 12.03 3.93 37.09
CA LYS B 53 12.92 5.08 36.85
C LYS B 53 12.17 6.08 36.00
N ARG B 54 11.43 5.61 35.02
CA ARG B 54 10.64 6.49 34.15
C ARG B 54 9.49 7.17 34.87
N ILE B 55 8.64 6.40 35.55
CA ILE B 55 7.46 6.96 36.21
C ILE B 55 7.75 7.78 37.45
N ALA B 56 8.89 7.49 38.06
CA ALA B 56 9.25 8.22 39.29
C ALA B 56 9.77 9.60 38.92
N ASN B 57 10.62 9.64 37.89
CA ASN B 57 11.17 10.95 37.49
C ASN B 57 10.12 11.80 36.77
N ALA B 58 8.87 11.54 37.11
CA ALA B 58 7.71 12.20 36.53
C ALA B 58 6.61 12.55 37.52
N LYS B 59 6.52 11.76 38.57
CA LYS B 59 5.49 12.03 39.61
C LYS B 59 5.86 13.31 40.37
N SER B 60 7.14 13.62 40.32
CA SER B 60 7.80 14.71 40.99
C SER B 60 7.99 16.01 40.22
N SER B 61 8.14 15.85 38.91
CA SER B 61 8.37 17.04 38.05
C SER B 61 7.01 17.59 37.60
N GLY B 62 6.23 16.65 37.08
CA GLY B 62 4.88 16.88 36.56
C GLY B 62 4.87 16.57 35.05
N ASN B 63 6.06 16.49 34.50
CA ASN B 63 6.31 16.26 33.08
C ASN B 63 6.99 14.94 32.78
N PHE B 64 6.33 14.04 32.08
CA PHE B 64 6.84 12.72 31.70
C PHE B 64 7.87 12.75 30.56
N VAL B 65 8.93 11.99 30.75
CA VAL B 65 10.06 11.78 29.83
C VAL B 65 10.43 10.29 29.84
N PHE B 66 10.51 9.74 28.63
CA PHE B 66 10.83 8.31 28.46
C PHE B 66 12.33 8.08 28.54
N ASP B 67 13.01 8.92 27.79
CA ASP B 67 14.48 8.92 27.72
C ASP B 67 14.95 9.37 29.12
N VAL B 68 14.71 8.40 30.00
CA VAL B 68 15.06 8.54 31.41
C VAL B 68 16.39 7.75 31.57
N LYS B 69 17.03 8.25 32.59
CA LYS B 69 18.37 7.86 33.06
C LYS B 69 18.91 9.23 33.55
N ASP C 1 -0.64 -0.43 -35.04
CA ASP C 1 -0.74 -1.41 -36.13
C ASP C 1 -2.21 -1.63 -36.47
N ALA C 2 -2.49 -2.73 -37.17
CA ALA C 2 -3.92 -3.01 -37.52
C ALA C 2 -4.77 -3.35 -36.30
N ASP C 3 -4.21 -4.17 -35.43
CA ASP C 3 -4.92 -4.58 -34.18
C ASP C 3 -5.19 -3.34 -33.34
N LEU C 4 -4.20 -2.47 -33.20
CA LEU C 4 -4.42 -1.26 -32.43
C LEU C 4 -5.57 -0.44 -32.97
N ASP C 5 -5.61 -0.22 -34.26
CA ASP C 5 -6.68 0.54 -34.90
C ASP C 5 -8.04 -0.13 -34.71
N LYS C 6 -8.02 -1.43 -34.54
CA LYS C 6 -9.30 -2.14 -34.34
C LYS C 6 -9.85 -1.72 -32.97
N GLN C 7 -9.02 -1.79 -31.98
CA GLN C 7 -9.38 -1.43 -30.60
C GLN C 7 -9.75 0.07 -30.54
N VAL C 8 -8.96 0.86 -31.21
CA VAL C 8 -9.18 2.32 -31.27
C VAL C 8 -10.60 2.56 -31.77
N ASN C 9 -11.04 1.81 -32.75
CA ASN C 9 -12.37 1.98 -33.34
C ASN C 9 -13.47 1.19 -32.67
N THR C 10 -13.22 0.46 -31.60
CA THR C 10 -14.26 -0.26 -30.87
C THR C 10 -14.76 0.61 -29.72
N ALA C 11 -16.06 0.85 -29.67
CA ALA C 11 -16.63 1.70 -28.60
C ALA C 11 -16.34 1.15 -27.21
N GLY C 12 -16.08 2.04 -26.29
CA GLY C 12 -15.82 1.78 -24.90
C GLY C 12 -14.54 1.06 -24.59
N ALA C 13 -13.61 0.99 -25.51
CA ALA C 13 -12.29 0.35 -25.28
C ALA C 13 -11.34 1.49 -24.90
N TRP C 14 -10.21 1.19 -24.32
CA TRP C 14 -9.23 2.23 -23.98
C TRP C 14 -7.83 1.64 -24.13
N PRO C 15 -7.33 1.65 -25.36
CA PRO C 15 -6.03 1.09 -25.69
C PRO C 15 -4.85 2.03 -25.79
N ILE C 16 -5.13 3.30 -25.52
CA ILE C 16 -4.06 4.33 -25.59
C ILE C 16 -4.18 5.18 -24.35
N ALA C 17 -3.09 5.34 -23.66
CA ALA C 17 -2.99 6.10 -22.41
C ALA C 17 -3.60 7.48 -22.48
N THR C 18 -3.39 8.10 -23.62
CA THR C 18 -3.74 9.47 -24.01
C THR C 18 -5.08 9.65 -24.60
N GLY C 19 -5.81 8.55 -24.80
CA GLY C 19 -7.18 8.68 -25.34
C GLY C 19 -7.39 8.34 -26.77
N GLY C 20 -6.37 8.48 -27.61
CA GLY C 20 -6.44 8.18 -29.07
C GLY C 20 -5.12 8.71 -29.64
N TYR C 21 -4.90 8.56 -30.92
CA TYR C 21 -3.66 9.06 -31.58
C TYR C 21 -3.42 10.55 -31.40
N TYR C 22 -4.41 11.36 -31.41
CA TYR C 22 -4.51 12.78 -31.28
C TYR C 22 -4.37 13.30 -29.85
N SER C 23 -4.33 12.43 -28.89
CA SER C 23 -4.21 12.68 -27.46
C SER C 23 -5.15 13.73 -26.90
N GLN C 24 -6.40 13.72 -27.30
CA GLN C 24 -7.34 14.69 -26.69
C GLN C 24 -7.83 14.17 -25.34
N HIS C 25 -7.57 12.91 -25.01
CA HIS C 25 -7.96 12.30 -23.76
C HIS C 25 -9.39 12.63 -23.38
N ASN C 26 -10.30 12.26 -24.23
CA ASN C 26 -11.74 12.47 -24.05
C ASN C 26 -12.44 11.16 -24.43
N SER C 27 -13.75 11.22 -24.36
CA SER C 27 -14.62 10.11 -24.66
C SER C 27 -16.07 10.47 -25.02
N PRO C 28 -16.57 9.72 -26.01
CA PRO C 28 -17.93 9.79 -26.48
C PRO C 28 -18.92 9.11 -25.54
N LEU C 29 -18.55 8.33 -24.55
CA LEU C 29 -19.53 7.70 -23.64
C LEU C 29 -20.35 8.78 -22.94
N ALA C 30 -21.64 8.74 -23.01
CA ALA C 30 -22.54 9.71 -22.42
C ALA C 30 -23.56 9.12 -21.44
N GLN C 31 -23.26 7.92 -20.95
CA GLN C 31 -24.20 7.32 -19.95
C GLN C 31 -24.21 8.21 -18.69
N ILE C 32 -23.07 8.60 -18.18
CA ILE C 32 -22.95 9.48 -17.00
C ILE C 32 -23.06 10.91 -17.46
N ASN C 33 -24.02 11.67 -16.98
CA ASN C 33 -24.13 13.05 -17.51
C ASN C 33 -24.34 13.94 -16.28
N LYS C 34 -24.31 15.23 -16.51
CA LYS C 34 -24.47 16.23 -15.47
C LYS C 34 -25.71 16.02 -14.62
N SER C 35 -26.70 15.36 -15.18
CA SER C 35 -27.98 15.09 -14.50
C SER C 35 -28.01 13.83 -13.66
N ASN C 36 -27.13 12.89 -13.82
CA ASN C 36 -27.13 11.66 -12.99
C ASN C 36 -25.76 11.41 -12.40
N VAL C 37 -24.87 12.40 -12.43
CA VAL C 37 -23.52 12.14 -11.90
C VAL C 37 -23.53 11.97 -10.37
N LYS C 38 -24.46 12.60 -9.74
CA LYS C 38 -24.62 12.52 -8.29
C LYS C 38 -24.73 11.09 -7.77
N ASN C 39 -25.31 10.24 -8.60
CA ASN C 39 -25.56 8.84 -8.34
C ASN C 39 -24.38 7.91 -8.56
N VAL C 40 -23.28 8.39 -9.01
CA VAL C 40 -22.14 7.47 -9.29
C VAL C 40 -21.59 6.96 -7.97
N LYS C 41 -21.24 5.68 -7.93
CA LYS C 41 -20.66 5.06 -6.74
C LYS C 41 -19.49 4.13 -7.09
N ALA C 42 -18.67 3.86 -6.10
CA ALA C 42 -17.51 2.97 -6.29
C ALA C 42 -18.03 1.63 -6.76
N ALA C 43 -17.45 1.03 -7.78
CA ALA C 43 -17.90 -0.25 -8.33
C ALA C 43 -16.98 -1.40 -7.81
N TRP C 44 -15.68 -1.19 -7.91
CA TRP C 44 -14.76 -2.23 -7.42
C TRP C 44 -13.40 -1.55 -7.27
N SER C 45 -12.50 -2.25 -6.62
CA SER C 45 -11.17 -1.75 -6.32
C SER C 45 -10.21 -2.96 -6.37
N PHE C 46 -8.95 -2.55 -6.47
CA PHE C 46 -7.83 -3.48 -6.62
C PHE C 46 -6.59 -2.76 -6.14
N SER C 47 -5.81 -3.40 -5.34
CA SER C 47 -4.54 -2.96 -4.79
C SER C 47 -3.41 -3.63 -5.57
N THR C 48 -2.40 -2.85 -5.84
CA THR C 48 -1.19 -3.28 -6.55
C THR C 48 -0.18 -3.96 -5.65
N GLY C 49 -0.21 -3.69 -4.36
CA GLY C 49 0.73 -4.32 -3.41
C GLY C 49 2.06 -3.56 -3.43
N VAL C 50 2.03 -2.37 -4.02
CA VAL C 50 3.24 -1.53 -4.07
C VAL C 50 2.85 -0.13 -3.63
N LEU C 51 3.79 0.58 -3.10
CA LEU C 51 3.64 1.97 -2.59
C LEU C 51 4.23 2.94 -3.61
N ASN C 52 4.40 4.18 -3.26
CA ASN C 52 4.97 5.21 -4.18
C ASN C 52 3.88 5.63 -5.15
N GLY C 53 4.17 6.70 -5.87
CA GLY C 53 3.17 7.27 -6.82
C GLY C 53 2.82 6.26 -7.89
N HIS C 54 1.51 6.21 -8.09
CA HIS C 54 0.84 5.41 -9.09
C HIS C 54 0.28 6.40 -10.12
N GLU C 55 1.10 6.65 -11.13
CA GLU C 55 0.78 7.55 -12.26
C GLU C 55 0.18 6.73 -13.38
N GLY C 56 -0.28 7.37 -14.44
CA GLY C 56 -0.89 6.64 -15.56
C GLY C 56 -2.31 6.23 -15.17
N ALA C 57 -2.82 5.32 -15.97
CA ALA C 57 -4.13 4.74 -15.89
C ALA C 57 -4.08 3.39 -16.57
N PRO C 58 -5.04 2.56 -16.24
CA PRO C 58 -5.11 1.20 -16.78
C PRO C 58 -5.49 1.26 -18.25
N LEU C 59 -5.31 0.11 -18.87
CA LEU C 59 -5.71 -0.05 -20.30
C LEU C 59 -6.87 -1.07 -20.29
N VAL C 60 -7.79 -0.87 -21.21
CA VAL C 60 -8.92 -1.80 -21.39
C VAL C 60 -8.94 -2.23 -22.86
N ILE C 61 -8.83 -3.51 -23.13
CA ILE C 61 -8.91 -4.09 -24.49
C ILE C 61 -9.89 -5.28 -24.41
N GLY C 62 -10.98 -5.15 -25.11
CA GLY C 62 -12.04 -6.18 -25.11
C GLY C 62 -12.62 -6.11 -23.65
N ASP C 63 -12.50 -7.27 -23.00
CA ASP C 63 -12.97 -7.51 -21.65
C ASP C 63 -11.82 -7.68 -20.68
N MET C 64 -10.67 -7.20 -21.10
CA MET C 64 -9.47 -7.29 -20.26
C MET C 64 -9.03 -5.86 -19.89
N MET C 65 -8.48 -5.80 -18.68
CA MET C 65 -7.97 -4.56 -18.10
C MET C 65 -6.54 -4.92 -17.67
N TYR C 66 -5.62 -4.06 -17.97
CA TYR C 66 -4.21 -4.26 -17.60
C TYR C 66 -3.91 -3.07 -16.69
N VAL C 67 -3.36 -3.36 -15.53
CA VAL C 67 -3.05 -2.36 -14.49
C VAL C 67 -1.55 -2.36 -14.27
N HIS C 68 -0.98 -1.27 -13.92
CA HIS C 68 0.50 -1.30 -13.67
C HIS C 68 0.72 -0.55 -12.35
N SER C 69 1.86 -0.83 -11.73
CA SER C 69 2.22 -0.20 -10.47
C SER C 69 3.50 0.64 -10.68
N ALA C 70 3.96 1.23 -9.61
CA ALA C 70 5.22 1.95 -9.49
C ALA C 70 6.33 0.91 -9.53
N PHE C 71 7.56 1.35 -9.45
CA PHE C 71 8.65 0.35 -9.43
C PHE C 71 8.24 -0.67 -8.35
N PRO C 72 8.49 -1.95 -8.52
CA PRO C 72 9.19 -2.60 -9.61
C PRO C 72 8.44 -2.94 -10.85
N ASN C 73 7.48 -2.15 -11.23
CA ASN C 73 6.73 -2.30 -12.48
C ASN C 73 5.99 -3.60 -12.68
N ASN C 74 5.01 -3.90 -11.83
CA ASN C 74 4.27 -5.15 -12.01
C ASN C 74 3.13 -4.87 -12.99
N THR C 75 2.67 -5.84 -13.69
CA THR C 75 1.54 -5.75 -14.63
C THR C 75 0.54 -6.82 -14.16
N TYR C 76 -0.72 -6.50 -14.15
CA TYR C 76 -1.79 -7.46 -13.74
C TYR C 76 -2.83 -7.49 -14.84
N ALA C 77 -3.31 -8.66 -15.21
CA ALA C 77 -4.35 -8.76 -16.25
C ALA C 77 -5.60 -9.26 -15.56
N LEU C 78 -6.72 -8.60 -15.84
CA LEU C 78 -8.01 -8.87 -15.29
C LEU C 78 -9.10 -9.01 -16.34
N ASN C 79 -9.87 -10.06 -16.25
CA ASN C 79 -11.04 -10.19 -17.14
C ASN C 79 -12.11 -9.36 -16.37
N LEU C 80 -12.77 -8.50 -17.11
CA LEU C 80 -13.78 -7.63 -16.51
C LEU C 80 -14.96 -8.48 -16.05
N ASN C 81 -14.96 -9.73 -16.50
CA ASN C 81 -16.11 -10.58 -16.11
C ASN C 81 -15.97 -10.87 -14.61
N ASP C 82 -14.74 -10.87 -14.14
CA ASP C 82 -14.42 -11.18 -12.78
C ASP C 82 -13.15 -10.52 -12.26
N PRO C 83 -13.35 -9.32 -11.73
CA PRO C 83 -12.27 -8.53 -11.16
C PRO C 83 -11.55 -9.19 -9.99
N GLY C 84 -12.21 -10.18 -9.41
CA GLY C 84 -11.64 -10.85 -8.22
C GLY C 84 -10.41 -11.67 -8.59
N LYS C 85 -10.31 -12.00 -9.89
CA LYS C 85 -9.21 -12.85 -10.35
C LYS C 85 -8.30 -12.29 -11.42
N ILE C 86 -7.04 -12.48 -11.09
CA ILE C 86 -5.84 -12.15 -11.78
C ILE C 86 -5.41 -13.25 -12.75
N VAL C 87 -5.86 -13.09 -13.96
CA VAL C 87 -5.61 -13.95 -15.11
C VAL C 87 -4.12 -14.19 -15.29
N TRP C 88 -3.32 -13.13 -15.33
CA TRP C 88 -1.87 -13.27 -15.47
C TRP C 88 -1.24 -12.05 -14.81
N GLN C 89 -0.01 -12.22 -14.42
CA GLN C 89 0.71 -11.11 -13.78
C GLN C 89 2.16 -11.21 -14.23
N HIS C 90 2.81 -10.08 -14.33
CA HIS C 90 4.24 -10.02 -14.71
C HIS C 90 4.92 -9.26 -13.60
N LYS C 91 5.89 -9.85 -12.95
CA LYS C 91 6.58 -9.22 -11.82
C LYS C 91 8.08 -9.28 -12.05
N PRO C 92 8.66 -8.18 -12.52
CA PRO C 92 10.09 -8.16 -12.82
C PRO C 92 10.95 -8.22 -11.56
N LYS C 93 12.17 -8.67 -11.87
CA LYS C 93 13.28 -8.77 -10.91
C LYS C 93 14.22 -7.60 -11.34
N GLN C 94 14.29 -6.61 -10.51
CA GLN C 94 15.09 -5.40 -10.72
C GLN C 94 15.83 -5.09 -9.42
N ASP C 95 17.04 -4.74 -9.61
CA ASP C 95 18.02 -4.30 -8.61
C ASP C 95 17.49 -3.04 -7.94
N ALA C 96 17.59 -3.00 -6.63
CA ALA C 96 17.05 -1.83 -5.90
C ALA C 96 17.86 -0.58 -6.20
N SER C 97 19.10 -0.72 -6.65
CA SER C 97 19.92 0.48 -6.93
C SER C 97 19.29 1.28 -8.07
N THR C 98 18.40 0.70 -8.84
CA THR C 98 17.73 1.45 -9.92
C THR C 98 17.10 2.72 -9.37
N LYS C 99 16.49 2.57 -8.20
CA LYS C 99 15.78 3.69 -7.55
C LYS C 99 16.61 4.92 -7.25
N ALA C 100 17.86 4.69 -6.99
CA ALA C 100 18.86 5.70 -6.66
C ALA C 100 19.15 6.64 -7.83
N VAL C 101 18.80 6.24 -9.03
CA VAL C 101 19.02 7.09 -10.20
C VAL C 101 17.76 7.69 -10.75
N MET C 102 16.63 7.48 -10.10
CA MET C 102 15.33 8.05 -10.59
C MET C 102 15.18 9.33 -9.81
N CYS C 103 15.11 10.43 -10.54
CA CYS C 103 15.06 11.73 -9.91
C CYS C 103 13.83 12.00 -9.09
N CYS C 104 12.70 11.63 -9.69
CA CYS C 104 11.43 12.10 -9.10
C CYS C 104 10.38 11.10 -8.67
N ASP C 105 10.75 10.17 -7.80
CA ASP C 105 9.92 9.08 -7.31
C ASP C 105 10.08 7.96 -8.33
N VAL C 106 9.77 6.74 -7.95
CA VAL C 106 9.92 5.57 -8.82
C VAL C 106 8.65 5.23 -9.59
N VAL C 107 8.20 6.16 -10.40
CA VAL C 107 6.99 6.14 -11.16
C VAL C 107 7.04 5.51 -12.55
N ASP C 108 5.84 5.24 -13.03
CA ASP C 108 5.60 4.54 -14.29
C ASP C 108 4.26 5.00 -14.83
N ARG C 109 4.31 5.63 -15.98
CA ARG C 109 3.17 6.27 -16.64
C ARG C 109 2.30 5.36 -17.43
N GLY C 110 2.58 4.06 -17.47
CA GLY C 110 1.71 3.12 -18.12
C GLY C 110 2.26 2.28 -19.23
N LEU C 111 1.36 1.41 -19.64
CA LEU C 111 1.46 0.41 -20.67
C LEU C 111 0.90 0.91 -22.02
N ALA C 112 1.30 0.08 -22.98
CA ALA C 112 0.92 0.28 -24.39
C ALA C 112 0.40 -1.04 -24.92
N TYR C 113 -0.24 -1.02 -26.05
CA TYR C 113 -0.81 -2.20 -26.67
C TYR C 113 -0.65 -2.15 -28.19
N GLY C 114 -0.25 -3.30 -28.73
CA GLY C 114 -0.17 -3.33 -30.21
C GLY C 114 0.02 -4.76 -30.63
N ALA C 115 -0.61 -5.12 -31.71
CA ALA C 115 -0.48 -6.45 -32.28
C ALA C 115 -0.78 -7.53 -31.22
N GLY C 116 -1.90 -7.38 -30.56
CA GLY C 116 -2.30 -8.35 -29.55
C GLY C 116 -1.19 -8.53 -28.50
N GLN C 117 -0.48 -7.45 -28.27
CA GLN C 117 0.60 -7.45 -27.27
C GLN C 117 0.44 -6.32 -26.27
N ILE C 118 0.82 -6.59 -25.03
CA ILE C 118 0.84 -5.54 -24.00
C ILE C 118 2.34 -5.16 -24.02
N VAL C 119 2.66 -3.90 -24.23
CA VAL C 119 4.08 -3.46 -24.25
C VAL C 119 4.35 -2.78 -22.91
N LYS C 120 5.37 -3.25 -22.20
CA LYS C 120 5.63 -2.58 -20.90
C LYS C 120 7.12 -2.37 -20.75
N LYS C 121 7.54 -1.40 -20.03
CA LYS C 121 8.96 -1.12 -19.77
C LYS C 121 9.21 -1.35 -18.29
N GLN C 122 10.48 -1.31 -17.96
CA GLN C 122 10.91 -1.45 -16.54
C GLN C 122 11.77 -0.25 -16.25
N ALA C 123 11.73 0.26 -15.05
CA ALA C 123 12.56 1.42 -14.65
C ALA C 123 14.04 1.23 -15.00
N ASN C 124 14.50 -0.01 -14.94
CA ASN C 124 15.88 -0.42 -15.14
C ASN C 124 16.38 -0.44 -16.58
N GLY C 125 15.55 -0.13 -17.53
CA GLY C 125 15.92 -0.06 -18.90
C GLY C 125 15.35 -1.05 -19.86
N HIS C 126 14.67 -2.12 -19.38
CA HIS C 126 14.09 -3.07 -20.33
C HIS C 126 12.70 -2.69 -20.86
N LEU C 127 12.47 -3.23 -22.05
CA LEU C 127 11.17 -3.06 -22.76
C LEU C 127 10.75 -4.42 -23.28
N LEU C 128 9.55 -4.82 -22.99
CA LEU C 128 9.05 -6.15 -23.41
C LEU C 128 7.70 -6.04 -24.11
N ALA C 129 7.38 -7.11 -24.74
CA ALA C 129 6.14 -7.36 -25.48
C ALA C 129 5.72 -8.72 -24.95
N LEU C 130 4.58 -8.72 -24.31
CA LEU C 130 3.95 -9.87 -23.66
C LEU C 130 2.60 -10.18 -24.31
N ASP C 131 2.29 -11.43 -24.54
CA ASP C 131 0.96 -11.78 -25.07
C ASP C 131 -0.09 -11.12 -24.16
N ALA C 132 -1.08 -10.52 -24.73
CA ALA C 132 -2.12 -9.83 -24.02
C ALA C 132 -3.08 -10.84 -23.35
N LYS C 133 -3.03 -12.04 -23.87
CA LYS C 133 -3.90 -13.13 -23.40
C LYS C 133 -3.28 -13.95 -22.30
N THR C 134 -2.00 -14.18 -22.38
CA THR C 134 -1.28 -15.02 -21.42
C THR C 134 -0.06 -14.48 -20.74
N GLY C 135 0.46 -13.33 -21.09
CA GLY C 135 1.61 -12.79 -20.36
C GLY C 135 2.93 -13.39 -20.69
N LYS C 136 2.93 -14.25 -21.67
CA LYS C 136 4.19 -14.88 -22.16
C LYS C 136 4.99 -13.76 -22.87
N ILE C 137 6.25 -13.64 -22.56
CA ILE C 137 7.15 -12.65 -23.12
C ILE C 137 7.55 -13.05 -24.53
N ASN C 138 7.38 -12.12 -25.46
CA ASN C 138 7.67 -12.32 -26.89
C ASN C 138 9.09 -11.85 -27.23
N TRP C 139 9.47 -10.76 -26.56
CA TRP C 139 10.80 -10.15 -26.78
C TRP C 139 11.04 -9.22 -25.59
N GLU C 140 12.31 -9.07 -25.27
CA GLU C 140 12.75 -8.21 -24.16
C GLU C 140 14.12 -7.64 -24.51
N VAL C 141 14.20 -6.31 -24.62
CA VAL C 141 15.48 -5.62 -24.95
C VAL C 141 15.87 -4.50 -24.04
N GLU C 142 17.14 -4.13 -23.97
CA GLU C 142 17.63 -3.01 -23.14
C GLU C 142 17.49 -1.73 -23.94
N VAL C 143 17.03 -0.67 -23.30
CA VAL C 143 16.78 0.63 -23.93
C VAL C 143 17.67 1.69 -23.29
N CYS C 144 17.76 1.60 -21.98
CA CYS C 144 18.53 2.56 -21.17
C CYS C 144 19.43 1.78 -20.21
N ASP C 145 20.42 2.45 -19.74
CA ASP C 145 21.39 1.91 -18.81
C ASP C 145 21.50 2.75 -17.52
N PRO C 146 20.96 2.18 -16.46
CA PRO C 146 20.96 2.77 -15.13
C PRO C 146 22.35 3.10 -14.63
N LYS C 147 23.37 2.48 -15.21
CA LYS C 147 24.74 2.78 -14.77
C LYS C 147 25.21 4.18 -15.14
N VAL C 148 24.69 4.78 -16.16
CA VAL C 148 25.06 6.14 -16.59
C VAL C 148 23.93 7.13 -16.21
N GLY C 149 22.93 6.67 -15.48
CA GLY C 149 21.83 7.47 -14.96
C GLY C 149 20.54 7.53 -15.73
N SER C 150 20.37 6.60 -16.64
CA SER C 150 19.28 6.43 -17.58
C SER C 150 18.32 5.32 -17.15
N THR C 151 17.06 5.72 -17.04
CA THR C 151 15.97 4.85 -16.55
C THR C 151 14.74 5.11 -17.37
N LEU C 152 13.75 4.25 -17.22
CA LEU C 152 12.51 4.40 -18.05
C LEU C 152 11.33 4.71 -17.15
N THR C 153 10.45 5.64 -17.50
CA THR C 153 9.26 6.02 -16.76
C THR C 153 8.05 6.29 -17.64
N GLN C 154 8.26 6.77 -18.84
CA GLN C 154 7.10 7.16 -19.67
C GLN C 154 6.41 5.93 -20.23
N ALA C 155 5.22 6.22 -20.79
CA ALA C 155 4.46 5.17 -21.43
C ALA C 155 4.98 5.04 -22.88
N PRO C 156 5.22 3.79 -23.32
CA PRO C 156 5.62 3.53 -24.68
C PRO C 156 4.50 4.06 -25.59
N PHE C 157 4.84 4.33 -26.85
CA PHE C 157 3.80 4.83 -27.80
C PHE C 157 3.89 3.90 -29.01
N VAL C 158 2.75 3.42 -29.44
CA VAL C 158 2.67 2.48 -30.58
C VAL C 158 1.94 3.15 -31.73
N ALA C 159 2.52 3.00 -32.89
CA ALA C 159 1.97 3.61 -34.13
C ALA C 159 2.53 2.80 -35.30
N LYS C 160 1.53 2.18 -35.94
CA LYS C 160 1.87 1.33 -37.08
C LYS C 160 2.61 0.15 -36.49
N ASP C 161 3.77 -0.10 -37.04
CA ASP C 161 4.59 -1.26 -36.60
C ASP C 161 5.72 -0.80 -35.73
N THR C 162 5.55 0.35 -35.10
CA THR C 162 6.69 0.83 -34.27
C THR C 162 6.29 1.29 -32.89
N VAL C 163 7.24 1.14 -31.98
CA VAL C 163 7.11 1.52 -30.57
C VAL C 163 8.22 2.50 -30.23
N LEU C 164 7.79 3.68 -29.81
CA LEU C 164 8.65 4.81 -29.42
C LEU C 164 8.81 4.75 -27.88
N MET C 165 10.04 4.99 -27.50
CA MET C 165 10.42 4.94 -26.09
C MET C 165 11.65 5.80 -25.85
N GLY C 166 11.53 6.66 -24.83
CA GLY C 166 12.72 7.46 -24.51
C GLY C 166 13.04 7.31 -23.02
N CYS C 167 14.30 7.35 -22.69
CA CYS C 167 14.84 7.26 -21.34
C CYS C 167 14.82 8.63 -20.62
N SER C 168 14.90 8.55 -19.30
CA SER C 168 14.91 9.66 -18.34
C SER C 168 16.28 9.84 -17.73
N GLY C 169 16.59 11.02 -17.20
CA GLY C 169 17.93 11.16 -16.65
C GLY C 169 18.60 12.48 -16.92
N ALA C 170 17.90 13.48 -17.42
CA ALA C 170 18.54 14.77 -17.64
C ALA C 170 19.13 15.25 -16.30
N GLU C 171 18.54 14.85 -15.17
CA GLU C 171 19.11 15.28 -13.91
C GLU C 171 20.46 14.61 -13.66
N LEU C 172 20.80 13.64 -14.48
CA LEU C 172 22.10 12.96 -14.34
C LEU C 172 22.94 13.10 -15.64
N GLY C 173 22.67 14.13 -16.42
CA GLY C 173 23.40 14.42 -17.64
C GLY C 173 23.09 13.53 -18.80
N VAL C 174 22.01 12.78 -18.80
CA VAL C 174 21.66 11.87 -19.90
C VAL C 174 21.28 12.71 -21.13
N ARG C 175 21.83 12.26 -22.22
CA ARG C 175 21.58 12.90 -23.54
C ARG C 175 20.33 12.19 -24.05
N GLY C 176 19.28 13.00 -24.20
CA GLY C 176 18.00 12.45 -24.60
C GLY C 176 17.93 11.93 -26.04
N ALA C 177 17.03 10.97 -26.23
CA ALA C 177 16.78 10.42 -27.56
C ALA C 177 15.44 9.68 -27.62
N VAL C 178 14.82 9.75 -28.77
CA VAL C 178 13.61 8.94 -28.95
C VAL C 178 14.15 7.67 -29.68
N ASN C 179 13.81 6.52 -29.17
CA ASN C 179 14.18 5.21 -29.68
C ASN C 179 12.89 4.62 -30.28
N ALA C 180 13.03 4.09 -31.48
CA ALA C 180 11.92 3.46 -32.24
C ALA C 180 12.25 1.99 -32.39
N PHE C 181 11.30 1.14 -32.01
CA PHE C 181 11.51 -0.31 -32.04
C PHE C 181 10.41 -1.01 -32.83
N ASP C 182 10.82 -2.16 -33.35
CA ASP C 182 9.90 -3.00 -34.17
C ASP C 182 8.90 -3.64 -33.20
N LEU C 183 7.64 -3.43 -33.42
CA LEU C 183 6.56 -3.97 -32.57
C LEU C 183 6.55 -5.49 -32.43
N LYS C 184 6.89 -6.16 -33.54
CA LYS C 184 6.93 -7.58 -33.62
C LYS C 184 8.23 -8.20 -33.18
N THR C 185 9.33 -7.47 -33.32
CA THR C 185 10.63 -8.10 -32.97
C THR C 185 11.44 -7.43 -31.90
N GLY C 186 11.14 -6.15 -31.65
CA GLY C 186 11.88 -5.42 -30.62
C GLY C 186 13.24 -5.00 -31.14
N GLU C 187 13.51 -5.17 -32.41
CA GLU C 187 14.80 -4.71 -32.99
C GLU C 187 14.66 -3.21 -33.21
N LEU C 188 15.75 -2.51 -32.99
CA LEU C 188 15.91 -1.06 -33.08
C LEU C 188 15.79 -0.56 -34.49
N LYS C 189 15.00 0.48 -34.73
CA LYS C 189 14.84 0.94 -36.14
C LYS C 189 15.79 2.09 -36.35
N TRP C 190 15.73 3.02 -35.42
CA TRP C 190 16.57 4.22 -35.42
C TRP C 190 16.39 4.87 -34.07
N ARG C 191 17.16 5.91 -33.90
CA ARG C 191 17.16 6.70 -32.65
C ARG C 191 17.51 8.14 -33.04
N ALA C 192 16.70 9.04 -32.52
CA ALA C 192 16.82 10.47 -32.78
C ALA C 192 17.14 11.19 -31.46
N PHE C 193 18.38 11.59 -31.37
CA PHE C 193 18.97 12.30 -30.24
C PHE C 193 18.51 13.76 -30.20
N ALA C 194 18.57 14.39 -29.05
CA ALA C 194 18.14 15.81 -28.97
C ALA C 194 19.28 16.75 -29.09
N THR C 195 20.50 16.28 -29.08
CA THR C 195 21.70 17.08 -29.19
C THR C 195 22.72 16.41 -30.10
N GLY C 196 23.66 17.24 -30.57
CA GLY C 196 24.75 16.76 -31.42
C GLY C 196 24.47 17.07 -32.89
N SER C 197 25.10 16.24 -33.70
CA SER C 197 24.99 16.42 -35.17
C SER C 197 23.58 16.13 -35.67
N ASP C 198 23.31 16.72 -36.84
CA ASP C 198 22.04 16.65 -37.53
C ASP C 198 21.74 15.19 -37.91
N ASP C 199 22.83 14.50 -38.10
CA ASP C 199 22.68 13.07 -38.43
C ASP C 199 22.15 12.31 -37.21
N SER C 200 22.65 12.72 -36.06
CA SER C 200 22.23 12.05 -34.79
C SER C 200 20.86 12.58 -34.41
N VAL C 201 20.63 13.88 -34.63
CA VAL C 201 19.33 14.49 -34.37
C VAL C 201 18.29 14.08 -35.40
N ARG C 202 18.70 13.53 -36.50
CA ARG C 202 17.93 13.07 -37.65
C ARG C 202 16.99 14.11 -38.18
N LEU C 203 17.59 15.10 -38.84
CA LEU C 203 16.83 16.22 -39.46
C LEU C 203 16.58 15.94 -40.94
N ALA C 204 15.41 16.13 -41.50
CA ALA C 204 15.18 15.91 -42.93
C ALA C 204 15.76 17.11 -43.75
N LYS C 205 15.97 16.86 -45.03
CA LYS C 205 16.50 17.83 -45.98
C LYS C 205 15.77 19.17 -45.90
N ASP C 206 14.46 19.17 -45.67
CA ASP C 206 13.67 20.36 -45.56
C ASP C 206 13.24 20.73 -44.14
N PHE C 207 14.04 20.44 -43.18
CA PHE C 207 13.73 20.74 -41.76
C PHE C 207 13.49 22.25 -41.65
N ASN C 208 12.41 22.65 -41.09
CA ASN C 208 12.03 24.05 -40.85
C ASN C 208 11.98 24.93 -42.09
N SER C 209 11.73 24.30 -43.23
CA SER C 209 11.64 25.09 -44.48
C SER C 209 10.58 26.17 -44.37
N ALA C 210 9.52 26.05 -43.60
CA ALA C 210 8.50 27.11 -43.50
C ALA C 210 8.88 28.13 -42.44
N ASN C 211 9.86 27.81 -41.61
CA ASN C 211 10.20 28.78 -40.54
C ASN C 211 11.70 28.73 -40.30
N PRO C 212 12.42 29.22 -41.28
CA PRO C 212 13.87 29.28 -41.26
C PRO C 212 14.41 29.99 -40.04
N HIS C 213 13.61 30.93 -39.51
CA HIS C 213 14.04 31.66 -38.30
C HIS C 213 14.10 30.82 -37.04
N TYR C 214 13.53 29.61 -37.06
CA TYR C 214 13.51 28.72 -35.88
C TYR C 214 14.92 28.10 -35.71
N GLY C 215 15.64 28.19 -36.81
CA GLY C 215 16.98 27.61 -36.86
C GLY C 215 16.85 26.33 -37.68
N GLN C 216 17.95 26.03 -38.35
CA GLN C 216 17.96 24.78 -39.16
C GLN C 216 19.08 23.81 -38.82
N PHE C 217 20.14 23.80 -39.62
CA PHE C 217 21.23 22.87 -39.52
C PHE C 217 22.45 23.30 -38.74
N GLY C 218 23.10 22.30 -38.13
CA GLY C 218 24.30 22.51 -37.31
C GLY C 218 24.10 23.12 -35.95
N LEU C 219 22.88 23.33 -35.47
CA LEU C 219 22.66 23.96 -34.17
C LEU C 219 22.73 23.03 -32.97
N GLY C 220 22.75 21.75 -33.15
CA GLY C 220 22.77 20.85 -31.96
C GLY C 220 24.21 20.73 -31.51
N THR C 221 25.08 21.50 -32.14
CA THR C 221 26.54 21.36 -31.74
C THR C 221 27.01 22.76 -31.53
N LYS C 222 26.53 23.56 -32.47
CA LYS C 222 26.89 25.01 -32.53
C LYS C 222 26.29 25.80 -31.40
N THR C 223 25.16 25.37 -30.78
CA THR C 223 24.62 26.13 -29.67
C THR C 223 25.13 25.68 -28.30
N TRP C 224 26.27 25.08 -28.24
CA TRP C 224 26.92 24.56 -27.02
C TRP C 224 28.39 24.94 -27.19
N GLU C 225 29.14 24.87 -26.12
CA GLU C 225 30.59 25.21 -26.19
C GLU C 225 31.29 23.87 -26.02
N GLY C 226 32.03 23.44 -27.03
CA GLY C 226 32.76 22.21 -27.04
C GLY C 226 31.77 21.04 -27.05
N ASP C 227 32.19 20.10 -26.21
CA ASP C 227 31.51 18.84 -25.99
C ASP C 227 30.43 18.82 -24.95
N ALA C 228 30.01 19.93 -24.45
CA ALA C 228 28.97 19.99 -23.40
C ALA C 228 27.66 19.33 -23.80
N TRP C 229 27.43 19.19 -25.11
CA TRP C 229 26.18 18.61 -25.59
C TRP C 229 26.08 17.10 -25.33
N LYS C 230 27.21 16.45 -25.18
CA LYS C 230 27.35 15.02 -24.92
C LYS C 230 26.62 14.62 -23.64
N ILE C 231 26.50 15.48 -22.68
CA ILE C 231 25.77 15.28 -21.44
C ILE C 231 24.77 16.47 -21.31
N GLY C 232 24.21 16.85 -22.44
CA GLY C 232 23.33 17.93 -22.65
C GLY C 232 21.88 17.86 -22.35
N GLY C 233 21.41 16.73 -21.87
CA GLY C 233 20.04 16.43 -21.50
C GLY C 233 19.14 16.28 -22.72
N GLY C 234 17.94 16.82 -22.57
CA GLY C 234 16.92 16.77 -23.61
C GLY C 234 16.15 15.49 -23.68
N THR C 235 16.09 14.72 -22.60
CA THR C 235 15.33 13.42 -22.55
C THR C 235 13.87 13.66 -22.81
N ASN C 236 13.17 12.68 -23.44
CA ASN C 236 11.72 12.94 -23.64
C ASN C 236 11.03 11.86 -22.82
N TRP C 237 10.39 12.24 -21.74
CA TRP C 237 9.75 11.29 -20.83
C TRP C 237 8.28 11.67 -20.66
N GLY C 238 7.77 12.37 -21.64
CA GLY C 238 6.35 12.82 -21.55
C GLY C 238 5.41 11.98 -22.38
N TRP C 239 4.55 12.67 -23.12
CA TRP C 239 3.54 12.07 -23.99
C TRP C 239 3.79 12.37 -25.45
N TYR C 240 3.27 11.54 -26.35
CA TYR C 240 3.38 11.60 -27.79
C TYR C 240 2.04 11.86 -28.45
N ALA C 241 2.01 12.18 -29.72
CA ALA C 241 0.75 12.32 -30.48
C ALA C 241 1.12 11.89 -31.93
N TYR C 242 0.11 11.50 -32.68
CA TYR C 242 0.30 11.01 -34.04
C TYR C 242 -0.83 11.38 -34.99
N ASP C 243 -0.45 11.87 -36.15
CA ASP C 243 -1.37 12.20 -37.24
C ASP C 243 -1.15 11.12 -38.35
N PRO C 244 -2.09 10.26 -38.49
CA PRO C 244 -1.97 9.17 -39.49
C PRO C 244 -1.97 9.70 -40.90
N LYS C 245 -2.79 10.71 -41.21
CA LYS C 245 -2.80 11.29 -42.55
C LYS C 245 -1.41 11.82 -42.89
N LEU C 246 -0.83 12.57 -41.97
CA LEU C 246 0.48 13.16 -42.21
C LEU C 246 1.63 12.22 -41.90
N ASN C 247 1.43 11.10 -41.22
CA ASN C 247 2.50 10.19 -40.83
C ASN C 247 3.54 10.86 -39.93
N LEU C 248 3.17 11.92 -39.27
CA LEU C 248 4.05 12.59 -38.31
C LEU C 248 3.62 12.21 -36.87
N PHE C 249 4.60 12.22 -36.01
CA PHE C 249 4.50 11.97 -34.56
C PHE C 249 5.11 13.23 -33.95
N TYR C 250 4.54 13.57 -32.80
CA TYR C 250 4.94 14.80 -32.07
C TYR C 250 5.30 14.54 -30.65
N TYR C 251 6.26 15.31 -30.13
CA TYR C 251 6.67 15.14 -28.72
C TYR C 251 7.60 16.32 -28.39
N GLY C 252 7.89 16.57 -27.15
CA GLY C 252 8.79 17.59 -26.67
C GLY C 252 10.03 16.93 -26.04
N SER C 253 11.21 17.51 -26.29
CA SER C 253 12.44 16.97 -25.66
C SER C 253 12.61 17.85 -24.42
N GLY C 254 13.23 17.31 -23.39
CA GLY C 254 13.42 17.92 -22.11
C GLY C 254 14.46 18.97 -21.91
N ASN C 255 14.72 19.23 -20.63
CA ASN C 255 15.63 20.27 -20.18
C ASN C 255 17.07 19.89 -20.44
N PRO C 256 17.89 20.91 -20.68
CA PRO C 256 19.33 20.69 -20.90
C PRO C 256 19.93 20.48 -19.52
N ALA C 257 21.10 19.95 -19.39
CA ALA C 257 21.83 19.70 -18.12
C ALA C 257 23.16 20.47 -18.16
N PRO C 258 23.70 20.94 -17.07
CA PRO C 258 23.17 20.86 -15.69
C PRO C 258 22.08 21.89 -15.49
N TRP C 259 21.61 22.11 -14.30
CA TRP C 259 20.54 23.10 -14.06
C TRP C 259 21.19 24.49 -14.03
N ASN C 260 22.45 24.45 -13.72
CA ASN C 260 23.38 25.57 -13.64
C ASN C 260 23.68 26.00 -15.11
N GLU C 261 22.99 27.03 -15.48
CA GLU C 261 22.98 27.66 -16.77
C GLU C 261 24.31 28.22 -17.17
N THR C 262 25.08 28.69 -16.20
CA THR C 262 26.38 29.23 -16.40
C THR C 262 27.37 28.20 -16.91
N MET C 263 27.12 26.93 -16.75
CA MET C 263 28.04 25.85 -17.12
C MET C 263 27.81 25.39 -18.55
N ARG C 264 26.80 25.92 -19.19
CA ARG C 264 26.44 25.57 -20.58
C ARG C 264 25.93 26.79 -21.35
N PRO C 265 26.80 27.73 -21.66
CA PRO C 265 26.42 28.89 -22.52
C PRO C 265 25.99 28.31 -23.87
N GLY C 266 24.97 28.91 -24.45
CA GLY C 266 24.43 28.47 -25.72
C GLY C 266 22.91 28.28 -25.58
N ASP C 267 22.25 28.29 -26.73
CA ASP C 267 20.79 28.12 -26.84
C ASP C 267 20.52 26.66 -26.42
N ASN C 268 21.55 25.86 -26.43
CA ASN C 268 21.40 24.42 -26.03
C ASN C 268 20.36 23.66 -26.84
N LYS C 269 20.40 23.71 -28.14
CA LYS C 269 19.47 23.05 -29.06
C LYS C 269 19.93 21.61 -29.25
N TRP C 270 19.03 20.69 -29.52
CA TRP C 270 17.59 20.94 -29.66
C TRP C 270 16.80 20.49 -28.42
N THR C 271 17.28 20.85 -27.25
CA THR C 271 16.53 20.58 -26.03
C THR C 271 15.39 21.62 -26.08
N MET C 272 14.40 21.44 -25.25
CA MET C 272 13.20 22.28 -25.08
C MET C 272 12.44 22.53 -26.40
N THR C 273 12.44 21.58 -27.28
CA THR C 273 11.85 21.59 -28.60
C THR C 273 10.62 20.76 -28.85
N ILE C 274 9.64 21.37 -29.55
CA ILE C 274 8.45 20.59 -29.92
C ILE C 274 8.77 19.96 -31.31
N TRP C 275 8.63 18.71 -31.53
CA TRP C 275 8.93 18.07 -32.80
C TRP C 275 7.76 17.49 -33.61
N GLY C 276 7.99 17.54 -34.89
CA GLY C 276 7.09 16.94 -35.94
C GLY C 276 8.07 15.99 -36.67
N ARG C 277 8.08 14.70 -36.39
CA ARG C 277 8.99 13.77 -37.05
C ARG C 277 8.22 12.65 -37.79
N ASP C 278 8.85 12.23 -38.88
CA ASP C 278 8.31 11.15 -39.74
C ASP C 278 8.43 9.87 -38.93
N LEU C 279 7.34 9.15 -38.84
CA LEU C 279 7.27 7.91 -38.08
C LEU C 279 8.15 6.81 -38.62
N ASP C 280 8.14 6.64 -39.92
CA ASP C 280 8.95 5.55 -40.51
C ASP C 280 10.44 5.80 -40.51
N THR C 281 10.91 7.00 -40.70
CA THR C 281 12.36 7.29 -40.76
C THR C 281 12.88 7.95 -39.50
N GLY C 282 11.96 8.62 -38.82
CA GLY C 282 12.23 9.36 -37.60
C GLY C 282 12.88 10.71 -37.92
N MET C 283 12.79 11.15 -39.16
CA MET C 283 13.40 12.46 -39.52
C MET C 283 12.50 13.65 -39.26
N ALA C 284 13.05 14.63 -38.59
CA ALA C 284 12.29 15.83 -38.24
C ALA C 284 11.96 16.66 -39.46
N LYS C 285 10.71 17.00 -39.54
CA LYS C 285 10.11 17.82 -40.58
C LYS C 285 10.16 19.26 -40.11
N TRP C 286 9.91 19.41 -38.82
CA TRP C 286 9.95 20.72 -38.14
C TRP C 286 10.36 20.52 -36.67
N GLY C 287 10.84 21.60 -36.08
CA GLY C 287 11.34 21.73 -34.75
C GLY C 287 11.23 23.10 -34.16
N TYR C 288 10.43 23.23 -33.10
CA TYR C 288 10.30 24.58 -32.48
C TYR C 288 10.87 24.60 -31.09
N GLN C 289 11.96 25.31 -30.90
CA GLN C 289 12.58 25.47 -29.59
C GLN C 289 11.87 26.56 -28.81
N LYS C 290 11.11 26.05 -27.86
CA LYS C 290 10.35 26.91 -26.95
C LYS C 290 11.18 27.73 -26.01
N THR C 291 12.16 27.09 -25.40
CA THR C 291 13.02 27.72 -24.41
C THR C 291 14.52 27.59 -24.69
N PRO C 292 15.02 28.56 -25.44
CA PRO C 292 16.47 28.61 -25.69
C PRO C 292 17.18 28.82 -24.35
N HIS C 293 18.25 28.12 -24.12
CA HIS C 293 19.12 28.22 -22.91
C HIS C 293 18.36 28.34 -21.62
N ASP C 294 17.67 27.27 -21.35
CA ASP C 294 16.82 27.12 -20.14
C ASP C 294 17.64 27.51 -18.91
N GLU C 295 16.99 28.27 -18.07
CA GLU C 295 17.67 28.66 -16.81
C GLU C 295 16.82 28.25 -15.60
N TRP C 296 15.77 27.49 -15.86
CA TRP C 296 14.82 27.08 -14.86
C TRP C 296 14.37 25.63 -14.81
N ASP C 297 14.86 24.68 -15.54
CA ASP C 297 14.40 23.30 -15.54
C ASP C 297 12.97 23.25 -16.10
N PHE C 298 12.62 24.05 -17.07
CA PHE C 298 11.26 23.94 -17.68
C PHE C 298 11.17 22.75 -18.65
N ALA C 299 11.57 21.55 -18.25
CA ALA C 299 11.52 20.39 -19.18
C ALA C 299 10.32 20.39 -20.09
N GLY C 300 10.54 20.44 -21.39
CA GLY C 300 9.43 20.53 -22.36
C GLY C 300 8.80 19.28 -22.86
N VAL C 301 8.41 18.37 -22.04
CA VAL C 301 7.87 17.05 -22.40
C VAL C 301 6.38 16.94 -22.32
N ASN C 302 5.71 18.02 -21.97
CA ASN C 302 4.25 17.97 -21.79
C ASN C 302 3.55 17.42 -23.00
N GLN C 303 2.33 17.02 -22.71
CA GLN C 303 1.41 16.41 -23.68
C GLN C 303 1.16 17.34 -24.88
N MET C 304 1.01 16.66 -26.01
CA MET C 304 0.73 17.34 -27.28
C MET C 304 -0.73 16.97 -27.63
N VAL C 305 -1.52 17.95 -27.93
CA VAL C 305 -2.93 17.68 -28.31
C VAL C 305 -3.18 18.14 -29.75
N LEU C 306 -3.65 17.23 -30.59
CA LEU C 306 -3.95 17.59 -31.96
C LEU C 306 -5.43 17.86 -32.10
N THR C 307 -5.78 18.96 -32.66
CA THR C 307 -7.17 19.36 -32.94
C THR C 307 -7.22 20.03 -34.30
N ASP C 308 -8.35 19.95 -34.92
CA ASP C 308 -8.74 20.54 -36.20
C ASP C 308 -9.73 21.66 -35.92
N GLN C 309 -9.28 22.91 -35.92
CA GLN C 309 -10.19 24.02 -35.63
C GLN C 309 -9.89 25.20 -36.57
N PRO C 310 -10.89 26.05 -36.67
CA PRO C 310 -10.82 27.25 -37.49
C PRO C 310 -10.05 28.34 -36.77
N VAL C 311 -9.13 28.95 -37.46
CA VAL C 311 -8.29 30.07 -37.00
C VAL C 311 -8.59 31.17 -37.99
N ASN C 312 -9.24 32.21 -37.48
CA ASN C 312 -9.57 33.32 -38.44
C ASN C 312 -10.40 32.75 -39.61
N GLY C 313 -11.24 31.79 -39.28
CA GLY C 313 -12.12 31.15 -40.27
C GLY C 313 -11.53 30.02 -41.05
N LYS C 314 -10.26 29.73 -41.02
CA LYS C 314 -9.69 28.62 -41.77
C LYS C 314 -9.41 27.39 -40.89
N MET C 315 -10.16 26.36 -41.23
CA MET C 315 -10.03 25.06 -40.56
C MET C 315 -8.55 24.73 -40.60
N THR C 316 -7.90 24.55 -39.48
CA THR C 316 -6.43 24.29 -39.47
C THR C 316 -6.10 23.09 -38.61
N PRO C 317 -5.10 22.34 -39.08
CA PRO C 317 -4.60 21.14 -38.38
C PRO C 317 -3.66 21.72 -37.30
N LEU C 318 -4.08 21.57 -36.06
CA LEU C 318 -3.34 22.17 -34.95
C LEU C 318 -2.72 21.15 -33.99
N LEU C 319 -1.75 21.66 -33.24
CA LEU C 319 -1.03 21.07 -32.15
C LEU C 319 -1.07 22.11 -31.01
N SER C 320 -1.55 21.74 -29.82
CA SER C 320 -1.59 22.71 -28.71
C SER C 320 -0.74 22.07 -27.62
N HIS C 321 -0.29 22.89 -26.71
CA HIS C 321 0.59 22.38 -25.65
C HIS C 321 0.89 23.47 -24.64
N ILE C 322 0.90 23.08 -23.38
CA ILE C 322 1.19 23.94 -22.21
C ILE C 322 2.51 23.43 -21.67
N ASP C 323 3.52 24.26 -21.71
CA ASP C 323 4.87 23.90 -21.27
C ASP C 323 5.04 24.28 -19.81
N ARG C 324 6.09 23.76 -19.23
CA ARG C 324 6.47 24.03 -17.85
C ARG C 324 6.66 25.52 -17.68
N ASN C 325 7.13 26.16 -18.74
CA ASN C 325 7.42 27.61 -18.78
C ASN C 325 6.23 28.50 -18.57
N GLY C 326 5.03 27.94 -18.59
CA GLY C 326 3.80 28.69 -18.35
C GLY C 326 3.10 29.28 -19.56
N ILE C 327 3.52 28.87 -20.73
CA ILE C 327 3.03 29.31 -22.01
C ILE C 327 2.17 28.24 -22.67
N LEU C 328 1.02 28.65 -23.15
CA LEU C 328 0.12 27.76 -23.93
C LEU C 328 0.55 28.07 -25.40
N TYR C 329 0.91 27.06 -26.15
CA TYR C 329 1.34 27.09 -27.51
C TYR C 329 0.39 26.32 -28.42
N THR C 330 0.11 26.95 -29.56
CA THR C 330 -0.70 26.41 -30.63
C THR C 330 0.11 26.69 -31.92
N LEU C 331 0.38 25.67 -32.66
CA LEU C 331 1.05 25.66 -33.94
C LEU C 331 0.21 24.88 -34.99
N ASN C 332 0.61 25.06 -36.22
CA ASN C 332 0.00 24.30 -37.34
C ASN C 332 0.82 22.98 -37.33
N ARG C 333 0.14 21.85 -37.24
CA ARG C 333 0.89 20.59 -37.10
C ARG C 333 1.60 20.12 -38.34
N GLU C 334 1.18 20.69 -39.49
CA GLU C 334 1.87 20.27 -40.71
C GLU C 334 3.23 20.95 -40.87
N ASN C 335 3.29 22.23 -40.57
CA ASN C 335 4.46 23.07 -40.79
C ASN C 335 5.17 23.72 -39.63
N GLY C 336 4.66 23.63 -38.43
CA GLY C 336 5.36 24.24 -37.29
C GLY C 336 5.09 25.71 -37.11
N ASN C 337 4.20 26.24 -37.95
CA ASN C 337 3.91 27.70 -37.83
C ASN C 337 3.38 27.97 -36.41
N LEU C 338 3.80 29.03 -35.81
CA LEU C 338 3.36 29.43 -34.45
C LEU C 338 2.14 30.29 -34.54
N ILE C 339 1.05 29.97 -33.93
CA ILE C 339 -0.18 30.73 -33.92
C ILE C 339 -0.49 31.37 -32.58
N VAL C 340 -0.36 30.57 -31.52
CA VAL C 340 -0.64 31.10 -30.14
C VAL C 340 0.58 30.78 -29.29
N ALA C 341 0.95 31.73 -28.50
CA ALA C 341 2.03 31.69 -27.53
C ALA C 341 1.67 32.64 -26.38
N GLU C 342 0.74 32.18 -25.58
CA GLU C 342 0.14 32.91 -24.45
C GLU C 342 0.31 32.40 -23.04
N LYS C 343 0.32 33.31 -22.05
CA LYS C 343 0.51 32.95 -20.65
C LYS C 343 -0.73 32.23 -20.11
N VAL C 344 -0.48 31.12 -19.40
CA VAL C 344 -1.62 30.41 -18.83
C VAL C 344 -2.07 31.08 -17.54
N ASP C 345 -1.25 31.99 -17.05
CA ASP C 345 -1.50 32.75 -15.83
C ASP C 345 -0.58 33.99 -15.90
N PRO C 346 -1.20 35.08 -15.46
CA PRO C 346 -0.51 36.38 -15.46
C PRO C 346 0.73 36.38 -14.59
N ALA C 347 0.82 35.46 -13.66
CA ALA C 347 2.01 35.39 -12.79
C ALA C 347 3.26 34.95 -13.58
N VAL C 348 3.18 34.48 -14.81
CA VAL C 348 4.41 34.09 -15.54
C VAL C 348 5.28 35.33 -15.64
N ASN C 349 6.51 35.28 -15.18
CA ASN C 349 7.39 36.45 -15.19
C ASN C 349 8.75 36.16 -15.81
N VAL C 350 9.14 34.93 -16.10
CA VAL C 350 10.47 34.68 -16.72
C VAL C 350 10.59 35.37 -18.09
N PHE C 351 9.42 35.54 -18.71
CA PHE C 351 9.36 36.15 -20.04
C PHE C 351 8.32 37.29 -19.98
N LYS C 352 8.58 38.32 -20.74
CA LYS C 352 7.62 39.45 -20.83
C LYS C 352 6.47 38.95 -21.70
N LYS C 353 6.88 38.07 -22.63
CA LYS C 353 6.00 37.42 -23.58
C LYS C 353 6.75 36.62 -24.61
N VAL C 354 6.07 36.04 -25.55
CA VAL C 354 6.70 35.28 -26.66
C VAL C 354 6.33 36.10 -27.95
N ASP C 355 7.42 36.49 -28.63
CA ASP C 355 7.25 37.28 -29.85
C ASP C 355 6.87 36.36 -31.00
N LEU C 356 5.63 36.48 -31.50
CA LEU C 356 5.24 35.59 -32.60
C LEU C 356 6.08 35.79 -33.82
N LYS C 357 6.68 36.99 -33.99
CA LYS C 357 7.48 37.18 -35.24
C LYS C 357 8.87 36.59 -35.11
N THR C 358 9.50 36.80 -33.99
CA THR C 358 10.85 36.26 -33.77
C THR C 358 10.75 34.83 -33.32
N GLY C 359 9.62 34.47 -32.77
CA GLY C 359 9.28 33.13 -32.31
C GLY C 359 10.02 32.70 -31.05
N THR C 360 10.63 33.69 -30.40
CA THR C 360 11.38 33.44 -29.19
C THR C 360 10.81 34.27 -28.05
N PRO C 361 11.04 33.80 -26.85
CA PRO C 361 10.67 34.47 -25.64
C PRO C 361 11.49 35.74 -25.42
N VAL C 362 10.75 36.78 -25.01
CA VAL C 362 11.44 38.08 -24.69
C VAL C 362 11.74 37.92 -23.19
N ARG C 363 12.96 37.66 -22.90
CA ARG C 363 13.39 37.44 -21.50
C ARG C 363 13.37 38.69 -20.63
N ASP C 364 13.00 38.48 -19.37
CA ASP C 364 13.00 39.46 -18.30
C ASP C 364 14.23 39.03 -17.42
N PRO C 365 15.29 39.84 -17.52
CA PRO C 365 16.54 39.62 -16.82
C PRO C 365 16.41 39.51 -15.33
N GLU C 366 15.36 40.19 -14.86
CA GLU C 366 15.09 40.19 -13.41
C GLU C 366 14.76 38.82 -12.84
N PHE C 367 14.30 37.90 -13.65
CA PHE C 367 13.90 36.53 -13.27
C PHE C 367 14.77 35.49 -13.92
N ALA C 368 15.97 35.90 -14.32
CA ALA C 368 16.89 34.91 -14.93
C ALA C 368 17.62 34.23 -13.79
N THR C 369 18.36 33.19 -14.10
CA THR C 369 19.18 32.51 -13.08
C THR C 369 20.64 32.64 -13.59
N ARG C 370 21.60 32.58 -12.71
CA ARG C 370 23.00 32.72 -13.08
C ARG C 370 23.88 32.53 -11.84
N MET C 371 25.11 32.12 -12.09
CA MET C 371 26.02 31.87 -10.97
C MET C 371 26.13 33.12 -10.08
N ASP C 372 26.49 32.81 -8.83
CA ASP C 372 26.72 33.86 -7.84
C ASP C 372 25.55 34.80 -7.74
N HIS C 373 24.32 34.28 -7.85
CA HIS C 373 23.16 35.18 -7.71
C HIS C 373 21.97 34.33 -7.26
N LYS C 374 21.14 34.90 -6.41
CA LYS C 374 19.93 34.22 -5.96
C LYS C 374 18.73 34.93 -6.57
N GLY C 375 18.05 34.23 -7.42
CA GLY C 375 16.84 34.75 -8.14
C GLY C 375 15.68 34.37 -7.17
N THR C 376 14.78 35.33 -7.04
CA THR C 376 13.62 35.20 -6.17
C THR C 376 12.34 35.60 -6.91
N ASN C 377 11.29 34.95 -6.47
CA ASN C 377 9.93 35.21 -6.97
C ASN C 377 9.82 34.88 -8.45
N ILE C 378 10.54 33.85 -8.82
CA ILE C 378 10.50 33.34 -10.18
C ILE C 378 9.22 32.49 -10.38
N CYS C 379 8.52 32.84 -11.43
CA CYS C 379 7.29 32.11 -11.80
C CYS C 379 7.30 31.80 -13.32
N PRO C 380 7.12 30.54 -13.66
CA PRO C 380 6.92 29.41 -12.81
C PRO C 380 8.19 28.83 -12.22
N SER C 381 7.98 27.95 -11.26
CA SER C 381 9.05 27.21 -10.62
C SER C 381 9.41 26.06 -11.57
N ALA C 382 10.48 25.41 -11.21
CA ALA C 382 11.01 24.25 -11.89
C ALA C 382 9.90 23.24 -12.14
N MET C 383 9.01 23.07 -11.20
CA MET C 383 7.87 22.17 -11.24
C MET C 383 6.91 22.54 -12.38
N GLY C 384 6.98 23.79 -12.78
CA GLY C 384 6.23 24.39 -13.85
C GLY C 384 4.83 24.84 -13.50
N PHE C 385 4.16 25.44 -14.46
CA PHE C 385 2.76 25.86 -14.27
C PHE C 385 1.94 24.70 -14.80
N HIS C 386 2.64 23.75 -15.34
CA HIS C 386 2.05 22.52 -15.87
C HIS C 386 3.13 21.44 -15.89
N ASN C 387 2.80 20.22 -15.49
CA ASN C 387 3.77 19.11 -15.46
C ASN C 387 3.21 17.96 -16.26
N GLN C 388 3.56 16.76 -15.88
CA GLN C 388 3.17 15.51 -16.50
C GLN C 388 1.69 15.27 -16.64
N GLY C 389 0.79 16.08 -16.23
CA GLY C 389 -0.66 15.81 -16.38
C GLY C 389 -1.11 15.63 -17.81
N VAL C 390 -2.15 14.85 -18.00
CA VAL C 390 -2.83 14.59 -19.23
C VAL C 390 -4.22 15.25 -19.16
N ASP C 391 -4.34 16.35 -19.86
CA ASP C 391 -5.47 17.23 -20.05
C ASP C 391 -6.44 16.64 -21.08
N SER C 392 -7.64 17.18 -21.11
CA SER C 392 -8.72 16.73 -21.99
C SER C 392 -9.30 17.84 -22.85
N TYR C 393 -9.91 17.44 -23.97
CA TYR C 393 -10.48 18.45 -24.89
C TYR C 393 -11.89 18.03 -25.26
N ASP C 394 -12.79 18.97 -25.23
CA ASP C 394 -14.20 18.78 -25.60
C ASP C 394 -14.29 19.27 -27.07
N PRO C 395 -14.53 18.35 -27.96
CA PRO C 395 -14.65 18.67 -29.38
C PRO C 395 -15.84 19.53 -29.72
N GLU C 396 -16.87 19.54 -28.87
CA GLU C 396 -18.11 20.28 -29.09
C GLU C 396 -18.00 21.72 -28.70
N SER C 397 -17.57 22.01 -27.48
CA SER C 397 -17.39 23.39 -27.08
C SER C 397 -16.02 23.87 -27.55
N ARG C 398 -15.15 22.98 -27.95
CA ARG C 398 -13.79 23.28 -28.41
C ARG C 398 -12.93 23.96 -27.35
N THR C 399 -12.95 23.32 -26.17
CA THR C 399 -12.24 23.76 -24.98
C THR C 399 -11.32 22.65 -24.49
N LEU C 400 -10.18 23.05 -23.96
CA LEU C 400 -9.19 22.20 -23.33
C LEU C 400 -9.29 22.44 -21.81
N TYR C 401 -9.34 21.39 -21.03
CA TYR C 401 -9.45 21.54 -19.54
C TYR C 401 -8.10 21.14 -18.92
N ALA C 402 -7.40 22.17 -18.50
CA ALA C 402 -6.05 21.95 -18.01
C ALA C 402 -5.84 21.91 -16.54
N GLY C 403 -5.05 20.92 -16.09
CA GLY C 403 -4.71 20.85 -14.64
C GLY C 403 -3.36 21.60 -14.57
N LEU C 404 -3.32 22.76 -13.93
CA LEU C 404 -2.13 23.57 -13.76
C LEU C 404 -1.64 23.56 -12.29
N ASN C 405 -0.42 23.97 -12.16
CA ASN C 405 0.25 24.10 -10.87
C ASN C 405 0.47 25.64 -10.75
N HIS C 406 0.47 26.13 -9.58
CA HIS C 406 0.66 27.58 -9.31
C HIS C 406 1.74 27.68 -8.23
N ILE C 407 2.95 27.32 -8.68
CA ILE C 407 4.14 27.33 -7.82
C ILE C 407 5.28 28.19 -8.34
N CYS C 408 5.90 28.99 -7.53
CA CYS C 408 7.05 29.84 -7.88
C CYS C 408 8.24 29.41 -7.03
N MET C 409 9.42 30.02 -7.30
CA MET C 409 10.60 29.62 -6.53
C MET C 409 11.69 30.68 -6.41
N ASP C 410 12.69 30.34 -5.63
CA ASP C 410 13.94 31.11 -5.47
C ASP C 410 15.00 30.13 -6.06
N TRP C 411 16.05 30.63 -6.66
CA TRP C 411 17.03 29.58 -7.15
C TRP C 411 18.39 30.22 -7.23
N GLU C 412 19.42 29.45 -7.07
CA GLU C 412 20.83 29.86 -7.17
C GLU C 412 21.64 28.60 -7.49
N PRO C 413 22.37 28.66 -8.56
CA PRO C 413 23.20 27.53 -9.00
C PRO C 413 24.52 27.47 -8.27
N PHE C 414 25.24 26.39 -8.51
CA PHE C 414 26.55 26.10 -7.93
C PHE C 414 27.21 25.11 -8.92
N MET C 415 28.49 25.24 -8.96
CA MET C 415 29.43 24.53 -9.80
C MET C 415 29.55 23.11 -9.21
N LEU C 416 29.60 22.16 -10.10
CA LEU C 416 29.81 20.79 -9.81
C LEU C 416 30.35 20.03 -11.05
N PRO C 417 31.00 18.94 -10.70
CA PRO C 417 31.57 18.06 -11.68
C PRO C 417 30.50 17.08 -12.19
N TYR C 418 30.80 16.51 -13.34
CA TYR C 418 29.99 15.50 -13.98
C TYR C 418 30.81 14.19 -13.83
N ARG C 419 30.14 13.21 -13.32
CA ARG C 419 30.61 11.83 -13.06
C ARG C 419 29.42 10.97 -13.47
N ALA C 420 29.64 10.09 -14.41
CA ALA C 420 28.53 9.26 -14.95
C ALA C 420 27.89 8.41 -13.90
N GLY C 421 26.57 8.32 -13.95
CA GLY C 421 25.81 7.55 -12.98
C GLY C 421 25.55 8.34 -11.72
N GLN C 422 26.01 9.57 -11.62
CA GLN C 422 25.79 10.44 -10.44
C GLN C 422 24.97 11.67 -10.81
N PHE C 423 24.16 12.23 -9.92
CA PHE C 423 23.31 13.40 -10.16
C PHE C 423 24.13 14.54 -10.67
N PHE C 424 23.56 15.33 -11.58
CA PHE C 424 24.22 16.48 -12.23
C PHE C 424 23.25 17.65 -12.30
N VAL C 425 22.87 18.22 -11.17
CA VAL C 425 21.88 19.27 -11.09
C VAL C 425 22.52 20.64 -10.93
N GLY C 426 23.07 20.89 -9.74
CA GLY C 426 23.76 22.10 -9.41
C GLY C 426 22.88 23.29 -9.17
N ALA C 427 21.87 23.09 -8.31
CA ALA C 427 20.99 24.23 -7.95
C ALA C 427 20.34 24.01 -6.61
N THR C 428 20.09 25.08 -5.89
CA THR C 428 19.36 24.99 -4.59
C THR C 428 18.07 25.79 -4.80
N LEU C 429 16.90 25.29 -4.52
CA LEU C 429 15.68 26.07 -4.71
C LEU C 429 14.80 26.01 -3.45
N ALA C 430 13.84 26.90 -3.43
CA ALA C 430 12.81 26.89 -2.33
C ALA C 430 11.52 27.09 -3.15
N MET C 431 10.50 26.28 -3.02
CA MET C 431 9.34 26.59 -3.93
C MET C 431 8.17 26.98 -3.05
N TYR C 432 7.22 27.73 -3.61
CA TYR C 432 6.07 28.14 -2.75
C TYR C 432 4.90 28.49 -3.63
N PRO C 433 3.73 28.66 -3.07
CA PRO C 433 2.55 29.03 -3.84
C PRO C 433 2.80 30.27 -4.68
N GLY C 434 2.13 30.36 -5.83
CA GLY C 434 2.23 31.56 -6.66
C GLY C 434 1.34 32.61 -5.96
N PRO C 435 1.29 33.78 -6.60
CA PRO C 435 0.61 34.93 -6.06
C PRO C 435 -0.85 35.12 -6.22
N ASN C 436 -1.47 34.45 -7.17
CA ASN C 436 -2.87 34.60 -7.50
C ASN C 436 -3.91 33.75 -6.79
N GLY C 437 -3.59 32.84 -5.92
CA GLY C 437 -4.67 32.04 -5.29
C GLY C 437 -5.48 32.98 -4.40
N PRO C 438 -6.75 32.66 -4.21
CA PRO C 438 -7.68 33.41 -3.40
C PRO C 438 -7.26 33.75 -1.98
N THR C 439 -6.51 32.88 -1.33
CA THR C 439 -6.02 33.06 0.03
C THR C 439 -4.49 33.12 -0.05
N LYS C 440 -4.01 32.98 -1.27
CA LYS C 440 -2.61 33.01 -1.66
C LYS C 440 -1.83 31.80 -1.22
N LYS C 441 -2.48 30.70 -0.98
CA LYS C 441 -1.86 29.44 -0.59
C LYS C 441 -2.16 28.40 -1.66
N GLU C 442 -3.04 28.69 -2.59
CA GLU C 442 -3.40 27.65 -3.58
C GLU C 442 -2.32 27.44 -4.63
N MET C 443 -2.02 26.19 -4.95
CA MET C 443 -1.01 25.73 -5.87
C MET C 443 -1.58 24.91 -7.01
N GLY C 444 -2.88 24.88 -7.22
CA GLY C 444 -3.46 24.13 -8.34
C GLY C 444 -4.64 24.90 -8.91
N GLN C 445 -4.90 24.60 -10.18
CA GLN C 445 -6.07 25.19 -10.85
C GLN C 445 -6.52 24.28 -11.97
N ILE C 446 -7.82 24.27 -12.19
CA ILE C 446 -8.43 23.56 -13.35
C ILE C 446 -8.80 24.78 -14.23
N ARG C 447 -8.15 24.96 -15.35
CA ARG C 447 -8.44 26.18 -16.18
C ARG C 447 -8.93 25.77 -17.51
N ALA C 448 -10.04 26.32 -18.00
CA ALA C 448 -10.61 25.94 -19.32
C ALA C 448 -10.14 26.89 -20.41
N PHE C 449 -9.45 26.43 -21.46
CA PHE C 449 -8.92 27.28 -22.49
C PHE C 449 -9.49 27.16 -23.89
N ASP C 450 -9.35 28.30 -24.59
CA ASP C 450 -9.73 28.32 -26.03
C ASP C 450 -8.36 28.12 -26.71
N LEU C 451 -8.17 27.11 -27.51
CA LEU C 451 -6.83 26.86 -28.09
C LEU C 451 -6.36 27.77 -29.21
N THR C 452 -7.29 28.43 -29.85
CA THR C 452 -7.05 29.34 -30.99
C THR C 452 -6.75 30.73 -30.50
N THR C 453 -7.09 31.06 -29.24
CA THR C 453 -6.80 32.39 -28.72
C THR C 453 -5.95 32.28 -27.45
N GLY C 454 -6.05 31.15 -26.79
CA GLY C 454 -5.31 30.87 -25.56
C GLY C 454 -5.91 31.61 -24.34
N LYS C 455 -7.18 31.92 -24.46
CA LYS C 455 -7.95 32.61 -23.41
C LYS C 455 -8.75 31.57 -22.61
N ALA C 456 -8.79 31.78 -21.33
CA ALA C 456 -9.45 31.02 -20.29
C ALA C 456 -10.95 31.28 -20.23
N LYS C 457 -11.73 30.24 -20.19
CA LYS C 457 -13.20 30.42 -20.06
C LYS C 457 -13.55 30.50 -18.60
N TRP C 458 -12.98 29.69 -17.75
CA TRP C 458 -13.22 29.62 -16.32
C TRP C 458 -12.00 28.98 -15.65
N THR C 459 -11.95 29.16 -14.35
CA THR C 459 -10.95 28.65 -13.44
C THR C 459 -11.55 28.03 -12.15
N LYS C 460 -10.97 26.93 -11.76
CA LYS C 460 -11.33 26.31 -10.51
C LYS C 460 -10.06 26.20 -9.66
N TRP C 461 -10.07 26.69 -8.45
CA TRP C 461 -8.85 26.60 -7.60
C TRP C 461 -8.88 25.31 -6.77
N GLU C 462 -7.71 24.80 -6.51
CA GLU C 462 -7.33 23.65 -5.78
C GLU C 462 -6.18 23.94 -4.86
N LYS C 463 -6.28 23.54 -3.62
CA LYS C 463 -5.26 23.69 -2.56
C LYS C 463 -3.91 23.22 -3.03
N PHE C 464 -3.90 22.04 -3.67
CA PHE C 464 -2.68 21.41 -4.17
C PHE C 464 -2.63 21.37 -5.69
N ALA C 465 -1.41 21.25 -6.19
CA ALA C 465 -1.17 21.20 -7.65
C ALA C 465 -2.06 20.20 -8.33
N ALA C 466 -2.49 20.47 -9.53
CA ALA C 466 -3.35 19.59 -10.34
C ALA C 466 -2.42 18.81 -11.24
N TRP C 467 -1.73 17.87 -10.63
CA TRP C 467 -0.70 17.06 -11.21
C TRP C 467 -1.07 15.98 -12.18
N GLY C 468 -2.24 15.36 -12.10
CA GLY C 468 -2.53 14.23 -12.97
C GLY C 468 -3.17 14.44 -14.29
N GLY C 469 -3.96 15.48 -14.38
CA GLY C 469 -4.70 15.89 -15.55
C GLY C 469 -6.20 15.79 -15.34
N THR C 470 -6.87 15.79 -16.49
CA THR C 470 -8.32 15.69 -16.53
C THR C 470 -8.80 14.77 -17.64
N LEU C 471 -10.06 14.34 -17.49
CA LEU C 471 -10.68 13.50 -18.52
C LEU C 471 -11.98 14.27 -18.93
N TYR C 472 -12.35 14.25 -20.18
CA TYR C 472 -13.58 14.88 -20.62
C TYR C 472 -14.49 13.77 -21.21
N THR C 473 -15.71 13.69 -20.76
CA THR C 473 -16.65 12.68 -21.30
C THR C 473 -17.87 13.42 -21.80
N LYS C 474 -18.27 12.96 -22.99
CA LYS C 474 -19.38 13.58 -23.70
C LYS C 474 -20.56 13.93 -22.83
N GLY C 475 -20.77 13.21 -21.71
CA GLY C 475 -21.91 13.57 -20.85
C GLY C 475 -21.74 15.01 -20.36
N GLY C 476 -20.64 15.67 -20.58
CA GLY C 476 -20.46 17.08 -20.17
C GLY C 476 -19.73 17.21 -18.84
N LEU C 477 -18.80 16.31 -18.56
CA LEU C 477 -18.07 16.36 -17.29
C LEU C 477 -16.55 16.34 -17.51
N VAL C 478 -15.87 17.04 -16.61
CA VAL C 478 -14.41 17.07 -16.50
C VAL C 478 -14.11 16.39 -15.15
N TRP C 479 -13.40 15.31 -15.33
CA TRP C 479 -12.99 14.40 -14.26
C TRP C 479 -11.53 14.52 -13.91
N TYR C 480 -11.23 14.58 -12.61
CA TYR C 480 -9.79 14.63 -12.22
C TYR C 480 -9.55 14.15 -10.81
N ALA C 481 -8.30 13.77 -10.55
CA ALA C 481 -7.89 13.32 -9.18
C ALA C 481 -7.05 14.40 -8.53
N THR C 482 -7.10 14.53 -7.20
CA THR C 482 -6.32 15.61 -6.52
C THR C 482 -5.25 14.91 -5.70
N LEU C 483 -4.24 15.62 -5.25
CA LEU C 483 -3.13 15.06 -4.49
C LEU C 483 -3.56 14.72 -3.05
N ASP C 484 -4.65 15.36 -2.63
CA ASP C 484 -5.17 15.17 -1.27
C ASP C 484 -6.14 13.99 -1.20
N GLY C 485 -6.36 13.33 -2.34
CA GLY C 485 -7.19 12.20 -2.45
C GLY C 485 -8.54 12.06 -2.99
N TYR C 486 -9.11 12.97 -3.68
CA TYR C 486 -10.43 12.94 -4.28
C TYR C 486 -10.44 12.76 -5.78
N LEU C 487 -11.46 12.13 -6.30
CA LEU C 487 -11.60 12.02 -7.79
C LEU C 487 -12.77 13.04 -7.86
N LYS C 488 -12.76 13.94 -8.81
CA LYS C 488 -13.88 14.88 -8.89
C LYS C 488 -14.47 14.93 -10.30
N ALA C 489 -15.69 15.39 -10.39
CA ALA C 489 -16.45 15.61 -11.59
C ALA C 489 -16.97 17.06 -11.61
N LEU C 490 -16.63 17.82 -12.70
CA LEU C 490 -17.15 19.20 -12.76
C LEU C 490 -18.04 19.38 -14.02
N ASP C 491 -18.85 20.43 -13.94
CA ASP C 491 -19.69 20.82 -15.10
C ASP C 491 -18.69 21.46 -16.10
N ASN C 492 -18.57 20.87 -17.29
CA ASN C 492 -17.60 21.41 -18.27
C ASN C 492 -17.85 22.89 -18.61
N LYS C 493 -19.06 23.28 -18.38
CA LYS C 493 -19.57 24.62 -18.61
C LYS C 493 -19.01 25.74 -17.76
N ASP C 494 -18.90 25.46 -16.46
CA ASP C 494 -18.44 26.52 -15.55
C ASP C 494 -17.50 25.98 -14.52
N GLY C 495 -17.08 24.74 -14.68
CA GLY C 495 -16.18 24.14 -13.70
C GLY C 495 -16.83 23.94 -12.34
N LYS C 496 -18.16 23.93 -12.25
CA LYS C 496 -18.74 23.70 -10.89
C LYS C 496 -18.69 22.23 -10.55
N GLU C 497 -18.32 21.95 -9.31
CA GLU C 497 -18.21 20.63 -8.75
C GLU C 497 -19.54 19.94 -8.54
N LEU C 498 -19.79 18.93 -9.33
CA LEU C 498 -20.99 18.11 -9.28
C LEU C 498 -20.88 16.82 -8.42
N TRP C 499 -19.72 16.26 -8.22
CA TRP C 499 -19.54 14.99 -7.49
C TRP C 499 -18.08 14.91 -7.03
N ASN C 500 -17.84 13.97 -6.13
CA ASN C 500 -16.52 13.65 -5.58
C ASN C 500 -16.54 12.38 -4.70
N PHE C 501 -15.39 11.75 -4.55
CA PHE C 501 -15.25 10.53 -3.73
C PHE C 501 -13.88 10.58 -3.03
N LYS C 502 -13.81 10.20 -1.77
CA LYS C 502 -12.45 10.23 -1.13
C LYS C 502 -11.83 8.84 -1.31
N MET C 503 -10.80 8.80 -2.15
CA MET C 503 -10.02 7.60 -2.48
C MET C 503 -9.03 7.47 -1.32
N PRO C 504 -8.42 6.31 -1.21
CA PRO C 504 -7.52 6.06 -0.10
C PRO C 504 -6.31 6.95 -0.05
N SER C 505 -5.94 7.43 -1.21
CA SER C 505 -4.71 8.25 -1.33
C SER C 505 -4.78 9.21 -2.49
N GLY C 506 -3.83 10.15 -2.52
CA GLY C 506 -3.75 11.16 -3.60
C GLY C 506 -3.65 10.48 -4.97
N GLY C 507 -4.15 11.14 -6.00
CA GLY C 507 -4.06 10.57 -7.39
C GLY C 507 -3.13 11.50 -8.20
N ILE C 508 -2.19 10.92 -8.95
CA ILE C 508 -1.22 11.62 -9.77
C ILE C 508 -1.29 11.14 -11.21
N GLY C 509 -2.38 10.49 -11.55
CA GLY C 509 -2.58 10.03 -12.98
C GLY C 509 -3.88 10.76 -13.43
N SER C 510 -4.27 10.42 -14.65
CA SER C 510 -5.47 11.04 -15.21
C SER C 510 -6.53 9.94 -15.34
N PRO C 511 -7.76 10.28 -15.10
CA PRO C 511 -8.83 9.29 -15.14
C PRO C 511 -9.06 8.76 -16.55
N MET C 512 -9.56 7.54 -16.64
CA MET C 512 -9.89 6.87 -17.89
C MET C 512 -11.33 6.38 -17.82
N THR C 513 -11.82 5.93 -18.96
CA THR C 513 -13.22 5.46 -19.06
C THR C 513 -13.33 4.36 -20.09
N TYR C 514 -14.30 3.52 -19.88
CA TYR C 514 -14.60 2.37 -20.76
C TYR C 514 -16.05 1.92 -20.53
N SER C 515 -16.51 1.06 -21.40
CA SER C 515 -17.78 0.37 -21.45
C SER C 515 -17.49 -1.14 -21.19
N PHE C 516 -18.47 -1.75 -20.56
CA PHE C 516 -18.48 -3.16 -20.24
C PHE C 516 -19.93 -3.58 -19.97
N LYS C 517 -20.44 -4.44 -20.85
CA LYS C 517 -21.82 -4.92 -20.75
C LYS C 517 -22.83 -3.80 -20.60
N GLY C 518 -22.66 -2.82 -21.50
CA GLY C 518 -23.59 -1.69 -21.53
C GLY C 518 -23.46 -0.65 -20.48
N LYS C 519 -22.46 -0.68 -19.60
CA LYS C 519 -22.38 0.40 -18.60
C LYS C 519 -21.01 1.09 -18.80
N GLN C 520 -21.04 2.39 -18.63
CA GLN C 520 -19.79 3.15 -18.72
C GLN C 520 -19.17 3.12 -17.31
N TYR C 521 -17.86 2.96 -17.24
CA TYR C 521 -17.06 3.04 -16.04
C TYR C 521 -15.98 4.12 -16.20
N ILE C 522 -15.55 4.60 -15.06
CA ILE C 522 -14.55 5.57 -14.76
C ILE C 522 -13.51 4.87 -13.86
N GLY C 523 -12.28 4.88 -14.32
CA GLY C 523 -11.19 4.27 -13.56
C GLY C 523 -10.18 5.35 -13.18
N SER C 524 -9.63 5.25 -11.96
CA SER C 524 -8.61 6.16 -11.50
C SER C 524 -7.63 5.44 -10.57
N MET C 525 -6.36 5.57 -10.81
CA MET C 525 -5.28 5.02 -9.96
C MET C 525 -5.34 5.94 -8.72
N TYR C 526 -4.69 5.56 -7.67
CA TYR C 526 -4.56 6.27 -6.40
C TYR C 526 -3.19 5.85 -5.87
N GLY C 527 -2.61 6.78 -5.15
CA GLY C 527 -1.27 6.56 -4.54
C GLY C 527 -0.41 7.79 -4.95
N VAL C 528 -0.29 8.68 -4.00
CA VAL C 528 0.45 9.91 -4.08
C VAL C 528 1.95 9.56 -4.20
N GLY C 529 2.64 10.47 -4.84
CA GLY C 529 4.12 10.25 -5.06
C GLY C 529 4.44 11.23 -6.19
N GLY C 530 5.34 10.82 -7.03
CA GLY C 530 5.78 11.73 -8.14
C GLY C 530 6.60 12.81 -7.42
N TRP C 531 6.89 13.90 -8.10
CA TRP C 531 7.70 14.96 -7.49
C TRP C 531 7.00 15.60 -6.30
N PRO C 532 5.75 16.02 -6.39
CA PRO C 532 5.05 16.64 -5.30
C PRO C 532 5.08 15.85 -4.00
N GLY C 533 5.04 14.52 -4.06
CA GLY C 533 5.06 13.68 -2.90
C GLY C 533 6.33 13.09 -2.39
N VAL C 534 7.51 13.43 -2.90
CA VAL C 534 8.78 12.89 -2.47
C VAL C 534 9.13 13.11 -1.00
N GLY C 535 8.55 14.12 -0.38
CA GLY C 535 8.80 14.49 1.00
C GLY C 535 8.14 13.43 1.92
N LEU C 536 6.95 13.06 1.48
CA LEU C 536 6.07 12.09 2.05
C LEU C 536 6.54 10.66 1.76
N VAL C 537 6.82 10.29 0.53
CA VAL C 537 7.26 8.93 0.23
C VAL C 537 8.68 8.64 0.67
N PHE C 538 9.46 9.66 1.00
CA PHE C 538 10.86 9.47 1.41
C PHE C 538 11.11 10.00 2.80
N ASP C 539 10.11 10.65 3.36
CA ASP C 539 10.25 11.15 4.73
C ASP C 539 11.28 12.24 4.89
N LEU C 540 11.34 13.13 3.94
CA LEU C 540 12.27 14.26 3.97
C LEU C 540 11.58 15.33 4.84
N THR C 541 12.35 16.24 5.38
CA THR C 541 11.92 17.34 6.20
C THR C 541 12.57 18.64 5.72
N ASP C 542 13.81 18.49 5.27
CA ASP C 542 14.54 19.68 4.75
C ASP C 542 13.69 20.26 3.62
N PRO C 543 13.28 21.49 3.78
CA PRO C 543 12.45 22.20 2.79
C PRO C 543 13.09 22.29 1.44
N SER C 544 14.40 22.36 1.48
CA SER C 544 15.29 22.43 0.33
C SER C 544 15.45 21.10 -0.39
N ALA C 545 15.23 20.04 0.31
CA ALA C 545 15.34 18.67 -0.18
C ALA C 545 14.30 18.43 -1.27
N GLY C 546 14.46 17.36 -2.01
CA GLY C 546 13.62 16.92 -3.09
C GLY C 546 13.54 18.01 -4.19
N LEU C 547 14.71 18.54 -4.52
CA LEU C 547 14.88 19.58 -5.51
C LEU C 547 14.00 20.78 -5.19
N GLY C 548 13.74 21.07 -3.94
CA GLY C 548 12.97 22.24 -3.53
C GLY C 548 11.53 22.01 -3.20
N ALA C 549 11.09 20.85 -3.61
CA ALA C 549 9.70 20.40 -3.48
C ALA C 549 9.16 20.19 -2.09
N VAL C 550 9.97 19.65 -1.20
CA VAL C 550 9.55 19.28 0.17
C VAL C 550 8.93 20.41 0.94
N GLY C 551 9.57 21.55 0.93
CA GLY C 551 9.07 22.73 1.65
C GLY C 551 7.70 23.15 1.16
N ALA C 552 7.49 22.99 -0.15
CA ALA C 552 6.25 23.39 -0.82
C ALA C 552 5.04 22.49 -0.51
N PHE C 553 5.25 21.20 -0.40
CA PHE C 553 4.15 20.27 -0.11
C PHE C 553 4.16 19.68 1.30
N ARG C 554 4.72 20.39 2.25
CA ARG C 554 4.88 19.95 3.62
C ARG C 554 3.58 19.59 4.32
N GLU C 555 2.48 20.20 3.97
CA GLU C 555 1.16 19.93 4.54
C GLU C 555 0.45 18.79 3.84
N LEU C 556 0.96 18.20 2.79
CA LEU C 556 0.27 17.10 2.11
C LEU C 556 0.08 15.90 3.05
N GLN C 557 1.05 15.72 3.95
CA GLN C 557 1.02 14.63 4.92
C GLN C 557 -0.25 14.74 5.79
N ASN C 558 -0.74 15.94 6.02
CA ASN C 558 -1.92 16.02 6.91
C ASN C 558 -3.20 15.67 6.18
N HIS C 559 -3.09 15.26 4.93
CA HIS C 559 -4.29 14.93 4.15
C HIS C 559 -4.23 13.57 3.54
N THR C 560 -3.03 13.04 3.38
CA THR C 560 -2.92 11.76 2.70
C THR C 560 -1.64 11.01 3.08
N GLN C 561 -1.65 9.73 2.82
CA GLN C 561 -0.51 8.82 3.07
C GLN C 561 -0.36 8.09 1.73
N MET C 562 0.74 7.38 1.61
CA MET C 562 0.97 6.62 0.36
C MET C 562 -0.19 5.64 0.12
N GLY C 563 -0.18 5.04 -1.05
CA GLY C 563 -1.17 4.02 -1.44
C GLY C 563 -0.65 3.29 -2.67
N GLY C 564 -1.51 2.56 -3.32
CA GLY C 564 -1.15 1.85 -4.57
C GLY C 564 -2.36 1.06 -5.05
N GLY C 565 -3.04 1.51 -6.09
CA GLY C 565 -4.22 0.77 -6.53
C GLY C 565 -5.05 1.49 -7.57
N LEU C 566 -6.18 0.89 -7.87
CA LEU C 566 -7.15 1.39 -8.82
C LEU C 566 -8.55 1.40 -8.19
N MET C 567 -9.36 2.39 -8.50
CA MET C 567 -10.75 2.45 -8.01
C MET C 567 -11.60 2.63 -9.27
N VAL C 568 -12.62 1.84 -9.46
CA VAL C 568 -13.50 1.91 -10.63
C VAL C 568 -14.85 2.38 -10.10
N PHE C 569 -15.47 3.29 -10.82
CA PHE C 569 -16.77 3.87 -10.47
C PHE C 569 -17.78 3.69 -11.59
N SER C 570 -19.05 3.85 -11.21
CA SER C 570 -20.15 3.75 -12.16
C SER C 570 -21.47 4.11 -11.48
N LEU C 571 -22.48 4.01 -12.27
CA LEU C 571 -23.89 4.25 -11.92
C LEU C 571 -24.40 2.87 -11.45
N TYR D 1 20.52 40.52 -22.05
CA TYR D 1 20.19 39.26 -22.79
C TYR D 1 18.66 39.13 -22.79
N ASP D 2 18.06 39.50 -23.90
CA ASP D 2 16.59 39.44 -23.99
C ASP D 2 16.11 38.32 -24.88
N GLY D 3 16.99 37.68 -25.58
CA GLY D 3 16.70 36.57 -26.46
C GLY D 3 16.46 36.96 -27.90
N GLN D 4 16.34 38.28 -28.13
CA GLN D 4 16.04 38.90 -29.41
C GLN D 4 17.23 39.23 -30.30
N ASN D 5 18.44 39.26 -29.84
CA ASN D 5 19.63 39.52 -30.66
C ASN D 5 20.27 38.26 -31.15
N CYS D 6 20.01 37.86 -32.37
CA CYS D 6 20.57 36.64 -32.92
C CYS D 6 21.79 36.75 -33.81
N LYS D 7 22.79 35.90 -33.55
CA LYS D 7 24.00 35.81 -34.33
C LYS D 7 23.67 35.28 -35.75
N GLU D 8 22.78 34.35 -35.76
CA GLU D 8 22.31 33.67 -36.99
C GLU D 8 21.00 33.01 -36.54
N PRO D 9 20.24 32.55 -37.49
CA PRO D 9 18.94 31.93 -37.21
C PRO D 9 19.09 30.74 -36.28
N GLY D 10 18.22 30.72 -35.30
CA GLY D 10 18.18 29.68 -34.26
C GLY D 10 19.33 29.79 -33.27
N ASN D 11 20.03 30.91 -33.27
CA ASN D 11 21.18 31.09 -32.34
C ASN D 11 21.16 32.52 -31.82
N CYS D 12 20.48 32.76 -30.70
CA CYS D 12 20.30 34.03 -30.12
C CYS D 12 20.83 34.26 -28.71
N TRP D 13 21.60 33.36 -28.23
CA TRP D 13 22.25 33.37 -26.93
C TRP D 13 23.25 34.53 -26.84
N GLU D 14 23.28 35.11 -25.67
CA GLU D 14 24.16 36.21 -25.30
C GLU D 14 24.54 35.99 -23.80
N ASN D 15 25.79 36.38 -23.55
CA ASN D 15 26.33 36.29 -22.19
C ASN D 15 25.62 37.32 -21.32
N LYS D 16 25.39 37.05 -20.06
CA LYS D 16 24.74 38.14 -19.25
C LYS D 16 25.85 39.12 -18.91
N PRO D 17 25.46 40.35 -18.58
CA PRO D 17 26.45 41.38 -18.18
C PRO D 17 27.38 40.78 -17.11
N GLY D 18 28.65 40.96 -17.21
CA GLY D 18 29.68 40.50 -16.32
C GLY D 18 30.07 39.05 -16.42
N TYR D 19 29.49 38.29 -17.31
CA TYR D 19 29.78 36.85 -17.47
C TYR D 19 30.53 36.71 -18.78
N PRO D 20 31.41 35.73 -18.88
CA PRO D 20 32.22 35.54 -20.06
C PRO D 20 31.43 34.93 -21.21
N GLU D 21 31.85 35.31 -22.41
CA GLU D 21 31.36 34.92 -23.70
C GLU D 21 31.69 33.44 -23.98
N LYS D 22 32.78 33.01 -23.46
CA LYS D 22 33.26 31.63 -23.54
C LYS D 22 33.67 31.32 -22.09
N ILE D 23 33.30 30.20 -21.58
CA ILE D 23 33.50 29.65 -20.25
C ILE D 23 34.87 29.02 -20.06
N ALA D 24 35.33 28.27 -21.05
CA ALA D 24 36.64 27.64 -21.00
C ALA D 24 37.65 28.64 -20.44
N GLY D 25 38.46 28.19 -19.50
CA GLY D 25 39.49 29.06 -18.94
C GLY D 25 39.03 30.11 -17.97
N SER D 26 37.73 30.25 -17.76
CA SER D 26 37.18 31.24 -16.80
C SER D 26 36.97 30.55 -15.44
N LYS D 27 36.43 31.32 -14.51
CA LYS D 27 36.14 30.86 -13.16
C LYS D 27 34.92 29.93 -13.21
N TYR D 28 34.31 29.83 -14.37
CA TYR D 28 33.11 28.98 -14.54
C TYR D 28 33.37 27.80 -15.48
N ASP D 29 34.62 27.67 -15.84
CA ASP D 29 35.04 26.55 -16.73
C ASP D 29 34.58 25.27 -16.06
N PRO D 30 33.79 24.46 -16.73
CA PRO D 30 33.30 23.20 -16.14
C PRO D 30 34.39 22.17 -15.97
N LYS D 31 35.43 22.31 -16.75
CA LYS D 31 36.57 21.37 -16.76
C LYS D 31 36.12 19.94 -16.78
N HIS D 32 35.39 19.59 -17.82
CA HIS D 32 34.84 18.27 -18.04
C HIS D 32 35.91 17.27 -18.42
N ASP D 33 35.75 16.08 -17.87
CA ASP D 33 36.67 14.95 -18.12
C ASP D 33 36.11 14.13 -19.28
N PRO D 34 36.84 14.15 -20.39
CA PRO D 34 36.50 13.46 -21.61
C PRO D 34 36.20 11.98 -21.43
N VAL D 35 36.89 11.43 -20.44
CA VAL D 35 36.67 9.99 -20.17
C VAL D 35 35.25 9.88 -19.62
N GLU D 36 34.88 10.88 -18.79
CA GLU D 36 33.48 10.80 -18.24
C GLU D 36 32.46 11.06 -19.32
N LEU D 37 32.72 12.11 -20.08
CA LEU D 37 31.84 12.51 -21.19
C LEU D 37 31.59 11.39 -22.19
N ASN D 38 32.47 10.43 -22.39
CA ASN D 38 32.23 9.36 -23.40
C ASN D 38 31.53 8.13 -22.94
N LYS D 39 31.27 8.04 -21.67
CA LYS D 39 30.59 6.89 -21.11
C LYS D 39 29.29 6.50 -21.76
N GLN D 40 28.38 7.43 -21.95
CA GLN D 40 27.06 7.12 -22.53
C GLN D 40 27.15 6.45 -23.88
N GLU D 41 28.02 6.94 -24.74
CA GLU D 41 28.22 6.38 -26.09
C GLU D 41 28.72 4.95 -26.02
N GLU D 42 29.72 4.70 -25.18
CA GLU D 42 30.28 3.38 -24.99
C GLU D 42 29.21 2.42 -24.50
N SER D 43 28.45 2.86 -23.52
CA SER D 43 27.35 2.08 -22.95
C SER D 43 26.35 1.73 -24.04
N ILE D 44 25.93 2.70 -24.82
CA ILE D 44 24.93 2.44 -25.88
C ILE D 44 25.40 1.37 -26.86
N LYS D 45 26.66 1.57 -27.23
CA LYS D 45 27.37 0.73 -28.16
C LYS D 45 27.27 -0.69 -27.63
N ALA D 46 27.73 -0.88 -26.43
CA ALA D 46 27.70 -2.23 -25.82
C ALA D 46 26.30 -2.81 -25.78
N MET D 47 25.30 -2.03 -25.46
CA MET D 47 23.89 -2.40 -25.36
C MET D 47 23.32 -2.87 -26.68
N ASP D 48 23.71 -2.13 -27.71
CA ASP D 48 23.26 -2.41 -29.09
C ASP D 48 23.71 -3.80 -29.51
N ALA D 49 24.94 -4.16 -29.15
CA ALA D 49 25.57 -5.43 -29.47
C ALA D 49 24.81 -6.60 -28.87
N ARG D 50 24.53 -6.48 -27.59
CA ARG D 50 23.80 -7.47 -26.81
C ARG D 50 22.39 -7.71 -27.35
N ASN D 51 21.73 -6.61 -27.65
CA ASN D 51 20.35 -6.68 -28.17
C ASN D 51 20.33 -7.34 -29.56
N ALA D 52 21.34 -7.02 -30.35
CA ALA D 52 21.41 -7.52 -31.72
C ALA D 52 21.65 -9.03 -31.66
N LYS D 53 22.40 -9.41 -30.64
CA LYS D 53 22.66 -10.85 -30.45
C LYS D 53 21.35 -11.55 -30.07
N ARG D 54 20.50 -10.93 -29.28
CA ARG D 54 19.24 -11.53 -28.86
C ARG D 54 18.18 -11.73 -29.96
N ILE D 55 18.01 -10.72 -30.80
CA ILE D 55 16.95 -10.87 -31.80
C ILE D 55 17.36 -11.90 -32.85
N ALA D 56 18.64 -11.99 -33.09
CA ALA D 56 19.22 -12.92 -34.06
C ALA D 56 19.13 -14.37 -33.55
N ASN D 57 19.52 -14.50 -32.31
CA ASN D 57 19.58 -15.69 -31.49
C ASN D 57 18.23 -16.42 -31.45
N ALA D 58 17.16 -15.65 -31.66
CA ALA D 58 15.80 -16.16 -31.61
C ALA D 58 15.08 -16.03 -32.93
N LYS D 59 15.72 -15.39 -33.88
CA LYS D 59 15.10 -15.24 -35.23
C LYS D 59 15.43 -16.56 -35.95
N SER D 60 16.46 -17.18 -35.41
CA SER D 60 16.93 -18.45 -35.99
C SER D 60 16.35 -19.68 -35.29
N SER D 61 15.91 -19.54 -34.06
CA SER D 61 15.33 -20.70 -33.34
C SER D 61 13.82 -20.54 -33.20
N GLY D 62 13.41 -19.37 -32.78
CA GLY D 62 11.97 -19.09 -32.61
C GLY D 62 11.58 -19.12 -31.13
N ASN D 63 12.54 -18.74 -30.29
CA ASN D 63 12.23 -18.68 -28.84
C ASN D 63 13.18 -17.68 -28.17
N PHE D 64 12.52 -16.55 -27.88
CA PHE D 64 13.22 -15.44 -27.26
C PHE D 64 13.80 -15.93 -25.92
N VAL D 65 15.02 -15.47 -25.78
CA VAL D 65 15.84 -15.65 -24.60
C VAL D 65 16.78 -14.43 -24.61
N PHE D 66 16.75 -13.82 -23.46
CA PHE D 66 17.46 -12.63 -23.06
C PHE D 66 18.94 -12.92 -22.86
N ASP D 67 19.24 -13.94 -22.08
CA ASP D 67 20.65 -14.29 -21.79
C ASP D 67 21.35 -14.72 -23.07
N VAL D 68 22.37 -13.96 -23.42
CA VAL D 68 23.21 -14.09 -24.59
C VAL D 68 24.70 -13.84 -24.32
N LYS D 69 25.54 -14.24 -25.28
CA LYS D 69 27.01 -14.11 -25.24
C LYS D 69 27.64 -14.52 -26.59
CA CA E . 1.90 -19.71 18.45
N1 PQQ F . -0.70 -14.41 14.51
C2 PQQ F . -1.48 -14.80 13.47
C2X PQQ F . -2.03 -13.82 12.66
O2A PQQ F . -2.02 -12.64 13.04
O2B PQQ F . -2.73 -14.12 11.70
C3 PQQ F . -1.64 -16.18 13.50
C3A PQQ F . -0.94 -16.66 14.55
C1A PQQ F . -0.38 -15.57 15.18
C4 PQQ F . -0.78 -17.95 15.04
O4 PQQ F . -1.36 -19.07 14.48
C5 PQQ F . -0.01 -18.15 16.16
O5 PQQ F . 0.16 -19.43 16.62
C6A PQQ F . 0.57 -17.06 16.85
N6 PQQ F . 1.27 -17.46 17.93
C7 PQQ F . 1.83 -16.47 18.61
C7X PQQ F . 2.55 -16.96 19.72
O7A PQQ F . 2.83 -18.18 19.80
O7B PQQ F . 2.95 -16.18 20.64
C8 PQQ F . 1.73 -15.15 18.22
C9 PQQ F . 0.98 -14.76 17.11
C9X PQQ F . 0.87 -13.39 16.77
O9A PQQ F . 1.08 -12.50 17.62
O9B PQQ F . 0.53 -12.96 15.67
C9A PQQ F . 0.38 -15.75 16.37
CA CA G . 14.19 16.93 -15.57
N1 PQQ H . 8.70 12.97 -13.20
C2 PQQ H . 7.85 13.64 -12.43
C2X PQQ H . 6.73 13.00 -11.86
O2A PQQ H . 6.24 11.99 -12.39
O2B PQQ H . 6.16 13.57 -10.92
C3 PQQ H . 8.16 14.97 -12.41
C3A PQQ H . 9.29 15.14 -13.11
C1A PQQ H . 9.63 13.89 -13.61
C4 PQQ H . 10.02 16.31 -13.46
O4 PQQ H . 9.68 17.59 -13.03
C5 PQQ H . 11.16 16.16 -14.23
O5 PQQ H . 11.92 17.27 -14.58
C6A PQQ H . 11.57 14.91 -14.71
N6 PQQ H . 12.68 14.97 -15.44
C7 PQQ H . 13.13 13.83 -15.97
C7X PQQ H . 14.27 14.06 -16.79
O7A PQQ H . 14.74 15.20 -16.99
O7B PQQ H . 14.81 13.15 -17.46
C8 PQQ H . 12.47 12.65 -15.76
C9 PQQ H . 11.31 12.58 -15.00
C9X PQQ H . 10.70 11.34 -14.78
O9A PQQ H . 11.02 10.43 -15.58
O9B PQQ H . 9.93 11.04 -13.88
C9A PQQ H . 10.79 13.74 -14.42
#